data_8X94
#
_entry.id   8X94
#
_cell.length_a   1.00
_cell.length_b   1.00
_cell.length_c   1.00
_cell.angle_alpha   90.00
_cell.angle_beta   90.00
_cell.angle_gamma   90.00
#
_symmetry.space_group_name_H-M   'P 1'
#
loop_
_entity.id
_entity.type
_entity.pdbx_description
1 polymer 'Transient receptor potential cation channel subfamily V member 1,Green fluorescent protein'
2 non-polymer 4-(7-Hydroxy-2-isopropyl-4-oxoquinazolin-3(4H)-yl)benzonitrile
3 non-polymer CHOLESTEROL
#
_entity_poly.entity_id   1
_entity_poly.type   'polypeptide(L)'
_entity_poly.pdbx_seq_one_letter_code
;MKKWSSTDLGAAADPLQKDTCPDPLDGDPNSRPPPAKPQLSTAKSRTRLFGKGDSEEAFPVDCPHEEGELDSCPTITVSP
VITIQRPGDGPTGARLLSQDSVAASTEKTLRLYDRRSIFEAVAQNNCQDLESLLLFLQKSKKHLTDNEFKDPETGKTCLL
KAMLNLHDGQNTTIPLLLEIARQTDSLKELVNASYTDSYYKGQTALHIAIERRNMALVTLLVENGADVQAAAHGDFFKKT
KGRPGFYFGELPLSLAACTNQLGIVKFLLQNSWQTADISARDSVGNTVLHALVEVADNTADNTKFVTSMYNEILMLGAKL
HPTLKLEELTNKKGMTPLALAAGTGKIGVLAYILQREIQEPECRHLSRKFTEWAYGPVHSSLYDLSCIDTCEKNSVLEVI
AYSSSETPNRHDMLLVEPLNRLLQDKWDRFVKRIFYFNFLVYCLYMIIFTMAAYYRPVDGLPPFKMEKTGDYFRVTGEIL
SVLGGVYFFFRGIQYFLQRRPSMKTLFVDSYSEMLFFLQSLFMLATVVLYFSHLKEYVASMVFSLALGWTNMLYYTRGFQ
QMGIYAVMIEKMILRDLCRFMFVYIVFLFGFSTAVVTLIEDGKNDSLPSESTSHRWRGPACRPPDSSYNSLYSTCLELFK
FTIGMGDLEFTENYDFKAVFIILLLAYVILTYILLLNMLIALMGETVNKIAQESKNIWKLQRAITILDTEKSFLKCMRKA
FRSGKLLQVGYTPDGKDDYRWCFRVDEVNWTTWNTNVGIINEDPGNCEGVKRTLSFSLRSSRVSGRHWKNFALVPLLREA
SARDRQSAQPEEVYLRQFSGSLKPEDAEVFKSPAASGEKAAALEVLFQGPSKGEELFTGVVPILVELDGDVNGHKFSVRG
EGEGDATNGKLTLKFICTTGKLPVPWPTLVTTLTYGVQCFSRYPDHMKRHDFFKSAMPEGYVQERTISFKDDGTYKTRAE
VKFEGDTLVNRIELKGIDFKEDGNILGHKLEYNFNSHNVYITADKQKNGIKANFKIRHNVEDGSVQLADHYQQNTPIGDG
PVLLPDNHYLSTQSVLSKDPNEKRDHMVLLEFVTAAGITHGMDEWSHPQFEKGGGSGGGSGGSAWSHPQFEK
;
_entity_poly.pdbx_strand_id   A,B,C,D
#
# COMPACT_ATOMS: atom_id res chain seq x y z
N SER A 198 -24.78 -34.81 -37.26
CA SER A 198 -25.01 -33.69 -36.36
C SER A 198 -23.69 -33.09 -35.88
N TYR A 199 -22.77 -33.97 -35.45
CA TYR A 199 -21.48 -33.50 -34.95
C TYR A 199 -20.67 -32.85 -36.06
N TYR A 200 -20.70 -33.43 -37.26
CA TYR A 200 -19.99 -32.87 -38.41
C TYR A 200 -20.83 -32.95 -39.68
N LYS A 201 -22.15 -32.89 -39.53
CA LYS A 201 -23.03 -32.98 -40.69
C LYS A 201 -22.87 -31.77 -41.61
N GLY A 202 -22.98 -32.00 -42.91
CA GLY A 202 -22.87 -30.95 -43.90
C GLY A 202 -21.46 -30.59 -44.29
N GLN A 203 -20.45 -31.26 -43.75
CA GLN A 203 -19.06 -30.91 -44.06
C GLN A 203 -18.73 -31.25 -45.51
N THR A 204 -17.96 -30.38 -46.14
CA THR A 204 -17.56 -30.54 -47.54
C THR A 204 -16.06 -30.72 -47.64
N ALA A 205 -15.61 -31.10 -48.83
CA ALA A 205 -14.19 -31.31 -49.06
C ALA A 205 -13.40 -30.01 -48.98
N LEU A 206 -14.02 -28.89 -49.40
CA LEU A 206 -13.31 -27.61 -49.38
C LEU A 206 -12.95 -27.17 -47.97
N HIS A 207 -13.72 -27.62 -46.97
CA HIS A 207 -13.42 -27.28 -45.59
C HIS A 207 -12.06 -27.84 -45.17
N ILE A 208 -11.76 -29.07 -45.59
CA ILE A 208 -10.53 -29.72 -45.17
C ILE A 208 -9.32 -29.04 -45.78
N ALA A 209 -9.39 -28.68 -47.06
CA ALA A 209 -8.24 -28.12 -47.75
C ALA A 209 -7.83 -26.77 -47.16
N ILE A 210 -8.81 -25.90 -46.89
CA ILE A 210 -8.49 -24.59 -46.35
C ILE A 210 -7.94 -24.70 -44.93
N GLU A 211 -8.48 -25.65 -44.15
CA GLU A 211 -8.06 -25.79 -42.76
C GLU A 211 -6.59 -26.16 -42.66
N ARG A 212 -6.06 -26.86 -43.68
CA ARG A 212 -4.65 -27.24 -43.68
C ARG A 212 -3.72 -26.12 -44.15
N ARG A 213 -4.27 -24.97 -44.55
CA ARG A 213 -3.49 -23.79 -44.92
C ARG A 213 -2.52 -24.10 -46.07
N ASN A 214 -3.08 -24.64 -47.14
CA ASN A 214 -2.33 -24.98 -48.34
C ASN A 214 -2.90 -24.17 -49.50
N MET A 215 -2.07 -23.30 -50.10
CA MET A 215 -2.51 -22.47 -51.20
C MET A 215 -2.78 -23.27 -52.46
N ALA A 216 -1.94 -24.26 -52.76
CA ALA A 216 -2.12 -25.03 -53.99
C ALA A 216 -3.30 -26.00 -53.87
N LEU A 217 -3.52 -26.56 -52.68
CA LEU A 217 -4.60 -27.52 -52.50
C LEU A 217 -5.96 -26.86 -52.66
N VAL A 218 -6.16 -25.70 -52.04
CA VAL A 218 -7.44 -25.00 -52.18
C VAL A 218 -7.63 -24.52 -53.62
N THR A 219 -6.53 -24.16 -54.30
CA THR A 219 -6.64 -23.71 -55.68
C THR A 219 -7.22 -24.80 -56.56
N LEU A 220 -6.86 -26.05 -56.30
CA LEU A 220 -7.39 -27.17 -57.08
C LEU A 220 -8.89 -27.31 -56.92
N LEU A 221 -9.37 -27.34 -55.67
CA LEU A 221 -10.78 -27.60 -55.42
C LEU A 221 -11.66 -26.44 -55.87
N VAL A 222 -11.21 -25.20 -55.63
CA VAL A 222 -11.96 -24.03 -56.06
C VAL A 222 -12.09 -24.01 -57.58
N GLU A 223 -11.03 -24.41 -58.27
CA GLU A 223 -11.07 -24.50 -59.74
C GLU A 223 -12.00 -25.62 -60.20
N ASN A 224 -12.09 -26.70 -59.43
CA ASN A 224 -12.87 -27.88 -59.82
C ASN A 224 -14.37 -27.62 -59.82
N GLY A 225 -14.84 -26.50 -59.26
CA GLY A 225 -16.25 -26.21 -59.22
C GLY A 225 -16.96 -26.69 -57.97
N ALA A 226 -16.23 -27.06 -56.93
CA ALA A 226 -16.86 -27.43 -55.67
C ALA A 226 -17.62 -26.26 -55.09
N ASP A 227 -18.80 -26.53 -54.53
CA ASP A 227 -19.65 -25.47 -54.00
C ASP A 227 -18.93 -24.73 -52.87
N VAL A 228 -18.94 -23.40 -52.95
CA VAL A 228 -18.34 -22.55 -51.93
C VAL A 228 -19.44 -22.08 -51.00
N GLN A 229 -20.68 -22.16 -51.46
CA GLN A 229 -21.84 -21.74 -50.68
C GLN A 229 -22.42 -22.89 -49.86
N ALA A 230 -21.81 -24.07 -49.90
CA ALA A 230 -22.27 -25.17 -49.06
C ALA A 230 -21.86 -24.93 -47.61
N ALA A 231 -22.82 -25.06 -46.71
CA ALA A 231 -22.62 -24.79 -45.29
C ALA A 231 -22.56 -26.08 -44.50
N ALA A 232 -21.59 -26.17 -43.58
CA ALA A 232 -21.46 -27.32 -42.68
C ALA A 232 -22.09 -26.93 -41.35
N HIS A 233 -23.38 -27.22 -41.20
CA HIS A 233 -24.11 -26.85 -40.00
C HIS A 233 -23.91 -27.88 -38.89
N GLY A 234 -22.66 -28.12 -38.50
CA GLY A 234 -22.34 -29.05 -37.43
C GLY A 234 -22.23 -28.31 -36.09
N ASP A 235 -22.70 -28.98 -35.04
CA ASP A 235 -22.63 -28.38 -33.70
C ASP A 235 -21.19 -28.16 -33.27
N PHE A 236 -20.26 -28.99 -33.75
CA PHE A 236 -18.85 -28.76 -33.47
C PHE A 236 -18.37 -27.44 -34.03
N PHE A 237 -18.97 -26.98 -35.14
CA PHE A 237 -18.62 -25.70 -35.75
C PHE A 237 -19.42 -24.55 -35.19
N LYS A 238 -20.43 -24.82 -34.36
CA LYS A 238 -21.26 -23.76 -33.79
C LYS A 238 -20.64 -23.29 -32.47
N LYS A 239 -21.37 -22.41 -31.77
CA LYS A 239 -20.90 -21.91 -30.48
C LYS A 239 -20.78 -23.05 -29.48
N THR A 240 -21.93 -23.65 -29.13
CA THR A 240 -22.00 -24.81 -28.24
C THR A 240 -21.13 -24.60 -26.99
N LYS A 241 -21.56 -23.62 -26.18
CA LYS A 241 -20.79 -23.25 -25.00
C LYS A 241 -20.57 -24.41 -24.04
N GLY A 242 -21.47 -25.39 -24.03
CA GLY A 242 -21.35 -26.52 -23.14
C GLY A 242 -20.43 -27.63 -23.60
N ARG A 243 -19.85 -27.51 -24.79
CA ARG A 243 -18.98 -28.53 -25.35
C ARG A 243 -17.77 -27.86 -26.00
N PRO A 244 -16.64 -28.55 -26.06
CA PRO A 244 -15.48 -28.00 -26.78
C PRO A 244 -15.74 -27.94 -28.28
N GLY A 245 -15.11 -26.96 -28.92
CA GLY A 245 -15.28 -26.81 -30.35
C GLY A 245 -14.68 -25.50 -30.84
N PHE A 246 -15.01 -25.16 -32.08
CA PHE A 246 -14.52 -23.94 -32.71
C PHE A 246 -15.58 -23.39 -33.65
N TYR A 247 -15.75 -22.08 -33.66
CA TYR A 247 -16.70 -21.41 -34.53
C TYR A 247 -15.96 -20.58 -35.57
N PHE A 248 -16.38 -20.69 -36.83
CA PHE A 248 -15.72 -19.98 -37.91
C PHE A 248 -16.66 -19.25 -38.85
N GLY A 249 -17.97 -19.45 -38.76
CA GLY A 249 -18.92 -18.77 -39.61
C GLY A 249 -19.75 -19.66 -40.51
N GLU A 250 -19.60 -20.98 -40.41
CA GLU A 250 -20.45 -21.94 -41.13
C GLU A 250 -20.36 -21.76 -42.65
N LEU A 251 -19.21 -21.31 -43.14
CA LEU A 251 -19.02 -21.11 -44.57
C LEU A 251 -17.53 -21.18 -44.90
N PRO A 252 -17.17 -21.83 -46.01
CA PRO A 252 -15.74 -21.87 -46.39
C PRO A 252 -15.14 -20.49 -46.62
N LEU A 253 -15.92 -19.54 -47.14
CA LEU A 253 -15.39 -18.20 -47.37
C LEU A 253 -14.97 -17.54 -46.06
N SER A 254 -15.76 -17.70 -45.01
CA SER A 254 -15.40 -17.13 -43.72
C SER A 254 -14.23 -17.87 -43.09
N LEU A 255 -14.05 -19.16 -43.43
CA LEU A 255 -12.97 -19.94 -42.83
C LEU A 255 -11.61 -19.36 -43.16
N ALA A 256 -11.40 -18.96 -44.41
CA ALA A 256 -10.12 -18.35 -44.79
C ALA A 256 -9.92 -17.01 -44.08
N ALA A 257 -10.98 -16.22 -43.95
CA ALA A 257 -10.87 -14.93 -43.28
C ALA A 257 -10.52 -15.08 -41.81
N CYS A 258 -11.15 -16.03 -41.12
CA CYS A 258 -10.89 -16.23 -39.70
C CYS A 258 -9.56 -16.91 -39.44
N THR A 259 -8.93 -17.49 -40.47
CA THR A 259 -7.65 -18.19 -40.32
C THR A 259 -6.50 -17.39 -40.93
N ASN A 260 -6.70 -16.09 -41.17
CA ASN A 260 -5.68 -15.20 -41.71
C ASN A 260 -5.19 -15.64 -43.09
N GLN A 261 -6.08 -16.23 -43.88
CA GLN A 261 -5.76 -16.65 -45.25
C GLN A 261 -6.17 -15.53 -46.21
N LEU A 262 -5.36 -14.47 -46.22
CA LEU A 262 -5.66 -13.34 -47.09
C LEU A 262 -5.58 -13.69 -48.57
N GLY A 263 -4.54 -14.45 -48.95
CA GLY A 263 -4.39 -14.82 -50.35
C GLY A 263 -5.52 -15.69 -50.86
N ILE A 264 -5.98 -16.63 -50.03
CA ILE A 264 -7.13 -17.46 -50.40
C ILE A 264 -8.38 -16.61 -50.48
N VAL A 265 -8.57 -15.68 -49.54
CA VAL A 265 -9.76 -14.82 -49.55
C VAL A 265 -9.81 -14.00 -50.82
N LYS A 266 -8.68 -13.39 -51.20
CA LYS A 266 -8.63 -12.63 -52.44
C LYS A 266 -8.86 -13.53 -53.65
N PHE A 267 -8.31 -14.74 -53.63
CA PHE A 267 -8.52 -15.69 -54.72
C PHE A 267 -10.00 -16.07 -54.84
N LEU A 268 -10.67 -16.28 -53.71
CA LEU A 268 -12.06 -16.73 -53.71
C LEU A 268 -13.02 -15.71 -54.28
N LEU A 269 -12.64 -14.43 -54.36
CA LEU A 269 -13.58 -13.38 -54.70
C LEU A 269 -13.33 -12.73 -56.06
N GLN A 270 -12.08 -12.43 -56.41
CA GLN A 270 -11.76 -11.74 -57.65
C GLN A 270 -11.29 -12.68 -58.75
N ASN A 271 -11.59 -13.97 -58.63
CA ASN A 271 -11.26 -14.94 -59.66
C ASN A 271 -12.31 -14.87 -60.77
N SER A 272 -12.28 -15.84 -61.67
CA SER A 272 -13.24 -15.92 -62.76
C SER A 272 -14.03 -17.22 -62.79
N TRP A 273 -13.47 -18.33 -62.28
CA TRP A 273 -14.17 -19.60 -62.31
C TRP A 273 -15.42 -19.56 -61.44
N GLN A 274 -15.23 -19.34 -60.14
CA GLN A 274 -16.34 -19.28 -59.18
C GLN A 274 -16.07 -18.19 -58.17
N THR A 275 -16.95 -17.19 -58.12
CA THR A 275 -16.85 -16.09 -57.18
C THR A 275 -17.74 -16.38 -55.98
N ALA A 276 -17.13 -16.42 -54.79
CA ALA A 276 -17.88 -16.68 -53.58
C ALA A 276 -18.82 -15.52 -53.27
N ASP A 277 -19.93 -15.85 -52.60
CA ASP A 277 -20.92 -14.86 -52.21
C ASP A 277 -20.42 -14.11 -50.98
N ILE A 278 -20.07 -12.83 -51.16
CA ILE A 278 -19.59 -12.02 -50.05
C ILE A 278 -20.71 -11.62 -49.11
N SER A 279 -21.96 -11.81 -49.52
CA SER A 279 -23.12 -11.45 -48.71
C SER A 279 -23.90 -12.68 -48.24
N ALA A 280 -23.32 -13.87 -48.36
CA ALA A 280 -24.01 -15.09 -47.98
C ALA A 280 -24.23 -15.15 -46.47
N ARG A 281 -25.43 -15.58 -46.07
CA ARG A 281 -25.79 -15.73 -44.68
C ARG A 281 -26.06 -17.20 -44.38
N ASP A 282 -25.59 -17.66 -43.22
CA ASP A 282 -25.76 -19.05 -42.81
C ASP A 282 -27.11 -19.22 -42.11
N SER A 283 -27.31 -20.38 -41.48
CA SER A 283 -28.59 -20.67 -40.83
C SER A 283 -28.88 -19.66 -39.71
N VAL A 284 -27.87 -19.37 -38.89
CA VAL A 284 -28.03 -18.38 -37.82
C VAL A 284 -28.12 -16.97 -38.38
N GLY A 285 -27.73 -16.76 -39.63
CA GLY A 285 -27.76 -15.45 -40.25
C GLY A 285 -26.46 -14.68 -40.20
N ASN A 286 -25.40 -15.27 -39.64
CA ASN A 286 -24.14 -14.56 -39.51
C ASN A 286 -23.47 -14.41 -40.87
N THR A 287 -23.17 -13.18 -41.25
CA THR A 287 -22.37 -12.93 -42.44
C THR A 287 -20.90 -13.16 -42.12
N VAL A 288 -20.05 -13.00 -43.14
CA VAL A 288 -18.61 -13.08 -42.91
C VAL A 288 -18.15 -11.98 -41.96
N LEU A 289 -18.74 -10.79 -42.07
CA LEU A 289 -18.42 -9.71 -41.16
C LEU A 289 -18.87 -10.02 -39.74
N HIS A 290 -20.04 -10.66 -39.60
CA HIS A 290 -20.50 -11.08 -38.27
C HIS A 290 -19.57 -12.13 -37.68
N ALA A 291 -19.12 -13.07 -38.50
CA ALA A 291 -18.24 -14.13 -38.00
C ALA A 291 -16.88 -13.58 -37.58
N LEU A 292 -16.43 -12.50 -38.23
CA LEU A 292 -15.16 -11.90 -37.85
C LEU A 292 -15.21 -11.27 -36.47
N VAL A 293 -16.37 -10.75 -36.07
CA VAL A 293 -16.50 -10.18 -34.74
C VAL A 293 -16.46 -11.27 -33.67
N GLU A 294 -17.11 -12.42 -33.93
CA GLU A 294 -17.16 -13.49 -32.95
C GLU A 294 -15.81 -14.17 -32.77
N VAL A 295 -14.94 -14.10 -33.79
CA VAL A 295 -13.61 -14.70 -33.66
C VAL A 295 -12.74 -13.90 -32.71
N ALA A 296 -12.84 -12.57 -32.75
CA ALA A 296 -11.98 -11.72 -31.93
C ALA A 296 -12.24 -11.96 -30.45
N ASP A 297 -11.18 -11.85 -29.65
CA ASP A 297 -11.28 -12.04 -28.20
C ASP A 297 -10.51 -10.97 -27.43
N ASN A 298 -10.22 -9.83 -28.06
CA ASN A 298 -9.64 -8.64 -27.44
C ASN A 298 -8.20 -8.84 -26.99
N THR A 299 -7.62 -10.01 -27.20
CA THR A 299 -6.25 -10.22 -26.75
C THR A 299 -5.28 -9.41 -27.62
N ALA A 300 -4.06 -9.24 -27.12
CA ALA A 300 -3.14 -8.26 -27.68
C ALA A 300 -2.83 -8.53 -29.14
N ASP A 301 -2.79 -9.80 -29.54
CA ASP A 301 -2.39 -10.12 -30.91
C ASP A 301 -3.59 -10.27 -31.83
N ASN A 302 -4.72 -10.75 -31.31
CA ASN A 302 -5.88 -11.00 -32.16
C ASN A 302 -6.42 -9.72 -32.79
N THR A 303 -6.42 -8.62 -32.03
CA THR A 303 -7.04 -7.39 -32.52
C THR A 303 -6.37 -6.89 -33.78
N LYS A 304 -5.03 -6.91 -33.83
CA LYS A 304 -4.32 -6.43 -35.00
C LYS A 304 -4.65 -7.29 -36.22
N PHE A 305 -4.89 -8.58 -36.01
CA PHE A 305 -5.25 -9.47 -37.11
C PHE A 305 -6.65 -9.17 -37.64
N VAL A 306 -7.65 -9.10 -36.75
CA VAL A 306 -9.04 -9.02 -37.20
C VAL A 306 -9.32 -7.69 -37.87
N THR A 307 -8.88 -6.59 -37.26
CA THR A 307 -9.18 -5.28 -37.82
C THR A 307 -8.51 -5.07 -39.18
N SER A 308 -7.26 -5.54 -39.33
CA SER A 308 -6.59 -5.43 -40.62
C SER A 308 -7.31 -6.24 -41.69
N MET A 309 -7.73 -7.46 -41.35
CA MET A 309 -8.50 -8.27 -42.30
C MET A 309 -9.88 -7.67 -42.53
N TYR A 310 -10.48 -7.07 -41.49
CA TYR A 310 -11.80 -6.46 -41.63
C TYR A 310 -11.79 -5.32 -42.64
N ASN A 311 -10.68 -4.59 -42.73
CA ASN A 311 -10.62 -3.45 -43.64
C ASN A 311 -10.57 -3.88 -45.09
N GLU A 312 -9.72 -4.87 -45.41
CA GLU A 312 -9.54 -5.25 -46.81
C GLU A 312 -10.77 -5.94 -47.40
N ILE A 313 -11.49 -6.74 -46.60
CA ILE A 313 -12.68 -7.37 -47.13
C ILE A 313 -13.77 -6.33 -47.45
N LEU A 314 -13.83 -5.24 -46.67
CA LEU A 314 -14.75 -4.15 -47.01
C LEU A 314 -14.32 -3.43 -48.28
N MET A 315 -13.03 -3.13 -48.41
CA MET A 315 -12.56 -2.43 -49.60
C MET A 315 -12.77 -3.25 -50.86
N LEU A 316 -12.56 -4.56 -50.76
CA LEU A 316 -12.82 -5.46 -51.89
C LEU A 316 -14.30 -5.44 -52.26
N GLY A 317 -15.19 -5.42 -51.27
CA GLY A 317 -16.60 -5.33 -51.56
C GLY A 317 -16.97 -4.01 -52.21
N ALA A 318 -16.23 -2.95 -51.91
CA ALA A 318 -16.48 -1.65 -52.54
C ALA A 318 -16.14 -1.69 -54.02
N LYS A 319 -14.99 -2.28 -54.37
CA LYS A 319 -14.59 -2.36 -55.77
C LYS A 319 -15.49 -3.33 -56.54
N LEU A 320 -16.10 -4.28 -55.85
CA LEU A 320 -16.92 -5.29 -56.51
C LEU A 320 -18.41 -4.96 -56.46
N HIS A 321 -18.89 -4.45 -55.33
CA HIS A 321 -20.29 -4.08 -55.15
C HIS A 321 -20.36 -2.67 -54.58
N PRO A 322 -20.22 -1.65 -55.42
CA PRO A 322 -20.29 -0.27 -54.92
C PRO A 322 -21.63 0.08 -54.29
N THR A 323 -22.73 -0.48 -54.79
CA THR A 323 -24.05 -0.15 -54.26
C THR A 323 -24.43 -0.96 -53.02
N LEU A 324 -23.70 -2.03 -52.73
CA LEU A 324 -24.06 -2.91 -51.62
C LEU A 324 -23.38 -2.45 -50.34
N LYS A 325 -24.15 -2.39 -49.26
CA LYS A 325 -23.67 -1.98 -47.94
C LYS A 325 -23.74 -3.19 -47.01
N LEU A 326 -22.57 -3.76 -46.71
CA LEU A 326 -22.54 -4.98 -45.90
C LEU A 326 -22.76 -4.67 -44.42
N GLU A 327 -22.40 -3.46 -43.98
CA GLU A 327 -22.45 -3.14 -42.56
C GLU A 327 -23.87 -3.11 -42.01
N GLU A 328 -24.86 -2.90 -42.88
CA GLU A 328 -26.25 -2.80 -42.43
C GLU A 328 -27.01 -4.11 -42.52
N LEU A 329 -26.34 -5.22 -42.89
CA LEU A 329 -27.00 -6.51 -42.90
C LEU A 329 -27.07 -7.08 -41.49
N THR A 330 -28.20 -7.69 -41.15
CA THR A 330 -28.45 -8.21 -39.82
C THR A 330 -28.64 -9.72 -39.88
N ASN A 331 -28.34 -10.39 -38.77
CA ASN A 331 -28.54 -11.83 -38.66
C ASN A 331 -29.99 -12.11 -38.26
N LYS A 332 -30.28 -13.35 -37.85
CA LYS A 332 -31.62 -13.71 -37.43
C LYS A 332 -32.06 -12.93 -36.19
N LYS A 333 -31.13 -12.59 -35.29
CA LYS A 333 -31.46 -11.81 -34.11
C LYS A 333 -31.67 -10.34 -34.42
N GLY A 334 -31.28 -9.87 -35.60
CA GLY A 334 -31.38 -8.47 -35.94
C GLY A 334 -30.25 -7.61 -35.42
N MET A 335 -29.03 -8.16 -35.38
CA MET A 335 -27.86 -7.42 -34.93
C MET A 335 -26.93 -7.16 -36.11
N THR A 336 -26.59 -5.90 -36.32
CA THR A 336 -25.54 -5.53 -37.25
C THR A 336 -24.19 -5.89 -36.64
N PRO A 337 -23.14 -6.00 -37.45
CA PRO A 337 -21.82 -6.29 -36.86
C PRO A 337 -21.36 -5.23 -35.86
N LEU A 338 -21.70 -3.96 -36.10
CA LEU A 338 -21.39 -2.93 -35.12
C LEU A 338 -22.17 -3.13 -33.83
N ALA A 339 -23.45 -3.49 -33.94
CA ALA A 339 -24.26 -3.70 -32.76
C ALA A 339 -23.83 -4.94 -31.98
N LEU A 340 -23.42 -6.00 -32.68
CA LEU A 340 -23.02 -7.23 -31.99
C LEU A 340 -21.66 -7.07 -31.33
N ALA A 341 -20.77 -6.26 -31.92
CA ALA A 341 -19.47 -6.04 -31.30
C ALA A 341 -19.59 -5.34 -29.96
N ALA A 342 -20.45 -4.32 -29.88
CA ALA A 342 -20.66 -3.63 -28.62
C ALA A 342 -21.42 -4.50 -27.63
N GLY A 343 -22.35 -5.32 -28.13
CA GLY A 343 -23.14 -6.17 -27.24
C GLY A 343 -22.31 -7.23 -26.54
N THR A 344 -21.30 -7.76 -27.22
CA THR A 344 -20.51 -8.87 -26.70
C THR A 344 -19.21 -8.42 -26.04
N GLY A 345 -19.00 -7.11 -25.87
CA GLY A 345 -17.83 -6.62 -25.18
C GLY A 345 -16.54 -6.66 -25.96
N LYS A 346 -16.61 -6.67 -27.28
CA LYS A 346 -15.40 -6.72 -28.12
C LYS A 346 -14.93 -5.28 -28.36
N ILE A 347 -14.21 -4.75 -27.38
CA ILE A 347 -13.81 -3.35 -27.39
C ILE A 347 -12.79 -3.07 -28.48
N GLY A 348 -11.90 -4.02 -28.77
CA GLY A 348 -10.84 -3.76 -29.74
C GLY A 348 -11.37 -3.47 -31.13
N VAL A 349 -12.34 -4.26 -31.59
CA VAL A 349 -12.91 -4.03 -32.91
C VAL A 349 -13.89 -2.85 -32.90
N LEU A 350 -14.60 -2.62 -31.79
CA LEU A 350 -15.53 -1.50 -31.72
C LEU A 350 -14.82 -0.17 -31.89
N ALA A 351 -13.64 -0.02 -31.30
CA ALA A 351 -12.88 1.21 -31.45
C ALA A 351 -12.51 1.44 -32.91
N TYR A 352 -12.11 0.39 -33.62
CA TYR A 352 -11.74 0.53 -35.02
C TYR A 352 -12.91 1.00 -35.87
N ILE A 353 -14.10 0.43 -35.64
CA ILE A 353 -15.25 0.75 -36.48
C ILE A 353 -15.68 2.20 -36.30
N LEU A 354 -15.70 2.68 -35.04
CA LEU A 354 -16.26 3.99 -34.76
C LEU A 354 -15.45 5.11 -35.42
N GLN A 355 -14.14 5.01 -35.40
CA GLN A 355 -13.24 6.05 -35.93
C GLN A 355 -12.42 5.55 -37.11
N ARG A 356 -13.07 4.83 -38.02
CA ARG A 356 -12.40 4.31 -39.22
C ARG A 356 -12.19 5.44 -40.22
N GLU A 357 -10.93 5.75 -40.51
CA GLU A 357 -10.56 6.80 -41.45
C GLU A 357 -9.67 6.21 -42.52
N ILE A 358 -10.16 6.18 -43.75
CA ILE A 358 -9.44 5.59 -44.88
C ILE A 358 -8.90 6.72 -45.76
N GLN A 359 -7.59 6.72 -45.98
CA GLN A 359 -6.95 7.76 -46.78
C GLN A 359 -7.18 7.58 -48.28
N GLU A 360 -7.51 6.38 -48.73
CA GLU A 360 -7.56 6.10 -50.17
C GLU A 360 -8.82 6.71 -50.79
N PRO A 361 -8.69 7.46 -51.88
CA PRO A 361 -9.88 7.89 -52.62
C PRO A 361 -10.78 6.72 -52.98
N GLU A 362 -12.08 7.02 -53.12
CA GLU A 362 -13.12 6.08 -53.55
C GLU A 362 -13.41 5.09 -52.43
N CYS A 363 -12.62 5.12 -51.37
CA CYS A 363 -12.91 4.40 -50.14
C CYS A 363 -13.05 5.34 -48.97
N ARG A 364 -12.97 6.65 -49.20
CA ARG A 364 -13.21 7.65 -48.16
C ARG A 364 -14.66 7.67 -47.73
N HIS A 365 -15.59 7.38 -48.64
CA HIS A 365 -17.01 7.35 -48.28
C HIS A 365 -17.35 6.23 -47.31
N LEU A 366 -16.51 5.19 -47.21
CA LEU A 366 -16.67 4.16 -46.20
C LEU A 366 -16.19 4.61 -44.82
N SER A 367 -15.43 5.70 -44.75
CA SER A 367 -14.89 6.13 -43.47
C SER A 367 -15.98 6.68 -42.57
N ARG A 368 -15.66 6.75 -41.27
CA ARG A 368 -16.56 7.34 -40.28
C ARG A 368 -15.96 8.53 -39.56
N LYS A 369 -14.65 8.74 -39.62
CA LYS A 369 -13.99 9.85 -38.93
C LYS A 369 -13.25 10.68 -39.98
N PHE A 370 -13.87 11.77 -40.41
CA PHE A 370 -13.34 12.63 -41.45
C PHE A 370 -12.42 13.68 -40.84
N THR A 371 -12.01 14.65 -41.65
CA THR A 371 -11.20 15.77 -41.16
C THR A 371 -11.70 17.05 -41.81
N GLU A 372 -12.04 18.04 -40.98
CA GLU A 372 -12.56 19.29 -41.51
C GLU A 372 -11.47 20.13 -42.17
N TRP A 373 -10.47 20.54 -41.40
CA TRP A 373 -9.34 21.29 -41.92
C TRP A 373 -8.12 20.98 -41.06
N ALA A 374 -7.09 21.80 -41.18
CA ALA A 374 -5.87 21.60 -40.40
C ALA A 374 -5.30 22.96 -40.01
N TYR A 375 -4.48 22.94 -38.97
CA TYR A 375 -3.77 24.13 -38.49
C TYR A 375 -2.36 23.68 -38.12
N GLY A 376 -1.63 24.51 -37.38
CA GLY A 376 -0.28 24.17 -37.02
C GLY A 376 -0.20 22.95 -36.12
N PRO A 377 -0.64 23.08 -34.87
CA PRO A 377 -0.74 21.91 -34.00
C PRO A 377 -2.17 21.37 -33.92
N VAL A 378 -3.10 22.06 -34.56
CA VAL A 378 -4.53 21.81 -34.38
C VAL A 378 -5.09 21.16 -35.64
N HIS A 379 -5.96 20.18 -35.46
CA HIS A 379 -6.69 19.57 -36.57
C HIS A 379 -8.11 19.30 -36.13
N SER A 380 -9.06 19.55 -37.02
CA SER A 380 -10.48 19.36 -36.73
C SER A 380 -10.97 18.11 -37.43
N SER A 381 -11.60 17.21 -36.67
CA SER A 381 -12.08 15.94 -37.17
C SER A 381 -13.58 15.83 -36.94
N LEU A 382 -14.28 15.18 -37.87
CA LEU A 382 -15.71 14.93 -37.74
C LEU A 382 -15.95 13.44 -37.52
N TYR A 383 -17.15 13.11 -37.04
CA TYR A 383 -17.50 11.73 -36.74
C TYR A 383 -18.87 11.43 -37.31
N ASP A 384 -19.06 10.19 -37.75
CA ASP A 384 -20.29 9.82 -38.46
C ASP A 384 -21.50 9.94 -37.55
N LEU A 385 -21.41 9.37 -36.34
CA LEU A 385 -22.47 9.47 -35.34
C LEU A 385 -23.78 8.87 -35.83
N SER A 386 -23.73 8.06 -36.88
CA SER A 386 -24.91 7.40 -37.39
C SER A 386 -25.18 6.12 -36.60
N CYS A 387 -26.46 5.85 -36.35
CA CYS A 387 -26.94 4.70 -35.58
C CYS A 387 -26.23 4.56 -34.24
N ILE A 388 -25.72 5.66 -33.68
CA ILE A 388 -25.06 5.64 -32.38
C ILE A 388 -26.06 6.01 -31.29
N ASP A 389 -26.63 7.22 -31.39
CA ASP A 389 -27.58 7.69 -30.40
C ASP A 389 -29.03 7.51 -30.82
N THR A 390 -29.31 7.51 -32.12
CA THR A 390 -30.65 7.24 -32.63
C THR A 390 -30.59 6.07 -33.61
N CYS A 391 -31.54 5.14 -33.48
CA CYS A 391 -31.56 3.97 -34.33
C CYS A 391 -32.94 3.35 -34.27
N GLU A 392 -33.20 2.43 -35.20
CA GLU A 392 -34.51 1.79 -35.26
C GLU A 392 -34.72 0.85 -34.08
N LYS A 393 -33.80 -0.09 -33.88
CA LYS A 393 -33.93 -1.08 -32.81
C LYS A 393 -32.79 -1.05 -31.81
N ASN A 394 -31.54 -1.03 -32.27
CA ASN A 394 -30.38 -1.22 -31.40
C ASN A 394 -29.38 -0.10 -31.60
N SER A 395 -29.49 0.95 -30.79
CA SER A 395 -28.47 1.99 -30.76
C SER A 395 -27.24 1.48 -30.03
N VAL A 396 -26.08 2.03 -30.38
CA VAL A 396 -24.83 1.63 -29.73
C VAL A 396 -24.86 1.99 -28.25
N LEU A 397 -25.34 3.19 -27.93
CA LEU A 397 -25.41 3.61 -26.53
C LEU A 397 -26.38 2.76 -25.74
N GLU A 398 -27.53 2.42 -26.34
CA GLU A 398 -28.53 1.62 -25.63
C GLU A 398 -28.04 0.21 -25.35
N VAL A 399 -27.34 -0.39 -26.31
CA VAL A 399 -26.85 -1.75 -26.15
C VAL A 399 -25.84 -1.84 -25.01
N ILE A 400 -24.92 -0.86 -24.94
CA ILE A 400 -23.89 -0.89 -23.90
C ILE A 400 -24.51 -0.69 -22.53
N ALA A 401 -25.42 0.28 -22.41
CA ALA A 401 -25.97 0.64 -21.10
C ALA A 401 -26.88 -0.46 -20.55
N TYR A 402 -27.76 -1.00 -21.39
CA TYR A 402 -28.76 -1.96 -20.94
C TYR A 402 -28.27 -3.40 -21.14
N SER A 403 -27.13 -3.70 -20.52
CA SER A 403 -26.56 -5.03 -20.54
C SER A 403 -26.88 -5.76 -19.25
N SER A 404 -26.60 -7.07 -19.22
CA SER A 404 -26.87 -7.91 -18.06
C SER A 404 -25.65 -8.04 -17.15
N SER A 405 -24.70 -7.09 -17.25
CA SER A 405 -23.60 -6.94 -16.31
C SER A 405 -22.54 -8.01 -16.45
N GLU A 406 -22.76 -9.00 -17.33
CA GLU A 406 -21.73 -10.00 -17.58
C GLU A 406 -20.85 -9.65 -18.78
N THR A 407 -21.10 -8.54 -19.44
CA THR A 407 -20.22 -8.11 -20.52
C THR A 407 -18.85 -7.74 -19.94
N PRO A 408 -17.76 -8.29 -20.49
CA PRO A 408 -16.45 -8.14 -19.82
C PRO A 408 -15.96 -6.70 -19.69
N ASN A 409 -16.22 -5.83 -20.66
CA ASN A 409 -15.62 -4.49 -20.67
C ASN A 409 -16.69 -3.41 -20.81
N ARG A 410 -17.82 -3.56 -20.11
CA ARG A 410 -18.90 -2.59 -20.29
C ARG A 410 -18.53 -1.22 -19.75
N HIS A 411 -17.77 -1.16 -18.66
CA HIS A 411 -17.32 0.14 -18.15
C HIS A 411 -16.38 0.82 -19.14
N ASP A 412 -15.51 0.05 -19.79
CA ASP A 412 -14.45 0.59 -20.64
C ASP A 412 -14.90 0.95 -22.05
N MET A 413 -16.02 0.41 -22.54
CA MET A 413 -16.42 0.71 -23.90
C MET A 413 -16.90 2.14 -24.08
N LEU A 414 -17.21 2.84 -22.99
CA LEU A 414 -17.65 4.23 -23.08
C LEU A 414 -16.51 5.22 -23.13
N LEU A 415 -15.27 4.76 -23.03
CA LEU A 415 -14.10 5.64 -23.06
C LEU A 415 -13.55 5.85 -24.46
N VAL A 416 -14.12 5.22 -25.49
CA VAL A 416 -13.68 5.47 -26.85
C VAL A 416 -13.99 6.91 -27.23
N GLU A 417 -13.30 7.41 -28.26
CA GLU A 417 -13.24 8.85 -28.51
C GLU A 417 -14.60 9.50 -28.82
N PRO A 418 -15.42 8.99 -29.73
CA PRO A 418 -16.68 9.71 -30.00
C PRO A 418 -17.71 9.60 -28.89
N LEU A 419 -17.73 8.49 -28.15
CA LEU A 419 -18.82 8.24 -27.21
C LEU A 419 -18.68 9.07 -25.93
N ASN A 420 -17.45 9.24 -25.44
CA ASN A 420 -17.24 9.91 -24.16
C ASN A 420 -17.67 11.38 -24.25
N ARG A 421 -17.33 12.05 -25.34
CA ARG A 421 -17.67 13.46 -25.47
C ARG A 421 -19.11 13.66 -25.91
N LEU A 422 -19.72 12.64 -26.51
CA LEU A 422 -21.12 12.75 -26.90
C LEU A 422 -22.03 12.75 -25.68
N LEU A 423 -21.71 11.94 -24.68
CA LEU A 423 -22.51 11.91 -23.45
C LEU A 423 -22.29 13.16 -22.62
N GLN A 424 -21.05 13.66 -22.57
CA GLN A 424 -20.75 14.88 -21.82
C GLN A 424 -21.45 16.08 -22.44
N ASP A 425 -21.62 16.08 -23.76
CA ASP A 425 -22.38 17.12 -24.44
C ASP A 425 -23.85 17.09 -24.07
N LYS A 426 -24.44 15.90 -23.95
CA LYS A 426 -25.84 15.78 -23.56
C LYS A 426 -26.06 16.27 -22.13
N TRP A 427 -25.11 15.96 -21.24
CA TRP A 427 -25.23 16.39 -19.84
C TRP A 427 -25.17 17.91 -19.73
N ASP A 428 -24.15 18.52 -20.34
CA ASP A 428 -23.96 19.96 -20.17
C ASP A 428 -25.01 20.78 -20.91
N ARG A 429 -25.73 20.18 -21.85
CA ARG A 429 -26.67 20.95 -22.66
C ARG A 429 -28.05 21.03 -22.00
N PHE A 430 -28.69 19.88 -21.77
CA PHE A 430 -30.05 19.92 -21.25
C PHE A 430 -30.31 18.98 -20.08
N VAL A 431 -29.56 17.88 -19.99
CA VAL A 431 -29.89 16.84 -19.01
C VAL A 431 -29.59 17.32 -17.59
N LYS A 432 -28.49 18.04 -17.40
CA LYS A 432 -28.06 18.41 -16.06
C LYS A 432 -29.11 19.29 -15.36
N ARG A 433 -29.75 20.19 -16.10
CA ARG A 433 -30.72 21.07 -15.47
C ARG A 433 -31.98 20.31 -15.04
N ILE A 434 -32.38 19.32 -15.81
CA ILE A 434 -33.56 18.53 -15.43
C ILE A 434 -33.25 17.69 -14.19
N PHE A 435 -32.02 17.17 -14.09
CA PHE A 435 -31.66 16.35 -12.94
C PHE A 435 -31.71 17.17 -11.65
N TYR A 436 -31.23 18.41 -11.69
CA TYR A 436 -31.29 19.27 -10.51
C TYR A 436 -32.72 19.61 -10.12
N PHE A 437 -33.60 19.75 -11.12
CA PHE A 437 -35.01 19.99 -10.82
C PHE A 437 -35.64 18.81 -10.10
N ASN A 438 -35.32 17.58 -10.53
CA ASN A 438 -35.87 16.39 -9.89
C ASN A 438 -35.38 16.26 -8.45
N PHE A 439 -34.12 16.59 -8.21
CA PHE A 439 -33.58 16.54 -6.85
C PHE A 439 -34.30 17.52 -5.94
N LEU A 440 -34.59 18.72 -6.44
CA LEU A 440 -35.27 19.73 -5.63
C LEU A 440 -36.70 19.31 -5.28
N VAL A 441 -37.41 18.72 -6.24
CA VAL A 441 -38.80 18.34 -6.00
C VAL A 441 -38.87 17.17 -5.01
N TYR A 442 -37.93 16.22 -5.11
CA TYR A 442 -37.91 15.11 -4.17
C TYR A 442 -37.60 15.58 -2.76
N CYS A 443 -36.72 16.57 -2.62
CA CYS A 443 -36.42 17.12 -1.30
C CYS A 443 -37.67 17.75 -0.68
N LEU A 444 -38.44 18.48 -1.48
CA LEU A 444 -39.66 19.11 -0.96
C LEU A 444 -40.71 18.07 -0.59
N TYR A 445 -40.80 17.00 -1.37
CA TYR A 445 -41.77 15.94 -1.07
C TYR A 445 -41.47 15.27 0.26
N MET A 446 -40.19 15.04 0.56
CA MET A 446 -39.81 14.35 1.77
C MET A 446 -39.96 15.20 3.03
N ILE A 447 -39.81 16.53 2.92
CA ILE A 447 -40.02 17.43 4.05
C ILE A 447 -41.49 17.53 4.43
N ILE A 448 -42.38 17.58 3.44
CA ILE A 448 -43.82 17.63 3.73
C ILE A 448 -44.28 16.32 4.34
N PHE A 449 -43.75 15.20 3.85
CA PHE A 449 -44.08 13.90 4.43
C PHE A 449 -43.61 13.80 5.87
N THR A 450 -42.41 14.31 6.16
CA THR A 450 -41.89 14.26 7.54
C THR A 450 -42.75 15.11 8.47
N MET A 451 -43.22 16.26 8.01
CA MET A 451 -43.99 17.15 8.88
C MET A 451 -45.37 16.61 9.16
N ALA A 452 -45.99 15.94 8.17
CA ALA A 452 -47.33 15.42 8.37
C ALA A 452 -47.34 14.23 9.33
N ALA A 453 -46.29 13.40 9.28
CA ALA A 453 -46.21 12.25 10.17
C ALA A 453 -45.85 12.67 11.59
N TYR A 454 -45.09 13.77 11.72
CA TYR A 454 -44.64 14.20 13.04
C TYR A 454 -45.79 14.75 13.88
N TYR A 455 -46.82 15.29 13.22
CA TYR A 455 -47.95 15.92 13.91
C TYR A 455 -49.20 15.06 13.87
N ARG A 456 -49.04 13.74 13.78
CA ARG A 456 -50.19 12.84 13.78
C ARG A 456 -50.90 12.90 15.12
N PRO A 457 -52.23 12.84 15.14
CA PRO A 457 -52.95 12.85 16.42
C PRO A 457 -52.77 11.54 17.17
N VAL A 458 -52.89 11.62 18.49
CA VAL A 458 -52.64 10.47 19.36
C VAL A 458 -53.93 9.91 19.96
N ASP A 459 -55.08 10.35 19.47
CA ASP A 459 -56.33 9.75 19.92
C ASP A 459 -56.50 8.36 19.33
N GLY A 460 -57.63 7.72 19.65
CA GLY A 460 -57.85 6.36 19.26
C GLY A 460 -58.66 6.20 17.98
N LEU A 461 -58.51 5.02 17.36
CA LEU A 461 -59.37 4.57 16.27
C LEU A 461 -59.46 5.54 15.11
N PRO A 462 -58.44 5.61 14.25
CA PRO A 462 -58.55 6.43 13.03
C PRO A 462 -59.69 5.94 12.15
N PRO A 463 -60.18 6.79 11.23
CA PRO A 463 -59.76 8.16 10.89
C PRO A 463 -60.15 9.18 11.94
N PHE A 464 -59.51 10.35 11.90
CA PHE A 464 -59.68 11.38 12.92
C PHE A 464 -60.44 12.57 12.35
N LYS A 465 -61.22 13.22 13.22
CA LYS A 465 -62.11 14.29 12.79
C LYS A 465 -61.34 15.59 12.56
N MET A 466 -61.96 16.48 11.80
CA MET A 466 -61.35 17.74 11.41
C MET A 466 -61.80 18.85 12.36
N GLU A 467 -60.84 19.51 13.00
CA GLU A 467 -61.11 20.66 13.85
C GLU A 467 -59.95 21.65 13.71
N LYS A 468 -60.09 22.79 14.39
CA LYS A 468 -59.07 23.84 14.42
C LYS A 468 -58.70 24.22 12.98
N THR A 469 -57.50 24.80 12.80
CA THR A 469 -56.95 25.05 11.49
C THR A 469 -55.70 24.24 11.19
N GLY A 470 -55.04 23.70 12.21
CA GLY A 470 -53.87 22.87 11.98
C GLY A 470 -54.18 21.52 11.39
N ASP A 471 -55.43 21.05 11.54
CA ASP A 471 -55.81 19.77 10.96
C ASP A 471 -55.98 19.90 9.45
N TYR A 472 -56.43 21.07 8.98
CA TYR A 472 -56.54 21.28 7.54
C TYR A 472 -55.17 21.36 6.88
N PHE A 473 -54.19 21.92 7.58
CA PHE A 473 -52.83 21.93 7.06
C PHE A 473 -52.22 20.54 7.11
N ARG A 474 -52.55 19.75 8.13
CA ARG A 474 -52.01 18.41 8.24
C ARG A 474 -52.62 17.47 7.20
N VAL A 475 -53.92 17.59 6.96
CA VAL A 475 -54.57 16.76 5.96
C VAL A 475 -54.06 17.08 4.56
N THR A 476 -53.77 18.36 4.29
CA THR A 476 -53.20 18.73 3.01
C THR A 476 -51.86 18.04 2.78
N GLY A 477 -51.02 17.99 3.82
CA GLY A 477 -49.77 17.28 3.73
C GLY A 477 -49.92 15.78 3.51
N GLU A 478 -50.94 15.17 4.10
CA GLU A 478 -51.18 13.74 3.90
C GLU A 478 -51.66 13.43 2.49
N ILE A 479 -52.43 14.33 1.88
CA ILE A 479 -52.87 14.13 0.50
C ILE A 479 -51.67 14.13 -0.44
N LEU A 480 -50.74 15.07 -0.25
CA LEU A 480 -49.55 15.12 -1.08
C LEU A 480 -48.67 13.89 -0.88
N SER A 481 -48.60 13.36 0.34
CA SER A 481 -47.80 12.16 0.58
C SER A 481 -48.36 10.96 -0.15
N VAL A 482 -49.69 10.82 -0.18
CA VAL A 482 -50.32 9.71 -0.88
C VAL A 482 -50.12 9.83 -2.39
N LEU A 483 -50.29 11.03 -2.93
CA LEU A 483 -50.11 11.25 -4.36
C LEU A 483 -48.69 10.92 -4.79
N GLY A 484 -47.71 11.24 -3.95
CA GLY A 484 -46.33 10.89 -4.25
C GLY A 484 -46.11 9.39 -4.34
N GLY A 485 -46.78 8.63 -3.47
CA GLY A 485 -46.63 7.18 -3.50
C GLY A 485 -47.33 6.54 -4.67
N VAL A 486 -48.37 7.19 -5.20
CA VAL A 486 -49.01 6.71 -6.42
C VAL A 486 -48.10 6.90 -7.61
N TYR A 487 -47.42 8.06 -7.68
CA TYR A 487 -46.53 8.34 -8.79
C TYR A 487 -45.36 7.36 -8.84
N PHE A 488 -44.77 7.02 -7.69
CA PHE A 488 -43.67 6.07 -7.69
C PHE A 488 -44.15 4.64 -7.92
N PHE A 489 -45.44 4.36 -7.70
CA PHE A 489 -45.97 3.03 -7.97
C PHE A 489 -46.13 2.79 -9.46
N PHE A 490 -46.58 3.81 -10.19
CA PHE A 490 -46.77 3.66 -11.63
C PHE A 490 -45.44 3.73 -12.38
N ARG A 491 -44.49 4.54 -11.89
CA ARG A 491 -43.17 4.60 -12.53
C ARG A 491 -42.42 3.29 -12.33
N GLY A 492 -42.85 2.45 -11.40
CA GLY A 492 -42.15 1.21 -11.16
C GLY A 492 -42.59 0.10 -12.10
N ILE A 493 -43.90 0.02 -12.36
CA ILE A 493 -44.38 -0.98 -13.32
C ILE A 493 -44.12 -0.51 -14.74
N GLN A 494 -44.09 0.80 -14.97
CA GLN A 494 -43.70 1.33 -16.27
C GLN A 494 -42.28 0.94 -16.63
N TYR A 495 -41.36 1.00 -15.66
CA TYR A 495 -39.98 0.60 -15.91
C TYR A 495 -39.87 -0.87 -16.26
N PHE A 496 -40.62 -1.73 -15.56
CA PHE A 496 -40.54 -3.17 -15.79
C PHE A 496 -41.08 -3.51 -17.18
N LEU A 497 -42.20 -2.90 -17.58
CA LEU A 497 -42.78 -3.21 -18.87
C LEU A 497 -41.92 -2.70 -20.02
N GLN A 498 -41.25 -1.58 -19.82
CA GLN A 498 -40.44 -0.99 -20.89
C GLN A 498 -39.11 -1.71 -21.08
N ARG A 499 -38.55 -2.30 -20.01
CA ARG A 499 -37.24 -2.92 -20.08
C ARG A 499 -37.25 -4.43 -19.93
N ARG A 500 -38.21 -4.99 -19.20
CA ARG A 500 -38.28 -6.43 -18.90
C ARG A 500 -36.95 -6.95 -18.36
N PRO A 501 -36.60 -6.61 -17.12
CA PRO A 501 -35.37 -7.16 -16.54
C PRO A 501 -35.47 -8.68 -16.39
N SER A 502 -34.30 -9.33 -16.45
CA SER A 502 -34.22 -10.78 -16.45
C SER A 502 -34.00 -11.36 -15.05
N MET A 503 -34.44 -10.66 -14.01
CA MET A 503 -34.39 -11.08 -12.60
C MET A 503 -32.97 -11.22 -12.07
N LYS A 504 -31.95 -10.98 -12.90
CA LYS A 504 -30.57 -10.89 -12.44
C LYS A 504 -30.02 -9.48 -12.57
N THR A 505 -30.45 -8.75 -13.60
CA THR A 505 -30.15 -7.33 -13.74
C THR A 505 -31.12 -6.46 -12.96
N LEU A 506 -31.84 -7.03 -12.00
CA LEU A 506 -32.74 -6.27 -11.14
C LEU A 506 -32.24 -6.16 -9.71
N PHE A 507 -31.39 -7.08 -9.25
CA PHE A 507 -30.81 -7.02 -7.92
C PHE A 507 -29.33 -6.64 -7.91
N VAL A 508 -28.60 -6.95 -8.98
CA VAL A 508 -27.20 -6.53 -9.08
C VAL A 508 -27.09 -5.17 -9.73
N ASP A 509 -27.93 -4.90 -10.72
CA ASP A 509 -28.06 -3.59 -11.33
C ASP A 509 -29.49 -3.09 -11.14
N SER A 510 -29.65 -1.77 -11.10
CA SER A 510 -30.96 -1.13 -10.97
C SER A 510 -31.72 -1.63 -9.74
N TYR A 511 -31.05 -1.70 -8.60
CA TYR A 511 -31.73 -2.03 -7.36
C TYR A 511 -32.44 -0.83 -6.75
N SER A 512 -32.19 0.37 -7.29
CA SER A 512 -32.85 1.57 -6.76
C SER A 512 -34.32 1.61 -7.17
N GLU A 513 -34.64 1.09 -8.35
CA GLU A 513 -36.04 1.00 -8.77
C GLU A 513 -36.84 0.14 -7.80
N MET A 514 -36.27 -1.00 -7.39
CA MET A 514 -36.93 -1.86 -6.44
C MET A 514 -37.17 -1.14 -5.11
N LEU A 515 -36.21 -0.32 -4.68
CA LEU A 515 -36.34 0.36 -3.39
C LEU A 515 -37.41 1.45 -3.45
N PHE A 516 -37.45 2.22 -4.54
CA PHE A 516 -38.52 3.21 -4.68
C PHE A 516 -39.88 2.56 -4.77
N PHE A 517 -39.98 1.43 -5.49
CA PHE A 517 -41.23 0.69 -5.59
C PHE A 517 -41.67 0.15 -4.22
N LEU A 518 -40.71 -0.35 -3.43
CA LEU A 518 -41.03 -0.87 -2.11
C LEU A 518 -41.52 0.24 -1.18
N GLN A 519 -40.93 1.43 -1.27
CA GLN A 519 -41.42 2.55 -0.49
C GLN A 519 -42.86 2.91 -0.87
N SER A 520 -43.16 2.88 -2.17
CA SER A 520 -44.54 3.14 -2.60
C SER A 520 -45.50 2.07 -2.06
N LEU A 521 -45.05 0.81 -2.04
CA LEU A 521 -45.89 -0.26 -1.50
C LEU A 521 -46.17 -0.04 -0.02
N PHE A 522 -45.16 0.38 0.74
CA PHE A 522 -45.36 0.69 2.16
C PHE A 522 -46.38 1.81 2.34
N MET A 523 -46.30 2.85 1.50
CA MET A 523 -47.27 3.94 1.61
C MET A 523 -48.70 3.48 1.32
N LEU A 524 -48.87 2.64 0.28
CA LEU A 524 -50.21 2.14 -0.02
C LEU A 524 -50.75 1.26 1.09
N ALA A 525 -49.90 0.41 1.67
CA ALA A 525 -50.32 -0.40 2.81
C ALA A 525 -50.70 0.47 3.99
N THR A 526 -49.97 1.57 4.20
CA THR A 526 -50.32 2.51 5.27
C THR A 526 -51.73 3.07 5.07
N VAL A 527 -52.04 3.47 3.84
CA VAL A 527 -53.38 4.01 3.58
C VAL A 527 -54.45 2.96 3.84
N VAL A 528 -54.21 1.73 3.36
CA VAL A 528 -55.20 0.66 3.52
C VAL A 528 -55.44 0.38 5.00
N LEU A 529 -54.38 0.29 5.79
CA LEU A 529 -54.54 0.07 7.23
C LEU A 529 -55.21 1.25 7.91
N TYR A 530 -54.92 2.48 7.47
CA TYR A 530 -55.51 3.65 8.10
C TYR A 530 -57.02 3.68 7.92
N PHE A 531 -57.51 3.33 6.73
CA PHE A 531 -58.95 3.38 6.53
C PHE A 531 -59.68 2.13 7.04
N SER A 532 -58.98 1.23 7.72
CA SER A 532 -59.60 0.05 8.34
C SER A 532 -59.64 0.14 9.85
N HIS A 533 -59.44 1.33 10.43
CA HIS A 533 -59.48 1.55 11.88
C HIS A 533 -58.40 0.74 12.62
N LEU A 534 -57.20 0.63 12.05
CA LEU A 534 -56.13 -0.15 12.66
C LEU A 534 -54.93 0.73 12.99
N LYS A 535 -54.27 0.39 14.10
CA LYS A 535 -53.16 1.18 14.62
C LYS A 535 -51.82 0.85 13.97
N GLU A 536 -51.72 -0.26 13.22
CA GLU A 536 -50.47 -0.66 12.58
C GLU A 536 -50.08 0.26 11.41
N TYR A 537 -50.98 1.16 11.02
CA TYR A 537 -50.64 2.13 9.98
C TYR A 537 -49.46 2.99 10.40
N VAL A 538 -49.28 3.20 11.72
CA VAL A 538 -48.12 3.93 12.20
C VAL A 538 -46.83 3.17 11.90
N ALA A 539 -46.85 1.85 12.10
CA ALA A 539 -45.66 1.05 11.82
C ALA A 539 -45.32 1.06 10.33
N SER A 540 -46.33 0.88 9.48
CA SER A 540 -46.07 0.93 8.04
C SER A 540 -45.56 2.30 7.62
N MET A 541 -46.12 3.36 8.22
CA MET A 541 -45.72 4.72 7.88
C MET A 541 -44.30 5.05 8.34
N VAL A 542 -43.86 4.55 9.50
CA VAL A 542 -42.49 4.83 9.91
C VAL A 542 -41.50 4.06 9.06
N PHE A 543 -41.84 2.83 8.65
CA PHE A 543 -40.96 2.13 7.70
C PHE A 543 -40.87 2.90 6.39
N SER A 544 -42.00 3.42 5.91
CA SER A 544 -41.99 4.22 4.68
C SER A 544 -41.14 5.46 4.84
N LEU A 545 -41.22 6.14 5.99
CA LEU A 545 -40.45 7.35 6.23
C LEU A 545 -38.95 7.07 6.21
N ALA A 546 -38.52 6.01 6.91
CA ALA A 546 -37.10 5.69 6.95
C ALA A 546 -36.58 5.31 5.57
N LEU A 547 -37.34 4.50 4.83
CA LEU A 547 -36.91 4.11 3.49
C LEU A 547 -36.87 5.31 2.55
N GLY A 548 -37.83 6.22 2.67
CA GLY A 548 -37.83 7.40 1.81
C GLY A 548 -36.66 8.33 2.09
N TRP A 549 -36.28 8.48 3.36
CA TRP A 549 -35.10 9.30 3.64
C TRP A 549 -33.82 8.61 3.16
N THR A 550 -33.74 7.28 3.25
CA THR A 550 -32.56 6.59 2.73
C THR A 550 -32.50 6.65 1.20
N ASN A 551 -33.64 6.73 0.52
CA ASN A 551 -33.66 6.78 -0.94
C ASN A 551 -33.04 8.04 -1.51
N MET A 552 -32.75 9.04 -0.68
CA MET A 552 -32.14 10.28 -1.13
C MET A 552 -30.73 10.07 -1.67
N LEU A 553 -30.08 8.95 -1.34
CA LEU A 553 -28.72 8.67 -1.81
C LEU A 553 -28.66 8.35 -3.30
N TYR A 554 -29.81 8.20 -3.96
CA TYR A 554 -29.82 7.99 -5.41
C TYR A 554 -29.19 9.17 -6.15
N TYR A 555 -29.33 10.37 -5.61
CA TYR A 555 -28.93 11.59 -6.30
C TYR A 555 -27.46 11.94 -6.12
N THR A 556 -26.67 11.09 -5.45
CA THR A 556 -25.23 11.29 -5.42
C THR A 556 -24.60 11.18 -6.81
N ARG A 557 -25.21 10.40 -7.71
CA ARG A 557 -24.85 10.52 -9.11
C ARG A 557 -25.26 11.90 -9.62
N GLY A 558 -24.43 12.47 -10.48
CA GLY A 558 -24.56 13.86 -10.84
C GLY A 558 -23.55 14.76 -10.16
N PHE A 559 -22.80 14.24 -9.20
CA PHE A 559 -21.65 14.90 -8.61
C PHE A 559 -20.51 13.88 -8.61
N GLN A 560 -19.35 14.27 -9.14
CA GLN A 560 -18.29 13.31 -9.39
C GLN A 560 -17.76 12.68 -8.09
N GLN A 561 -17.38 13.52 -7.12
CA GLN A 561 -16.79 12.99 -5.89
C GLN A 561 -17.79 12.18 -5.08
N MET A 562 -19.01 12.69 -4.94
CA MET A 562 -20.05 11.95 -4.23
C MET A 562 -20.40 10.65 -4.95
N GLY A 563 -20.42 10.67 -6.29
CA GLY A 563 -20.72 9.46 -7.03
C GLY A 563 -19.66 8.38 -6.87
N ILE A 564 -18.37 8.78 -6.91
CA ILE A 564 -17.30 7.83 -6.68
C ILE A 564 -17.37 7.27 -5.26
N TYR A 565 -17.66 8.14 -4.29
CA TYR A 565 -17.84 7.69 -2.91
C TYR A 565 -18.96 6.65 -2.79
N ALA A 566 -20.09 6.91 -3.46
CA ALA A 566 -21.21 5.96 -3.41
C ALA A 566 -20.85 4.63 -4.06
N VAL A 567 -20.13 4.66 -5.17
CA VAL A 567 -19.69 3.43 -5.82
C VAL A 567 -18.79 2.63 -4.89
N MET A 568 -17.87 3.31 -4.20
CA MET A 568 -17.01 2.63 -3.25
C MET A 568 -17.81 2.00 -2.11
N ILE A 569 -18.80 2.71 -1.59
CA ILE A 569 -19.64 2.17 -0.53
C ILE A 569 -20.33 0.89 -1.00
N GLU A 570 -20.87 0.91 -2.22
CA GLU A 570 -21.53 -0.28 -2.76
C GLU A 570 -20.55 -1.44 -2.88
N LYS A 571 -19.33 -1.17 -3.35
CA LYS A 571 -18.33 -2.23 -3.47
C LYS A 571 -18.00 -2.87 -2.12
N MET A 572 -17.78 -2.04 -1.09
CA MET A 572 -17.48 -2.63 0.22
C MET A 572 -18.64 -3.43 0.78
N ILE A 573 -19.86 -2.92 0.60
CA ILE A 573 -21.03 -3.69 1.06
C ILE A 573 -21.07 -5.05 0.38
N LEU A 574 -20.81 -5.10 -0.92
CA LEU A 574 -20.86 -6.37 -1.63
C LEU A 574 -19.68 -7.30 -1.35
N ARG A 575 -18.53 -6.77 -0.96
CA ARG A 575 -17.35 -7.61 -0.81
C ARG A 575 -17.08 -8.06 0.62
N ASP A 576 -17.26 -7.21 1.62
CA ASP A 576 -16.77 -7.53 2.97
C ASP A 576 -17.87 -7.85 3.97
N LEU A 577 -18.99 -7.12 3.91
CA LEU A 577 -19.99 -7.17 4.98
C LEU A 577 -20.66 -8.54 5.06
N CYS A 578 -20.90 -9.19 3.92
CA CYS A 578 -21.62 -10.46 3.93
C CYS A 578 -20.82 -11.55 4.64
N ARG A 579 -19.53 -11.66 4.30
CA ARG A 579 -18.66 -12.64 4.96
C ARG A 579 -18.50 -12.33 6.44
N PHE A 580 -18.28 -11.05 6.77
CA PHE A 580 -18.19 -10.67 8.17
C PHE A 580 -19.44 -11.06 8.92
N MET A 581 -20.61 -10.84 8.31
CA MET A 581 -21.88 -11.13 8.98
C MET A 581 -22.07 -12.62 9.20
N PHE A 582 -21.68 -13.45 8.22
CA PHE A 582 -21.80 -14.89 8.41
C PHE A 582 -20.98 -15.35 9.63
N VAL A 583 -19.70 -14.97 9.66
CA VAL A 583 -18.85 -15.42 10.77
C VAL A 583 -19.35 -14.85 12.10
N TYR A 584 -19.72 -13.56 12.10
CA TYR A 584 -20.17 -12.90 13.32
C TYR A 584 -21.43 -13.54 13.88
N ILE A 585 -22.39 -13.86 13.00
CA ILE A 585 -23.64 -14.46 13.47
C ILE A 585 -23.38 -15.86 14.02
N VAL A 586 -22.48 -16.61 13.39
CA VAL A 586 -22.14 -17.92 13.95
C VAL A 586 -21.63 -17.78 15.38
N PHE A 587 -20.66 -16.89 15.58
CA PHE A 587 -20.08 -16.73 16.92
C PHE A 587 -21.12 -16.26 17.93
N LEU A 588 -21.91 -15.26 17.56
CA LEU A 588 -22.88 -14.68 18.48
C LEU A 588 -23.92 -15.71 18.89
N PHE A 589 -24.48 -16.44 17.93
CA PHE A 589 -25.52 -17.41 18.26
C PHE A 589 -24.98 -18.53 19.12
N GLY A 590 -23.79 -19.06 18.79
CA GLY A 590 -23.26 -20.15 19.59
C GLY A 590 -23.00 -19.77 21.03
N PHE A 591 -22.33 -18.63 21.23
CA PHE A 591 -22.01 -18.23 22.60
C PHE A 591 -23.24 -17.79 23.36
N SER A 592 -24.24 -17.22 22.68
CA SER A 592 -25.46 -16.84 23.37
C SER A 592 -26.25 -18.06 23.83
N THR A 593 -26.32 -19.11 23.01
CA THR A 593 -26.99 -20.33 23.47
C THR A 593 -26.27 -20.95 24.66
N ALA A 594 -24.94 -20.98 24.62
CA ALA A 594 -24.21 -21.52 25.77
C ALA A 594 -24.48 -20.71 27.04
N VAL A 595 -24.40 -19.38 26.95
CA VAL A 595 -24.59 -18.53 28.13
C VAL A 595 -26.01 -18.68 28.67
N VAL A 596 -27.01 -18.69 27.79
CA VAL A 596 -28.39 -18.80 28.27
C VAL A 596 -28.68 -20.18 28.86
N THR A 597 -28.04 -21.24 28.36
CA THR A 597 -28.21 -22.55 28.99
C THR A 597 -27.58 -22.56 30.39
N LEU A 598 -26.48 -21.83 30.59
CA LEU A 598 -25.90 -21.77 31.92
C LEU A 598 -26.79 -21.02 32.92
N ILE A 599 -27.49 -19.97 32.46
CA ILE A 599 -28.24 -19.13 33.38
C ILE A 599 -29.43 -19.87 33.96
N GLU A 600 -29.68 -19.67 35.25
CA GLU A 600 -30.77 -20.33 35.97
C GLU A 600 -31.65 -19.30 36.64
N ASP A 601 -32.94 -19.36 36.32
CA ASP A 601 -33.96 -18.39 36.72
C ASP A 601 -33.45 -16.95 36.82
N SER A 627 -34.38 -10.41 34.80
CA SER A 627 -34.36 -11.78 34.33
C SER A 627 -33.80 -11.88 32.93
N TYR A 628 -32.72 -12.65 32.77
CA TYR A 628 -32.08 -12.84 31.47
C TYR A 628 -32.21 -14.28 30.99
N ASN A 629 -33.13 -15.04 31.56
CA ASN A 629 -33.31 -16.44 31.17
C ASN A 629 -34.17 -16.52 29.91
N SER A 630 -33.79 -15.76 28.89
CA SER A 630 -34.45 -15.77 27.59
C SER A 630 -33.36 -15.70 26.52
N LEU A 631 -33.62 -16.31 25.37
CA LEU A 631 -32.64 -16.27 24.29
C LEU A 631 -32.56 -14.88 23.69
N TYR A 632 -33.68 -14.17 23.61
CA TYR A 632 -33.68 -12.81 23.06
C TYR A 632 -32.93 -11.85 23.98
N SER A 633 -33.14 -11.97 25.29
CA SER A 633 -32.46 -11.08 26.23
C SER A 633 -30.96 -11.29 26.24
N THR A 634 -30.50 -12.54 26.15
CA THR A 634 -29.07 -12.82 26.22
C THR A 634 -28.37 -12.47 24.92
N CYS A 635 -29.06 -12.58 23.78
CA CYS A 635 -28.48 -12.17 22.51
C CYS A 635 -28.23 -10.67 22.47
N LEU A 636 -29.13 -9.88 23.06
CA LEU A 636 -28.97 -8.43 23.06
C LEU A 636 -27.84 -7.99 23.99
N GLU A 637 -27.65 -8.70 25.11
CA GLU A 637 -26.55 -8.38 26.02
C GLU A 637 -25.21 -8.62 25.35
N LEU A 638 -25.07 -9.71 24.59
CA LEU A 638 -23.81 -10.00 23.93
C LEU A 638 -23.57 -9.09 22.72
N PHE A 639 -24.63 -8.59 22.10
CA PHE A 639 -24.47 -7.67 20.98
C PHE A 639 -23.94 -6.31 21.43
N LYS A 640 -24.16 -5.95 22.70
CA LYS A 640 -23.72 -4.64 23.19
C LYS A 640 -22.20 -4.54 23.27
N PHE A 641 -21.50 -5.67 23.36
CA PHE A 641 -20.04 -5.64 23.37
C PHE A 641 -19.48 -5.09 22.07
N THR A 642 -20.24 -5.19 20.98
CA THR A 642 -19.76 -4.76 19.67
C THR A 642 -19.77 -3.24 19.55
N ILE A 643 -20.65 -2.57 20.29
CA ILE A 643 -20.81 -1.13 20.18
C ILE A 643 -20.20 -0.40 21.39
N GLY A 644 -19.38 -1.08 22.17
CA GLY A 644 -18.72 -0.45 23.29
C GLY A 644 -19.54 -0.29 24.53
N MET A 645 -20.50 -1.19 24.79
CA MET A 645 -21.41 -1.06 25.93
C MET A 645 -21.62 -2.38 26.66
N GLY A 646 -20.62 -3.27 26.61
CA GLY A 646 -20.79 -4.59 27.22
C GLY A 646 -20.64 -4.54 28.73
N ASP A 647 -21.60 -5.15 29.43
CA ASP A 647 -21.64 -5.06 30.89
C ASP A 647 -20.59 -5.96 31.54
N LEU A 648 -20.48 -7.21 31.06
CA LEU A 648 -19.50 -8.19 31.54
C LEU A 648 -19.86 -8.71 32.93
N GLU A 649 -20.87 -8.11 33.56
CA GLU A 649 -21.40 -8.55 34.85
C GLU A 649 -22.92 -8.41 34.89
N PHE A 650 -23.58 -8.61 33.74
CA PHE A 650 -24.98 -8.19 33.62
C PHE A 650 -25.92 -9.04 34.47
N THR A 651 -25.52 -10.27 34.80
CA THR A 651 -26.36 -11.15 35.60
C THR A 651 -25.50 -11.89 36.61
N GLU A 652 -26.17 -12.45 37.61
CA GLU A 652 -25.52 -13.25 38.64
C GLU A 652 -26.33 -14.48 39.00
N ASN A 653 -27.38 -14.80 38.25
CA ASN A 653 -28.25 -15.94 38.54
C ASN A 653 -27.69 -17.19 37.87
N TYR A 654 -26.62 -17.71 38.44
CA TYR A 654 -26.01 -18.92 37.93
C TYR A 654 -25.24 -19.58 39.08
N ASP A 655 -24.93 -20.85 38.86
CA ASP A 655 -23.82 -21.48 39.55
C ASP A 655 -22.60 -21.43 38.64
N PHE A 656 -21.45 -21.85 39.16
CA PHE A 656 -20.24 -21.99 38.36
C PHE A 656 -19.83 -20.66 37.74
N LYS A 657 -19.46 -19.72 38.62
CA LYS A 657 -19.07 -18.39 38.17
C LYS A 657 -17.85 -18.42 37.26
N ALA A 658 -16.94 -19.37 37.47
CA ALA A 658 -15.75 -19.44 36.63
C ALA A 658 -16.12 -19.78 35.18
N VAL A 659 -17.17 -20.57 34.98
CA VAL A 659 -17.62 -20.89 33.63
C VAL A 659 -18.17 -19.66 32.94
N PHE A 660 -18.91 -18.82 33.68
CA PHE A 660 -19.51 -17.64 33.09
C PHE A 660 -18.46 -16.66 32.57
N ILE A 661 -17.37 -16.47 33.33
CA ILE A 661 -16.36 -15.50 32.94
C ILE A 661 -15.52 -16.01 31.78
N ILE A 662 -15.20 -17.30 31.78
CA ILE A 662 -14.40 -17.87 30.70
C ILE A 662 -15.14 -17.79 29.37
N LEU A 663 -16.46 -18.03 29.39
CA LEU A 663 -17.25 -17.95 28.17
C LEU A 663 -17.31 -16.51 27.63
N LEU A 664 -17.49 -15.54 28.51
CA LEU A 664 -17.59 -14.15 28.06
C LEU A 664 -16.25 -13.62 27.58
N LEU A 665 -15.15 -14.02 28.24
CA LEU A 665 -13.84 -13.54 27.83
C LEU A 665 -13.42 -14.13 26.49
N ALA A 666 -13.80 -15.39 26.22
CA ALA A 666 -13.47 -15.99 24.93
C ALA A 666 -14.25 -15.34 23.81
N TYR A 667 -15.52 -15.00 24.06
CA TYR A 667 -16.33 -14.32 23.05
C TYR A 667 -15.79 -12.92 22.74
N VAL A 668 -15.31 -12.22 23.76
CA VAL A 668 -14.82 -10.85 23.57
C VAL A 668 -13.54 -10.84 22.74
N ILE A 669 -12.63 -11.76 23.04
CA ILE A 669 -11.36 -11.78 22.32
C ILE A 669 -11.56 -12.15 20.86
N LEU A 670 -12.48 -13.07 20.58
CA LEU A 670 -12.67 -13.55 19.21
C LEU A 670 -13.35 -12.52 18.32
N THR A 671 -14.34 -11.80 18.84
CA THR A 671 -15.16 -10.91 18.01
C THR A 671 -14.72 -9.46 18.07
N TYR A 672 -14.28 -8.98 19.23
CA TYR A 672 -13.98 -7.56 19.40
C TYR A 672 -12.53 -7.25 19.03
N ILE A 673 -11.59 -7.95 19.68
CA ILE A 673 -10.18 -7.67 19.44
C ILE A 673 -9.74 -8.19 18.08
N LEU A 674 -10.32 -9.31 17.63
CA LEU A 674 -9.83 -9.96 16.42
C LEU A 674 -10.68 -9.65 15.19
N LEU A 675 -11.97 -9.98 15.22
CA LEU A 675 -12.77 -9.94 14.00
C LEU A 675 -13.09 -8.50 13.57
N LEU A 676 -13.40 -7.63 14.53
CA LEU A 676 -13.77 -6.27 14.18
C LEU A 676 -12.57 -5.47 13.67
N ASN A 677 -11.40 -5.67 14.26
CA ASN A 677 -10.21 -4.99 13.79
C ASN A 677 -9.74 -5.55 12.45
N MET A 678 -10.03 -6.82 12.19
CA MET A 678 -9.72 -7.42 10.90
C MET A 678 -10.56 -6.85 9.77
N LEU A 679 -11.79 -6.44 10.05
CA LEU A 679 -12.64 -5.86 9.01
C LEU A 679 -12.09 -4.54 8.51
N ILE A 680 -11.51 -3.73 9.41
CA ILE A 680 -10.89 -2.48 9.01
C ILE A 680 -9.70 -2.73 8.09
N ALA A 681 -8.90 -3.75 8.40
CA ALA A 681 -7.76 -4.08 7.56
C ALA A 681 -8.18 -4.59 6.19
N LEU A 682 -9.27 -5.35 6.13
CA LEU A 682 -9.75 -5.87 4.84
C LEU A 682 -10.41 -4.79 3.99
N MET A 683 -11.03 -3.80 4.64
CA MET A 683 -11.59 -2.67 3.90
C MET A 683 -10.49 -1.88 3.19
N GLY A 684 -9.35 -1.70 3.86
CA GLY A 684 -8.28 -0.93 3.27
C GLY A 684 -7.70 -1.57 2.02
N GLU A 685 -7.70 -2.91 1.98
CA GLU A 685 -7.22 -3.60 0.78
C GLU A 685 -8.20 -3.45 -0.37
N THR A 686 -9.50 -3.42 -0.09
CA THR A 686 -10.49 -3.22 -1.16
C THR A 686 -10.37 -1.83 -1.76
N VAL A 687 -10.19 -0.80 -0.93
CA VAL A 687 -10.09 0.57 -1.43
C VAL A 687 -8.88 0.72 -2.34
N ASN A 688 -7.77 0.06 -1.99
CA ASN A 688 -6.55 0.17 -2.77
C ASN A 688 -6.72 -0.39 -4.18
N LYS A 689 -7.53 -1.44 -4.33
CA LYS A 689 -7.62 -2.12 -5.61
C LYS A 689 -8.67 -1.51 -6.52
N ILE A 690 -9.73 -0.92 -5.95
CA ILE A 690 -10.85 -0.44 -6.77
C ILE A 690 -10.82 1.07 -6.99
N ALA A 691 -9.86 1.79 -6.40
CA ALA A 691 -9.89 3.24 -6.45
C ALA A 691 -9.70 3.77 -7.86
N GLN A 692 -8.77 3.19 -8.61
CA GLN A 692 -8.44 3.71 -9.93
C GLN A 692 -9.62 3.58 -10.89
N GLU A 693 -10.34 2.45 -10.84
CA GLU A 693 -11.40 2.20 -11.81
C GLU A 693 -12.71 2.88 -11.45
N SER A 694 -12.87 3.34 -10.20
CA SER A 694 -14.19 3.79 -9.74
C SER A 694 -14.70 5.01 -10.49
N LYS A 695 -13.82 5.80 -11.10
CA LYS A 695 -14.27 6.92 -11.92
C LYS A 695 -15.02 6.45 -13.15
N ASN A 696 -14.80 5.21 -13.59
CA ASN A 696 -15.46 4.69 -14.78
C ASN A 696 -16.79 4.01 -14.49
N ILE A 697 -16.95 3.43 -13.30
CA ILE A 697 -18.25 2.89 -12.92
C ILE A 697 -19.26 4.02 -12.71
N TRP A 698 -18.80 5.13 -12.12
CA TRP A 698 -19.69 6.28 -11.94
C TRP A 698 -20.18 6.82 -13.27
N LYS A 699 -19.30 6.86 -14.27
CA LYS A 699 -19.67 7.38 -15.58
C LYS A 699 -20.67 6.47 -16.29
N LEU A 700 -20.61 5.17 -16.03
CA LEU A 700 -21.63 4.26 -16.55
C LEU A 700 -22.98 4.50 -15.87
N GLN A 701 -22.97 4.75 -14.56
CA GLN A 701 -24.22 5.02 -13.84
C GLN A 701 -24.88 6.30 -14.35
N ARG A 702 -24.08 7.33 -14.63
CA ARG A 702 -24.64 8.58 -15.12
C ARG A 702 -25.13 8.47 -16.56
N ALA A 703 -24.50 7.59 -17.35
CA ALA A 703 -24.94 7.39 -18.73
C ALA A 703 -26.35 6.79 -18.79
N ILE A 704 -26.66 5.90 -17.85
CA ILE A 704 -28.01 5.33 -17.79
C ILE A 704 -29.03 6.40 -17.42
N THR A 705 -28.64 7.33 -16.55
CA THR A 705 -29.52 8.44 -16.20
C THR A 705 -29.78 9.32 -17.41
N ILE A 706 -28.76 9.58 -18.23
CA ILE A 706 -28.91 10.45 -19.40
C ILE A 706 -29.88 9.85 -20.40
N LEU A 707 -29.78 8.53 -20.63
CA LEU A 707 -30.68 7.90 -21.59
C LEU A 707 -32.11 7.84 -21.08
N ASP A 708 -32.29 7.60 -19.77
CA ASP A 708 -33.63 7.54 -19.21
C ASP A 708 -34.34 8.88 -19.28
N THR A 709 -33.62 9.97 -19.00
CA THR A 709 -34.22 11.30 -19.06
C THR A 709 -34.69 11.63 -20.47
N GLU A 710 -33.90 11.25 -21.48
CA GLU A 710 -34.23 11.58 -22.86
C GLU A 710 -35.54 10.92 -23.29
N LYS A 711 -35.73 9.65 -22.92
CA LYS A 711 -36.93 8.93 -23.34
C LYS A 711 -38.16 9.43 -22.60
N SER A 712 -38.00 9.81 -21.33
CA SER A 712 -39.16 10.13 -20.51
C SER A 712 -39.62 11.56 -20.68
N PHE A 713 -38.73 12.53 -20.51
CA PHE A 713 -39.13 13.93 -20.44
C PHE A 713 -39.69 14.44 -21.76
N LEU A 714 -38.87 14.47 -22.80
CA LEU A 714 -39.30 15.03 -24.08
C LEU A 714 -40.44 14.21 -24.67
N LYS A 715 -40.15 12.96 -25.06
CA LYS A 715 -41.13 11.92 -25.38
C LYS A 715 -42.14 12.31 -26.45
N CYS A 716 -41.99 13.47 -27.06
CA CYS A 716 -42.96 13.83 -28.10
C CYS A 716 -42.32 14.31 -29.39
N MET A 717 -41.22 15.06 -29.32
CA MET A 717 -40.58 15.51 -30.55
C MET A 717 -39.22 14.88 -30.77
N ARG A 718 -38.40 14.76 -29.72
CA ARG A 718 -37.02 14.30 -29.83
C ARG A 718 -36.25 15.13 -30.86
N LYS A 719 -36.41 16.45 -30.77
CA LYS A 719 -35.80 17.38 -31.71
C LYS A 719 -34.92 18.43 -31.05
N ALA A 720 -35.27 18.89 -29.85
CA ALA A 720 -34.47 19.89 -29.16
C ALA A 720 -33.18 19.33 -28.58
N PHE A 721 -33.07 18.00 -28.48
CA PHE A 721 -31.92 17.36 -27.84
C PHE A 721 -30.95 16.76 -28.86
N ARG A 722 -31.23 16.90 -30.16
CA ARG A 722 -30.41 16.30 -31.19
C ARG A 722 -28.95 16.77 -31.11
N SER A 723 -28.02 15.84 -31.10
CA SER A 723 -26.61 16.17 -31.05
C SER A 723 -26.03 16.29 -32.45
N GLY A 724 -25.03 17.16 -32.59
CA GLY A 724 -24.42 17.38 -33.88
C GLY A 724 -25.31 18.17 -34.81
N LYS A 725 -24.93 18.16 -36.08
CA LYS A 725 -25.67 18.90 -37.11
C LYS A 725 -25.38 18.27 -38.46
N LEU A 726 -26.30 18.48 -39.40
CA LEU A 726 -26.10 18.01 -40.77
C LEU A 726 -24.97 18.80 -41.41
N LEU A 727 -23.99 18.10 -41.95
CA LEU A 727 -22.83 18.74 -42.56
C LEU A 727 -22.35 17.90 -43.74
N GLN A 728 -21.72 18.57 -44.70
CA GLN A 728 -21.22 17.90 -45.90
C GLN A 728 -19.82 17.36 -45.65
N VAL A 729 -19.61 16.09 -45.96
CA VAL A 729 -18.33 15.44 -45.73
C VAL A 729 -17.69 14.89 -47.00
N GLY A 730 -18.49 14.55 -48.01
CA GLY A 730 -17.91 13.97 -49.22
C GLY A 730 -18.90 13.75 -50.34
N TYR A 731 -18.68 12.70 -51.13
CA TYR A 731 -19.55 12.37 -52.25
C TYR A 731 -19.84 10.88 -52.23
N THR A 732 -21.08 10.53 -52.60
CA THR A 732 -21.44 9.13 -52.76
C THR A 732 -20.66 8.55 -53.94
N PRO A 733 -20.23 7.28 -53.87
CA PRO A 733 -19.54 6.69 -55.03
C PRO A 733 -20.38 6.70 -56.28
N ASP A 734 -21.72 6.61 -56.15
CA ASP A 734 -22.58 6.80 -57.31
C ASP A 734 -22.47 8.22 -57.86
N GLY A 735 -22.41 9.22 -56.97
CA GLY A 735 -22.28 10.60 -57.40
C GLY A 735 -23.14 11.55 -56.59
N LYS A 736 -24.03 11.00 -55.76
CA LYS A 736 -24.92 11.81 -54.95
C LYS A 736 -24.16 12.46 -53.79
N ASP A 737 -24.83 13.42 -53.15
CA ASP A 737 -24.31 14.03 -51.95
C ASP A 737 -24.81 13.29 -50.72
N ASP A 738 -23.89 12.87 -49.85
CA ASP A 738 -24.22 12.15 -48.63
C ASP A 738 -24.16 13.10 -47.44
N TYR A 739 -25.25 13.17 -46.69
CA TYR A 739 -25.36 14.05 -45.53
C TYR A 739 -25.46 13.20 -44.28
N ARG A 740 -24.58 13.46 -43.31
CA ARG A 740 -24.53 12.72 -42.06
C ARG A 740 -24.50 13.68 -40.88
N TRP A 741 -25.17 13.31 -39.79
CA TRP A 741 -25.13 14.10 -38.56
C TRP A 741 -23.76 13.95 -37.91
N CYS A 742 -22.94 14.98 -38.00
CA CYS A 742 -21.55 14.91 -37.57
C CYS A 742 -21.35 15.61 -36.23
N PHE A 743 -20.39 15.11 -35.47
CA PHE A 743 -20.02 15.67 -34.18
C PHE A 743 -18.57 16.14 -34.25
N ARG A 744 -18.35 17.44 -34.02
CA ARG A 744 -17.04 18.04 -34.16
C ARG A 744 -16.20 17.79 -32.92
N VAL A 745 -14.95 17.39 -33.13
CA VAL A 745 -14.00 17.15 -32.04
C VAL A 745 -12.68 17.82 -32.40
N ASP A 746 -12.07 18.49 -31.42
CA ASP A 746 -10.83 19.23 -31.62
C ASP A 746 -9.69 18.54 -30.88
N GLU A 747 -8.53 18.45 -31.52
CA GLU A 747 -7.35 17.86 -30.92
C GLU A 747 -6.12 18.70 -31.25
N VAL A 748 -5.11 18.61 -30.38
CA VAL A 748 -3.87 19.36 -30.52
C VAL A 748 -2.71 18.38 -30.49
N ASN A 749 -1.79 18.50 -31.44
CA ASN A 749 -0.60 17.66 -31.51
C ASN A 749 0.61 18.55 -31.79
N TRP A 750 1.45 18.75 -30.79
CA TRP A 750 2.72 19.44 -30.97
C TRP A 750 3.79 18.54 -31.53
N THR A 751 3.64 17.23 -31.41
CA THR A 751 4.55 16.24 -31.97
C THR A 751 3.99 15.75 -33.30
N THR A 752 4.86 15.10 -34.08
CA THR A 752 4.53 14.61 -35.42
C THR A 752 4.01 15.76 -36.29
N TRP A 753 4.89 16.72 -36.53
CA TRP A 753 4.56 17.87 -37.36
C TRP A 753 4.25 17.45 -38.80
N SER B 198 -13.80 40.09 -37.72
CA SER B 198 -13.56 39.80 -36.31
C SER B 198 -12.93 38.43 -36.13
N TYR B 199 -13.53 37.41 -36.76
CA TYR B 199 -13.03 36.06 -36.63
C TYR B 199 -11.64 35.92 -37.25
N TYR B 200 -11.42 36.55 -38.41
CA TYR B 200 -10.13 36.53 -39.08
C TYR B 200 -9.77 37.89 -39.66
N LYS B 201 -10.23 38.97 -39.02
CA LYS B 201 -9.96 40.30 -39.53
C LYS B 201 -8.47 40.63 -39.39
N GLY B 202 -7.95 41.39 -40.36
CA GLY B 202 -6.57 41.80 -40.36
C GLY B 202 -5.59 40.78 -40.91
N GLN B 203 -6.07 39.63 -41.37
CA GLN B 203 -5.17 38.59 -41.87
C GLN B 203 -4.52 39.03 -43.18
N THR B 204 -3.25 38.70 -43.33
CA THR B 204 -2.46 39.05 -44.52
C THR B 204 -2.07 37.78 -45.27
N ALA B 205 -1.58 37.98 -46.49
CA ALA B 205 -1.15 36.85 -47.32
C ALA B 205 0.07 36.17 -46.74
N LEU B 206 0.94 36.92 -46.05
CA LEU B 206 2.14 36.33 -45.48
C LEU B 206 1.82 35.30 -44.39
N HIS B 207 0.68 35.46 -43.71
CA HIS B 207 0.28 34.51 -42.69
C HIS B 207 0.06 33.13 -43.29
N ILE B 208 -0.56 33.06 -44.46
CA ILE B 208 -0.89 31.78 -45.07
C ILE B 208 0.37 31.03 -45.48
N ALA B 209 1.34 31.73 -46.08
CA ALA B 209 2.53 31.07 -46.58
C ALA B 209 3.36 30.44 -45.47
N ILE B 210 3.54 31.17 -44.36
CA ILE B 210 4.34 30.65 -43.26
C ILE B 210 3.63 29.49 -42.58
N GLU B 211 2.30 29.57 -42.46
CA GLU B 211 1.54 28.53 -41.78
C GLU B 211 1.69 27.18 -42.48
N ARG B 212 1.91 27.19 -43.78
CA ARG B 212 2.08 25.96 -44.54
C ARG B 212 3.50 25.40 -44.45
N ARG B 213 4.40 26.08 -43.74
CA ARG B 213 5.76 25.60 -43.48
C ARG B 213 6.51 25.33 -44.79
N ASN B 214 6.48 26.32 -45.67
CA ASN B 214 7.18 26.26 -46.95
C ASN B 214 8.22 27.37 -46.98
N MET B 215 9.50 26.99 -46.90
CA MET B 215 10.58 27.97 -46.85
C MET B 215 10.67 28.77 -48.15
N ALA B 216 10.48 28.13 -49.30
CA ALA B 216 10.57 28.83 -50.57
C ALA B 216 9.38 29.77 -50.77
N LEU B 217 8.20 29.37 -50.30
CA LEU B 217 7.00 30.18 -50.53
C LEU B 217 7.05 31.49 -49.76
N VAL B 218 7.46 31.45 -48.48
CA VAL B 218 7.56 32.68 -47.71
C VAL B 218 8.67 33.58 -48.25
N THR B 219 9.74 32.98 -48.78
CA THR B 219 10.82 33.76 -49.36
C THR B 219 10.32 34.65 -50.49
N LEU B 220 9.34 34.15 -51.26
CA LEU B 220 8.79 34.94 -52.36
C LEU B 220 8.07 36.18 -51.85
N LEU B 221 7.19 36.03 -50.86
CA LEU B 221 6.39 37.15 -50.40
C LEU B 221 7.22 38.15 -49.61
N VAL B 222 8.16 37.66 -48.79
CA VAL B 222 9.03 38.56 -48.03
C VAL B 222 9.86 39.41 -48.98
N GLU B 223 10.31 38.81 -50.08
CA GLU B 223 11.03 39.58 -51.09
C GLU B 223 10.14 40.60 -51.77
N ASN B 224 8.86 40.30 -51.93
CA ASN B 224 7.91 41.15 -52.64
C ASN B 224 7.63 42.46 -51.93
N GLY B 225 8.03 42.60 -50.67
CA GLY B 225 7.77 43.81 -49.92
C GLY B 225 6.48 43.83 -49.14
N ALA B 226 5.84 42.67 -48.97
CA ALA B 226 4.65 42.59 -48.14
C ALA B 226 4.98 42.95 -46.70
N ASP B 227 4.07 43.66 -46.05
CA ASP B 227 4.31 44.10 -44.68
C ASP B 227 4.48 42.92 -43.75
N VAL B 228 5.53 42.96 -42.93
CA VAL B 228 5.81 41.91 -41.95
C VAL B 228 5.29 42.39 -40.59
N GLN B 229 5.06 43.70 -40.47
CA GLN B 229 4.57 44.29 -39.24
C GLN B 229 3.05 44.38 -39.20
N ALA B 230 2.36 43.87 -40.22
CA ALA B 230 0.91 43.86 -40.20
C ALA B 230 0.40 42.78 -39.26
N ALA B 231 -0.49 43.15 -38.35
CA ALA B 231 -1.01 42.26 -37.33
C ALA B 231 -2.42 41.81 -37.67
N ALA B 232 -2.68 40.51 -37.52
CA ALA B 232 -4.01 39.95 -37.74
C ALA B 232 -4.69 39.82 -36.38
N HIS B 233 -5.43 40.87 -36.00
CA HIS B 233 -6.09 40.90 -34.70
C HIS B 233 -7.42 40.18 -34.75
N GLY B 234 -7.40 38.87 -35.00
CA GLY B 234 -8.62 38.07 -35.01
C GLY B 234 -8.78 37.33 -33.70
N ASP B 235 -10.04 37.17 -33.27
CA ASP B 235 -10.32 36.45 -32.04
C ASP B 235 -9.90 34.98 -32.15
N PHE B 236 -9.94 34.42 -33.36
CA PHE B 236 -9.46 33.06 -33.57
C PHE B 236 -7.98 32.93 -33.24
N PHE B 237 -7.20 34.00 -33.46
CA PHE B 237 -5.78 33.99 -33.15
C PHE B 237 -5.49 34.42 -31.71
N LYS B 238 -6.49 34.89 -30.98
CA LYS B 238 -6.31 35.31 -29.60
C LYS B 238 -6.47 34.11 -28.67
N LYS B 239 -6.44 34.38 -27.36
CA LYS B 239 -6.63 33.32 -26.37
C LYS B 239 -8.02 32.72 -26.51
N THR B 240 -9.04 33.54 -26.22
CA THR B 240 -10.45 33.16 -26.37
C THR B 240 -10.72 31.77 -25.77
N LYS B 241 -10.58 31.70 -24.44
CA LYS B 241 -10.70 30.43 -23.74
C LYS B 241 -12.06 29.77 -23.95
N GLY B 242 -13.10 30.55 -24.22
CA GLY B 242 -14.42 30.00 -24.44
C GLY B 242 -14.70 29.49 -25.83
N ARG B 243 -13.74 29.58 -26.75
CA ARG B 243 -13.92 29.16 -28.12
C ARG B 243 -12.68 28.40 -28.59
N PRO B 244 -12.82 27.48 -29.52
CA PRO B 244 -11.65 26.82 -30.09
C PRO B 244 -10.82 27.78 -30.93
N GLY B 245 -9.51 27.54 -30.95
CA GLY B 245 -8.62 28.38 -31.73
C GLY B 245 -7.17 28.10 -31.38
N PHE B 246 -6.31 29.02 -31.83
CA PHE B 246 -4.87 28.91 -31.60
C PHE B 246 -4.27 30.29 -31.46
N TYR B 247 -3.32 30.44 -30.54
CA TYR B 247 -2.61 31.69 -30.32
C TYR B 247 -1.17 31.54 -30.79
N PHE B 248 -0.67 32.55 -31.51
CA PHE B 248 0.70 32.51 -32.02
C PHE B 248 1.49 33.79 -31.80
N GLY B 249 0.86 34.88 -31.40
CA GLY B 249 1.57 36.12 -31.13
C GLY B 249 1.13 37.31 -31.97
N GLU B 250 0.13 37.16 -32.83
CA GLU B 250 -0.46 38.26 -33.59
C GLU B 250 0.57 38.96 -34.49
N LEU B 251 1.56 38.21 -34.96
CA LEU B 251 2.59 38.77 -35.84
C LEU B 251 3.20 37.66 -36.67
N PRO B 252 3.46 37.91 -37.96
CA PRO B 252 4.11 36.87 -38.79
C PRO B 252 5.48 36.47 -38.28
N LEU B 253 6.23 37.39 -37.70
CA LEU B 253 7.55 37.05 -37.17
C LEU B 253 7.46 36.04 -36.05
N SER B 254 6.47 36.21 -35.15
CA SER B 254 6.28 35.24 -34.08
C SER B 254 5.75 33.91 -34.60
N LEU B 255 5.03 33.93 -35.73
CA LEU B 255 4.45 32.70 -36.27
C LEU B 255 5.54 31.69 -36.63
N ALA B 256 6.61 32.15 -37.26
CA ALA B 256 7.72 31.25 -37.58
C ALA B 256 8.40 30.75 -36.31
N ALA B 257 8.53 31.62 -35.30
CA ALA B 257 9.17 31.23 -34.05
C ALA B 257 8.38 30.15 -33.32
N CYS B 258 7.06 30.29 -33.26
CA CYS B 258 6.22 29.33 -32.56
C CYS B 258 6.03 28.04 -33.33
N THR B 259 6.40 28.00 -34.62
CA THR B 259 6.23 26.83 -35.46
C THR B 259 7.56 26.14 -35.75
N ASN B 260 8.61 26.47 -34.99
CA ASN B 260 9.94 25.87 -35.16
C ASN B 260 10.53 26.17 -36.53
N GLN B 261 10.18 27.31 -37.11
CA GLN B 261 10.73 27.73 -38.40
C GLN B 261 11.99 28.59 -38.17
N LEU B 262 13.07 27.90 -37.82
CA LEU B 262 14.32 28.61 -37.54
C LEU B 262 14.88 29.27 -38.79
N GLY B 263 14.85 28.56 -39.93
CA GLY B 263 15.41 29.12 -41.14
C GLY B 263 14.67 30.36 -41.62
N ILE B 264 13.34 30.35 -41.52
CA ILE B 264 12.56 31.53 -41.85
C ILE B 264 12.87 32.68 -40.90
N VAL B 265 12.99 32.38 -39.60
CA VAL B 265 13.25 33.43 -38.61
C VAL B 265 14.59 34.10 -38.91
N LYS B 266 15.62 33.31 -39.19
CA LYS B 266 16.91 33.88 -39.58
C LYS B 266 16.79 34.67 -40.88
N PHE B 267 16.01 34.17 -41.84
CA PHE B 267 15.79 34.90 -43.08
C PHE B 267 15.07 36.22 -42.83
N LEU B 268 14.08 36.22 -41.95
CA LEU B 268 13.27 37.41 -41.70
C LEU B 268 14.06 38.55 -41.05
N LEU B 269 15.22 38.27 -40.47
CA LEU B 269 15.91 39.25 -39.64
C LEU B 269 17.22 39.74 -40.22
N GLN B 270 18.07 38.86 -40.76
CA GLN B 270 19.39 39.24 -41.23
C GLN B 270 19.44 39.36 -42.75
N ASN B 271 18.30 39.52 -43.40
CA ASN B 271 18.25 39.74 -44.84
C ASN B 271 18.54 41.21 -45.15
N SER B 272 18.32 41.62 -46.39
CA SER B 272 18.51 43.01 -46.80
C SER B 272 17.25 43.68 -47.29
N TRP B 273 16.30 42.93 -47.87
CA TRP B 273 15.09 43.52 -48.40
C TRP B 273 14.25 44.16 -47.30
N GLN B 274 13.78 43.33 -46.36
CA GLN B 274 12.95 43.83 -45.26
C GLN B 274 13.31 43.05 -44.00
N THR B 275 13.80 43.77 -42.99
CA THR B 275 14.14 43.18 -41.71
C THR B 275 12.97 43.34 -40.75
N ALA B 276 12.46 42.22 -40.25
CA ALA B 276 11.33 42.26 -39.33
C ALA B 276 11.73 42.93 -38.02
N ASP B 277 10.75 43.58 -37.40
CA ASP B 277 10.96 44.26 -36.12
C ASP B 277 11.00 43.23 -35.00
N ILE B 278 12.19 43.01 -34.43
CA ILE B 278 12.33 42.05 -33.35
C ILE B 278 11.74 42.56 -32.04
N SER B 279 11.43 43.86 -31.97
CA SER B 279 10.86 44.46 -30.76
C SER B 279 9.41 44.89 -30.95
N ALA B 280 8.75 44.43 -32.01
CA ALA B 280 7.39 44.85 -32.29
C ALA B 280 6.42 44.27 -31.26
N ARG B 281 5.48 45.11 -30.82
CA ARG B 281 4.47 44.72 -29.86
C ARG B 281 3.10 44.79 -30.51
N ASP B 282 2.26 43.79 -30.23
CA ASP B 282 0.92 43.73 -30.81
C ASP B 282 -0.04 44.53 -29.94
N SER B 283 -1.34 44.39 -30.20
CA SER B 283 -2.35 45.16 -29.48
C SER B 283 -2.31 44.86 -27.99
N VAL B 284 -2.21 43.57 -27.63
CA VAL B 284 -2.11 43.18 -26.23
C VAL B 284 -0.76 43.54 -25.64
N GLY B 285 0.24 43.82 -26.47
CA GLY B 285 1.57 44.16 -26.02
C GLY B 285 2.55 43.01 -25.98
N ASN B 286 2.14 41.82 -26.40
CA ASN B 286 3.01 40.65 -26.34
C ASN B 286 4.11 40.75 -27.39
N THR B 287 5.35 40.77 -26.95
CA THR B 287 6.48 40.69 -27.87
C THR B 287 6.63 39.25 -28.35
N VAL B 288 7.60 39.02 -29.24
CA VAL B 288 7.88 37.67 -29.69
C VAL B 288 8.34 36.80 -28.53
N LEU B 289 9.13 37.37 -27.62
CA LEU B 289 9.55 36.63 -26.43
C LEU B 289 8.37 36.32 -25.52
N HIS B 290 7.42 37.25 -25.39
CA HIS B 290 6.21 36.99 -24.62
C HIS B 290 5.39 35.87 -25.24
N ALA B 291 5.25 35.88 -26.57
CA ALA B 291 4.43 34.87 -27.24
C ALA B 291 5.06 33.48 -27.12
N LEU B 292 6.39 33.42 -27.02
CA LEU B 292 7.05 32.12 -26.88
C LEU B 292 6.72 31.46 -25.55
N VAL B 293 6.48 32.26 -24.50
CA VAL B 293 6.15 31.70 -23.20
C VAL B 293 4.74 31.09 -23.22
N GLU B 294 3.78 31.78 -23.84
CA GLU B 294 2.41 31.30 -23.84
C GLU B 294 2.22 30.09 -24.76
N VAL B 295 3.13 29.88 -25.70
CA VAL B 295 3.06 28.70 -26.54
C VAL B 295 3.44 27.45 -25.75
N ALA B 296 4.43 27.56 -24.87
CA ALA B 296 4.89 26.41 -24.10
C ALA B 296 3.78 25.90 -23.19
N ASP B 297 3.72 24.58 -23.03
CA ASP B 297 2.71 23.95 -22.17
C ASP B 297 3.32 22.91 -21.23
N ASN B 298 4.64 22.99 -20.99
CA ASN B 298 5.38 22.18 -20.03
C ASN B 298 5.47 20.72 -20.41
N THR B 299 4.89 20.31 -21.54
CA THR B 299 4.94 18.90 -21.89
C THR B 299 6.35 18.51 -22.29
N ALA B 300 6.63 17.20 -22.25
CA ALA B 300 8.00 16.71 -22.27
C ALA B 300 8.75 17.15 -23.53
N ASP B 301 8.04 17.27 -24.66
CA ASP B 301 8.71 17.57 -25.91
C ASP B 301 8.75 19.08 -26.19
N ASN B 302 7.72 19.81 -25.74
CA ASN B 302 7.64 21.23 -26.05
C ASN B 302 8.79 22.03 -25.45
N THR B 303 9.22 21.67 -24.24
CA THR B 303 10.22 22.47 -23.53
C THR B 303 11.53 22.54 -24.31
N LYS B 304 11.98 21.42 -24.86
CA LYS B 304 13.24 21.39 -25.60
C LYS B 304 13.17 22.30 -26.81
N PHE B 305 12.00 22.36 -27.47
CA PHE B 305 11.83 23.23 -28.62
C PHE B 305 11.89 24.71 -28.23
N VAL B 306 11.10 25.11 -27.22
CA VAL B 306 10.97 26.53 -26.90
C VAL B 306 12.26 27.09 -26.35
N THR B 307 12.88 26.40 -25.39
CA THR B 307 14.09 26.94 -24.76
C THR B 307 15.24 27.05 -25.77
N SER B 308 15.41 26.05 -26.63
CA SER B 308 16.44 26.13 -27.66
C SER B 308 16.18 27.27 -28.63
N MET B 309 14.92 27.45 -29.04
CA MET B 309 14.58 28.58 -29.90
C MET B 309 14.71 29.90 -29.17
N TYR B 310 14.39 29.91 -27.86
CA TYR B 310 14.48 31.14 -27.07
C TYR B 310 15.90 31.66 -27.00
N ASN B 311 16.89 30.76 -27.02
CA ASN B 311 18.29 31.18 -26.90
C ASN B 311 18.78 31.86 -28.17
N GLU B 312 18.49 31.28 -29.33
CA GLU B 312 19.03 31.83 -30.59
C GLU B 312 18.43 33.17 -30.94
N ILE B 313 17.13 33.38 -30.67
CA ILE B 313 16.53 34.67 -30.97
C ILE B 313 17.14 35.78 -30.10
N LEU B 314 17.49 35.47 -28.85
CA LEU B 314 18.21 36.44 -28.03
C LEU B 314 19.61 36.72 -28.55
N MET B 315 20.35 35.66 -28.93
CA MET B 315 21.70 35.86 -29.43
C MET B 315 21.70 36.67 -30.71
N LEU B 316 20.73 36.42 -31.58
CA LEU B 316 20.60 37.20 -32.81
C LEU B 316 20.34 38.67 -32.49
N GLY B 317 19.50 38.94 -31.49
CA GLY B 317 19.27 40.31 -31.07
C GLY B 317 20.53 40.97 -30.52
N ALA B 318 21.39 40.18 -29.88
CA ALA B 318 22.65 40.72 -29.37
C ALA B 318 23.57 41.15 -30.50
N LYS B 319 23.69 40.33 -31.55
CA LYS B 319 24.55 40.69 -32.68
C LYS B 319 23.96 41.86 -33.47
N LEU B 320 22.65 42.02 -33.44
CA LEU B 320 21.99 43.06 -34.22
C LEU B 320 21.72 44.32 -33.41
N HIS B 321 21.30 44.17 -32.16
CA HIS B 321 21.01 45.30 -31.27
C HIS B 321 21.75 45.07 -29.95
N PRO B 322 23.04 45.39 -29.89
CA PRO B 322 23.77 45.19 -28.63
C PRO B 322 23.24 46.01 -27.47
N THR B 323 22.72 47.21 -27.73
CA THR B 323 22.23 48.08 -26.67
C THR B 323 20.81 47.76 -26.24
N LEU B 324 20.07 46.98 -27.02
CA LEU B 324 18.67 46.70 -26.72
C LEU B 324 18.54 45.49 -25.80
N LYS B 325 17.72 45.64 -24.77
CA LYS B 325 17.45 44.59 -23.79
C LYS B 325 16.00 44.16 -23.93
N LEU B 326 15.77 43.01 -24.54
CA LEU B 326 14.42 42.56 -24.82
C LEU B 326 13.74 42.01 -23.58
N GLU B 327 14.51 41.48 -22.63
CA GLU B 327 13.92 40.80 -21.48
C GLU B 327 13.17 41.77 -20.56
N GLU B 328 13.49 43.06 -20.62
CA GLU B 328 12.85 44.03 -19.75
C GLU B 328 11.67 44.74 -20.40
N LEU B 329 11.27 44.34 -21.60
CA LEU B 329 10.07 44.89 -22.22
C LEU B 329 8.83 44.26 -21.63
N THR B 330 7.81 45.07 -21.40
CA THR B 330 6.57 44.61 -20.77
C THR B 330 5.40 44.80 -21.73
N ASN B 331 4.36 43.98 -21.54
CA ASN B 331 3.14 44.09 -22.32
C ASN B 331 2.22 45.14 -21.69
N LYS B 332 0.96 45.17 -22.12
CA LYS B 332 0.00 46.12 -21.56
C LYS B 332 -0.24 45.88 -20.08
N LYS B 333 -0.18 44.63 -19.62
CA LYS B 333 -0.36 44.33 -18.21
C LYS B 333 0.87 44.68 -17.38
N GLY B 334 2.00 44.94 -18.00
CA GLY B 334 3.24 45.20 -17.27
C GLY B 334 3.95 43.96 -16.79
N MET B 335 3.92 42.88 -17.57
CA MET B 335 4.62 41.64 -17.25
C MET B 335 5.77 41.44 -18.20
N THR B 336 6.97 41.26 -17.64
CA THR B 336 8.11 40.82 -18.43
C THR B 336 7.95 39.34 -18.76
N PRO B 337 8.68 38.84 -19.78
CA PRO B 337 8.57 37.41 -20.07
C PRO B 337 8.96 36.51 -18.90
N LEU B 338 9.94 36.94 -18.11
CA LEU B 338 10.29 36.19 -16.90
C LEU B 338 9.15 36.21 -15.89
N ALA B 339 8.51 37.36 -15.71
CA ALA B 339 7.41 37.48 -14.75
C ALA B 339 6.18 36.70 -15.21
N LEU B 340 5.91 36.68 -16.51
CA LEU B 340 4.73 35.99 -17.01
C LEU B 340 4.92 34.48 -17.01
N ALA B 341 6.16 34.02 -17.20
CA ALA B 341 6.43 32.59 -17.15
C ALA B 341 6.17 32.01 -15.76
N ALA B 342 6.60 32.72 -14.72
CA ALA B 342 6.35 32.27 -13.35
C ALA B 342 4.88 32.42 -12.98
N GLY B 343 4.23 33.47 -13.50
CA GLY B 343 2.83 33.69 -13.17
C GLY B 343 1.91 32.62 -13.72
N THR B 344 2.22 32.09 -14.89
CA THR B 344 1.36 31.12 -15.56
C THR B 344 1.76 29.67 -15.32
N GLY B 345 2.74 29.43 -14.45
CA GLY B 345 3.12 28.07 -14.11
C GLY B 345 3.95 27.36 -15.14
N LYS B 346 4.70 28.08 -15.97
CA LYS B 346 5.52 27.46 -17.00
C LYS B 346 6.90 27.18 -16.42
N ILE B 347 6.99 26.06 -15.70
CA ILE B 347 8.19 25.74 -14.95
C ILE B 347 9.36 25.40 -15.87
N GLY B 348 9.09 24.78 -17.02
CA GLY B 348 10.18 24.36 -17.89
C GLY B 348 11.00 25.51 -18.43
N VAL B 349 10.33 26.58 -18.86
CA VAL B 349 11.06 27.74 -19.37
C VAL B 349 11.62 28.59 -18.24
N LEU B 350 10.93 28.64 -17.09
CA LEU B 350 11.42 29.42 -15.95
C LEU B 350 12.77 28.91 -15.47
N ALA B 351 12.94 27.59 -15.43
CA ALA B 351 14.21 27.02 -15.01
C ALA B 351 15.33 27.43 -15.96
N TYR B 352 15.06 27.46 -17.27
CA TYR B 352 16.07 27.84 -18.24
C TYR B 352 16.52 29.29 -18.04
N ILE B 353 15.57 30.19 -17.79
CA ILE B 353 15.90 31.61 -17.70
C ILE B 353 16.75 31.89 -16.46
N LEU B 354 16.41 31.28 -15.33
CA LEU B 354 17.05 31.62 -14.07
C LEU B 354 18.53 31.27 -14.07
N GLN B 355 18.88 30.12 -14.63
CA GLN B 355 20.26 29.62 -14.64
C GLN B 355 20.81 29.51 -16.06
N ARG B 356 20.56 30.52 -16.88
CA ARG B 356 21.04 30.55 -18.26
C ARG B 356 22.53 30.88 -18.28
N GLU B 357 23.34 29.97 -18.84
CA GLU B 357 24.78 30.14 -18.93
C GLU B 357 25.22 29.92 -20.37
N ILE B 358 25.81 30.94 -20.98
CA ILE B 358 26.25 30.88 -22.37
C ILE B 358 27.77 30.85 -22.40
N GLN B 359 28.34 29.82 -23.02
CA GLN B 359 29.79 29.66 -23.11
C GLN B 359 30.43 30.61 -24.11
N GLU B 360 29.66 31.15 -25.06
CA GLU B 360 30.24 31.90 -26.17
C GLU B 360 30.65 33.30 -25.71
N PRO B 361 31.89 33.73 -25.97
CA PRO B 361 32.27 35.12 -25.72
C PRO B 361 31.30 36.09 -26.37
N GLU B 362 31.16 37.27 -25.74
CA GLU B 362 30.33 38.38 -26.21
C GLU B 362 28.86 38.06 -26.04
N CYS B 363 28.55 36.81 -25.69
CA CYS B 363 27.22 36.42 -25.26
C CYS B 363 27.23 35.90 -23.83
N ARG B 364 28.38 35.97 -23.15
CA ARG B 364 28.44 35.62 -21.74
C ARG B 364 27.71 36.64 -20.88
N HIS B 365 27.69 37.91 -21.31
CA HIS B 365 26.98 38.94 -20.56
C HIS B 365 25.47 38.75 -20.59
N LEU B 366 24.95 37.95 -21.53
CA LEU B 366 23.54 37.56 -21.50
C LEU B 366 23.23 36.53 -20.42
N SER B 367 24.24 35.84 -19.90
CA SER B 367 24.01 34.76 -18.96
C SER B 367 23.55 35.28 -17.60
N ARG B 368 23.03 34.37 -16.78
CA ARG B 368 22.67 34.67 -15.41
C ARG B 368 23.36 33.79 -14.39
N LYS B 369 23.92 32.64 -14.79
CA LYS B 369 24.60 31.74 -13.88
C LYS B 369 26.07 31.67 -14.29
N PHE B 370 26.91 32.48 -13.66
CA PHE B 370 28.33 32.57 -13.96
C PHE B 370 29.08 31.47 -13.23
N THR B 371 30.42 31.54 -13.26
CA THR B 371 31.26 30.59 -12.54
C THR B 371 32.42 31.36 -11.93
N GLU B 372 32.60 31.21 -10.62
CA GLU B 372 33.67 31.91 -9.92
C GLU B 372 35.03 31.29 -10.23
N TRP B 373 35.23 30.03 -9.84
CA TRP B 373 36.45 29.30 -10.12
C TRP B 373 36.11 27.82 -10.23
N ALA B 374 37.12 26.97 -10.17
CA ALA B 374 36.92 25.54 -10.29
C ALA B 374 37.93 24.81 -9.42
N TYR B 375 37.60 23.57 -9.09
CA TYR B 375 38.49 22.67 -8.35
C TYR B 375 38.44 21.32 -9.04
N GLY B 376 38.96 20.28 -8.38
CA GLY B 376 38.96 18.97 -8.96
C GLY B 376 37.56 18.43 -9.17
N PRO B 377 36.87 18.07 -8.08
CA PRO B 377 35.47 17.67 -8.20
C PRO B 377 34.51 18.80 -7.83
N VAL B 378 35.06 19.95 -7.44
CA VAL B 378 34.29 21.06 -6.89
C VAL B 378 34.30 22.21 -7.87
N HIS B 379 33.21 22.97 -7.92
CA HIS B 379 33.15 24.19 -8.70
C HIS B 379 32.27 25.20 -7.99
N SER B 380 32.51 26.48 -8.24
CA SER B 380 31.74 27.56 -7.64
C SER B 380 30.99 28.31 -8.73
N SER B 381 29.72 28.58 -8.48
CA SER B 381 28.85 29.23 -9.46
C SER B 381 28.17 30.43 -8.81
N LEU B 382 27.90 31.46 -9.61
CA LEU B 382 27.19 32.64 -9.15
C LEU B 382 25.85 32.74 -9.87
N TYR B 383 24.95 33.57 -9.32
CA TYR B 383 23.60 33.72 -9.86
C TYR B 383 23.24 35.19 -9.90
N ASP B 384 22.47 35.57 -10.93
CA ASP B 384 22.18 36.98 -11.15
C ASP B 384 21.30 37.54 -10.04
N LEU B 385 20.20 36.85 -9.72
CA LEU B 385 19.33 37.20 -8.60
C LEU B 385 18.66 38.55 -8.80
N SER B 386 18.95 39.21 -9.92
CA SER B 386 18.31 40.49 -10.23
C SER B 386 16.82 40.29 -10.49
N CYS B 387 16.02 41.26 -10.05
CA CYS B 387 14.57 41.25 -10.17
C CYS B 387 13.92 39.97 -9.65
N ILE B 388 14.59 39.26 -8.75
CA ILE B 388 14.03 38.04 -8.16
C ILE B 388 13.39 38.38 -6.82
N ASP B 389 14.18 38.89 -5.88
CA ASP B 389 13.70 39.23 -4.54
C ASP B 389 13.28 40.68 -4.42
N THR B 390 13.91 41.59 -5.15
CA THR B 390 13.53 42.99 -5.17
C THR B 390 13.22 43.40 -6.60
N CYS B 391 12.14 44.17 -6.76
CA CYS B 391 11.70 44.59 -8.08
C CYS B 391 10.77 45.78 -7.93
N GLU B 392 10.45 46.42 -9.07
CA GLU B 392 9.58 47.59 -9.03
C GLU B 392 8.13 47.18 -8.83
N LYS B 393 7.62 46.29 -9.68
CA LYS B 393 6.21 45.90 -9.62
C LYS B 393 6.02 44.42 -9.32
N ASN B 394 6.64 43.52 -10.08
CA ASN B 394 6.43 42.08 -9.94
C ASN B 394 7.77 41.39 -9.71
N SER B 395 8.05 41.01 -8.47
CA SER B 395 9.18 40.15 -8.18
C SER B 395 8.81 38.70 -8.48
N VAL B 396 9.83 37.89 -8.78
CA VAL B 396 9.59 36.48 -9.09
C VAL B 396 9.03 35.76 -7.87
N LEU B 397 9.59 36.03 -6.70
CA LEU B 397 9.11 35.38 -5.48
C LEU B 397 7.68 35.81 -5.15
N GLU B 398 7.38 37.11 -5.31
CA GLU B 398 6.04 37.61 -4.99
C GLU B 398 4.99 37.01 -5.91
N VAL B 399 5.30 36.89 -7.20
CA VAL B 399 4.33 36.38 -8.17
C VAL B 399 3.98 34.92 -7.85
N ILE B 400 4.97 34.11 -7.52
CA ILE B 400 4.72 32.69 -7.24
C ILE B 400 3.90 32.54 -5.96
N ALA B 401 4.28 33.27 -4.91
CA ALA B 401 3.64 33.09 -3.61
C ALA B 401 2.21 33.59 -3.61
N TYR B 402 1.98 34.79 -4.14
CA TYR B 402 0.66 35.41 -4.12
C TYR B 402 -0.14 35.08 -5.38
N SER B 403 -0.26 33.78 -5.64
CA SER B 403 -1.02 33.29 -6.78
C SER B 403 -2.45 32.97 -6.36
N SER B 404 -3.30 32.72 -7.34
CA SER B 404 -4.71 32.43 -7.11
C SER B 404 -4.98 30.95 -6.98
N SER B 405 -3.95 30.15 -6.73
CA SER B 405 -4.00 28.69 -6.53
C SER B 405 -4.39 27.95 -7.80
N GLU B 406 -4.68 28.64 -8.89
CA GLU B 406 -4.95 28.00 -10.18
C GLU B 406 -3.68 27.68 -10.96
N THR B 407 -2.53 28.17 -10.51
CA THR B 407 -1.28 27.86 -11.20
C THR B 407 -0.96 26.38 -11.05
N PRO B 408 -0.73 25.65 -12.15
CA PRO B 408 -0.59 24.20 -12.07
C PRO B 408 0.58 23.70 -11.24
N ASN B 409 1.72 24.40 -11.24
CA ASN B 409 2.93 23.91 -10.59
C ASN B 409 3.48 24.89 -9.57
N ARG B 410 2.61 25.52 -8.77
CA ARG B 410 3.10 26.55 -7.85
C ARG B 410 3.97 25.95 -6.75
N HIS B 411 3.66 24.75 -6.28
CA HIS B 411 4.49 24.10 -5.28
C HIS B 411 5.87 23.80 -5.84
N ASP B 412 5.95 23.39 -7.10
CA ASP B 412 7.18 22.90 -7.71
C ASP B 412 8.11 24.00 -8.21
N MET B 413 7.59 25.21 -8.47
CA MET B 413 8.46 26.25 -9.03
C MET B 413 9.47 26.77 -8.02
N LEU B 414 9.28 26.51 -6.73
CA LEU B 414 10.22 26.95 -5.71
C LEU B 414 11.39 25.98 -5.54
N LEU B 415 11.40 24.85 -6.24
CA LEU B 415 12.47 23.88 -6.13
C LEU B 415 13.60 24.11 -7.13
N VAL B 416 13.50 25.12 -8.00
CA VAL B 416 14.60 25.41 -8.91
C VAL B 416 15.80 25.90 -8.10
N GLU B 417 16.98 25.83 -8.71
CA GLU B 417 18.24 25.92 -7.96
C GLU B 417 18.44 27.24 -7.23
N PRO B 418 18.29 28.42 -7.84
CA PRO B 418 18.56 29.65 -7.07
C PRO B 418 17.50 29.99 -6.04
N LEU B 419 16.24 29.61 -6.28
CA LEU B 419 15.16 30.08 -5.42
C LEU B 419 15.12 29.32 -4.09
N ASN B 420 15.39 28.02 -4.11
CA ASN B 420 15.28 27.22 -2.89
C ASN B 420 16.29 27.66 -1.84
N ARG B 421 17.52 27.93 -2.26
CA ARG B 421 18.55 28.34 -1.30
C ARG B 421 18.44 29.81 -0.94
N LEU B 422 17.77 30.61 -1.77
CA LEU B 422 17.51 32.00 -1.41
C LEU B 422 16.59 32.10 -0.19
N LEU B 423 15.53 31.31 -0.17
CA LEU B 423 14.58 31.36 0.93
C LEU B 423 15.18 30.76 2.20
N GLN B 424 15.95 29.68 2.06
CA GLN B 424 16.57 29.06 3.23
C GLN B 424 17.61 29.98 3.85
N ASP B 425 18.25 30.81 3.05
CA ASP B 425 19.18 31.81 3.57
C ASP B 425 18.46 32.91 4.34
N LYS B 426 17.29 33.34 3.86
CA LYS B 426 16.53 34.35 4.58
C LYS B 426 16.02 33.82 5.92
N TRP B 427 15.59 32.56 5.95
CA TRP B 427 15.11 31.97 7.19
C TRP B 427 16.22 31.87 8.22
N ASP B 428 17.36 31.29 7.85
CA ASP B 428 18.43 31.05 8.82
C ASP B 428 19.11 32.34 9.26
N ARG B 429 18.94 33.44 8.52
CA ARG B 429 19.66 34.66 8.85
C ARG B 429 18.90 35.52 9.85
N PHE B 430 17.68 35.94 9.50
CA PHE B 430 16.96 36.86 10.38
C PHE B 430 15.51 36.47 10.63
N VAL B 431 14.87 35.77 9.70
CA VAL B 431 13.43 35.55 9.80
C VAL B 431 13.10 34.57 10.93
N LYS B 432 13.91 33.53 11.10
CA LYS B 432 13.60 32.49 12.07
C LYS B 432 13.51 33.04 13.49
N ARG B 433 14.41 33.96 13.84
CA ARG B 433 14.40 34.50 15.20
C ARG B 433 13.17 35.36 15.45
N ILE B 434 12.70 36.08 14.43
CA ILE B 434 11.51 36.91 14.59
C ILE B 434 10.28 36.02 14.76
N PHE B 435 10.23 34.89 14.04
CA PHE B 435 9.08 34.01 14.13
C PHE B 435 8.95 33.41 15.52
N TYR B 436 10.08 33.04 16.15
CA TYR B 436 10.04 32.49 17.50
C TYR B 436 9.61 33.54 18.51
N PHE B 437 9.97 34.81 18.29
CA PHE B 437 9.52 35.87 19.17
C PHE B 437 8.01 36.03 19.11
N ASN B 438 7.43 35.97 17.90
CA ASN B 438 5.98 36.10 17.76
C ASN B 438 5.24 34.95 18.43
N PHE B 439 5.78 33.74 18.33
CA PHE B 439 5.16 32.59 18.98
C PHE B 439 5.15 32.77 20.49
N LEU B 440 6.25 33.28 21.06
CA LEU B 440 6.33 33.47 22.50
C LEU B 440 5.34 34.52 23.00
N VAL B 441 5.19 35.62 22.25
CA VAL B 441 4.29 36.69 22.69
C VAL B 441 2.84 36.24 22.60
N TYR B 442 2.49 35.47 21.57
CA TYR B 442 1.13 34.97 21.45
C TYR B 442 0.80 33.99 22.57
N CYS B 443 1.77 33.17 22.97
CA CYS B 443 1.54 32.25 24.08
C CYS B 443 1.26 33.02 25.37
N LEU B 444 2.00 34.10 25.62
CA LEU B 444 1.78 34.89 26.83
C LEU B 444 0.44 35.60 26.80
N TYR B 445 0.02 36.07 25.62
CA TYR B 445 -1.26 36.75 25.49
C TYR B 445 -2.42 35.81 25.82
N MET B 446 -2.33 34.55 25.38
CA MET B 446 -3.41 33.60 25.58
C MET B 446 -3.51 33.10 27.02
N ILE B 447 -2.40 33.04 27.76
CA ILE B 447 -2.42 32.66 29.17
C ILE B 447 -3.04 33.74 30.04
N ILE B 448 -2.75 35.01 29.75
CA ILE B 448 -3.35 36.10 30.51
C ILE B 448 -4.84 36.18 30.24
N PHE B 449 -5.24 35.96 28.99
CA PHE B 449 -6.66 35.94 28.65
C PHE B 449 -7.38 34.81 29.36
N THR B 450 -6.76 33.63 29.43
CA THR B 450 -7.39 32.49 30.10
C THR B 450 -7.57 32.77 31.59
N MET B 451 -6.59 33.40 32.22
CA MET B 451 -6.66 33.64 33.66
C MET B 451 -7.69 34.69 34.01
N ALA B 452 -7.85 35.71 33.17
CA ALA B 452 -8.82 36.77 33.46
C ALA B 452 -10.25 36.28 33.30
N ALA B 453 -10.50 35.39 32.34
CA ALA B 453 -11.83 34.85 32.15
C ALA B 453 -12.18 33.83 33.22
N TYR B 454 -11.18 33.11 33.74
CA TYR B 454 -11.42 32.10 34.75
C TYR B 454 -11.93 32.71 36.06
N TYR B 455 -11.41 33.89 36.42
CA TYR B 455 -11.72 34.52 37.69
C TYR B 455 -12.78 35.62 37.56
N ARG B 456 -13.67 35.50 36.59
CA ARG B 456 -14.73 36.48 36.43
C ARG B 456 -15.68 36.43 37.61
N PRO B 457 -16.18 37.56 38.08
CA PRO B 457 -17.14 37.54 39.20
C PRO B 457 -18.48 36.99 38.77
N VAL B 458 -19.21 36.45 39.74
CA VAL B 458 -20.48 35.77 39.49
C VAL B 458 -21.67 36.57 40.01
N ASP B 459 -21.47 37.84 40.37
CA ASP B 459 -22.59 38.68 40.77
C ASP B 459 -23.39 39.09 39.54
N GLY B 460 -24.40 39.93 39.77
CA GLY B 460 -25.30 40.32 38.72
C GLY B 460 -24.96 41.65 38.06
N LEU B 461 -25.46 41.81 36.83
CA LEU B 461 -25.49 43.09 36.13
C LEU B 461 -24.13 43.78 36.04
N PRO B 462 -23.25 43.32 35.13
CA PRO B 462 -21.99 44.04 34.91
C PRO B 462 -22.24 45.46 34.44
N PRO B 463 -21.25 46.37 34.57
CA PRO B 463 -19.89 46.18 35.10
C PRO B 463 -19.85 45.99 36.61
N PHE B 464 -18.74 45.47 37.12
CA PHE B 464 -18.61 45.10 38.51
C PHE B 464 -17.68 46.08 39.23
N LYS B 465 -17.95 46.29 40.52
CA LYS B 465 -17.21 47.27 41.30
C LYS B 465 -15.85 46.72 41.72
N MET B 466 -14.98 47.63 42.15
CA MET B 466 -13.59 47.31 42.43
C MET B 466 -13.35 47.26 43.94
N GLU B 467 -12.86 46.11 44.43
CA GLU B 467 -12.47 45.95 45.82
C GLU B 467 -11.26 45.03 45.88
N LYS B 468 -10.80 44.77 47.09
CA LYS B 468 -9.65 43.90 47.38
C LYS B 468 -8.45 44.32 46.51
N THR B 469 -7.52 43.40 46.30
CA THR B 469 -6.42 43.60 45.37
C THR B 469 -6.46 42.67 44.17
N GLY B 470 -7.20 41.55 44.26
CA GLY B 470 -7.34 40.65 43.14
C GLY B 470 -8.15 41.24 42.00
N ASP B 471 -9.01 42.22 42.28
CA ASP B 471 -9.77 42.86 41.22
C ASP B 471 -8.88 43.75 40.38
N TYR B 472 -7.89 44.40 41.00
CA TYR B 472 -6.94 45.20 40.24
C TYR B 472 -6.08 44.35 39.32
N PHE B 473 -5.70 43.16 39.79
CA PHE B 473 -4.95 42.24 38.93
C PHE B 473 -5.83 41.69 37.82
N ARG B 474 -7.12 41.46 38.11
CA ARG B 474 -8.01 40.92 37.09
C ARG B 474 -8.34 41.96 36.03
N VAL B 475 -8.57 43.21 36.44
CA VAL B 475 -8.88 44.26 35.49
C VAL B 475 -7.68 44.55 34.60
N THR B 476 -6.47 44.47 35.15
CA THR B 476 -5.27 44.60 34.34
C THR B 476 -5.22 43.52 33.26
N GLY B 477 -5.62 42.31 33.61
CA GLY B 477 -5.61 41.22 32.65
C GLY B 477 -6.57 41.41 31.49
N GLU B 478 -7.76 41.95 31.74
CA GLU B 478 -8.74 42.07 30.67
C GLU B 478 -8.51 43.30 29.81
N ILE B 479 -7.78 44.29 30.31
CA ILE B 479 -7.38 45.42 29.47
C ILE B 479 -6.37 44.96 28.43
N LEU B 480 -5.44 44.10 28.83
CA LEU B 480 -4.50 43.50 27.88
C LEU B 480 -5.23 42.63 26.86
N SER B 481 -6.29 41.95 27.29
CA SER B 481 -7.07 41.11 26.37
C SER B 481 -7.77 41.95 25.32
N VAL B 482 -8.30 43.11 25.71
CA VAL B 482 -8.96 43.99 24.75
C VAL B 482 -7.96 44.58 23.78
N LEU B 483 -6.79 45.01 24.28
CA LEU B 483 -5.76 45.58 23.40
C LEU B 483 -5.28 44.55 22.38
N GLY B 484 -5.20 43.28 22.78
CA GLY B 484 -4.84 42.25 21.83
C GLY B 484 -5.86 42.08 20.72
N GLY B 485 -7.14 42.22 21.04
CA GLY B 485 -8.17 42.08 20.03
C GLY B 485 -8.24 43.28 19.10
N VAL B 486 -7.80 44.44 19.58
CA VAL B 486 -7.70 45.61 18.70
C VAL B 486 -6.57 45.42 17.70
N TYR B 487 -5.45 44.88 18.15
CA TYR B 487 -4.30 44.68 17.26
C TYR B 487 -4.63 43.69 16.14
N PHE B 488 -5.33 42.60 16.45
CA PHE B 488 -5.69 41.64 15.42
C PHE B 488 -6.80 42.15 14.52
N PHE B 489 -7.56 43.15 14.97
CA PHE B 489 -8.61 43.72 14.13
C PHE B 489 -8.02 44.60 13.04
N PHE B 490 -6.98 45.37 13.37
CA PHE B 490 -6.36 46.24 12.37
C PHE B 490 -5.44 45.47 11.44
N ARG B 491 -4.78 44.42 11.93
CA ARG B 491 -3.93 43.62 11.07
C ARG B 491 -4.74 42.88 10.01
N GLY B 492 -6.01 42.59 10.31
CA GLY B 492 -6.85 41.92 9.33
C GLY B 492 -7.34 42.88 8.25
N ILE B 493 -7.65 44.11 8.64
CA ILE B 493 -8.02 45.13 7.67
C ILE B 493 -6.82 45.55 6.84
N GLN B 494 -5.66 45.70 7.48
CA GLN B 494 -4.45 46.06 6.75
C GLN B 494 -4.06 45.00 5.74
N TYR B 495 -4.26 43.72 6.07
CA TYR B 495 -3.96 42.64 5.14
C TYR B 495 -4.84 42.71 3.90
N PHE B 496 -6.14 42.98 4.08
CA PHE B 496 -7.05 43.04 2.94
C PHE B 496 -6.71 44.20 2.01
N LEU B 497 -6.39 45.36 2.58
CA LEU B 497 -6.13 46.54 1.76
C LEU B 497 -4.80 46.41 1.02
N GLN B 498 -3.90 45.57 1.51
CA GLN B 498 -2.59 45.43 0.87
C GLN B 498 -2.56 44.33 -0.19
N ARG B 499 -3.41 43.32 -0.06
CA ARG B 499 -3.43 42.21 -1.00
C ARG B 499 -4.68 42.13 -1.85
N ARG B 500 -5.81 42.60 -1.36
CA ARG B 500 -7.10 42.52 -2.05
C ARG B 500 -7.39 41.09 -2.49
N PRO B 501 -7.73 40.18 -1.57
CA PRO B 501 -8.10 38.81 -1.98
C PRO B 501 -9.29 38.82 -2.92
N SER B 502 -9.30 37.84 -3.82
CA SER B 502 -10.33 37.73 -4.85
C SER B 502 -11.51 36.87 -4.43
N MET B 503 -11.76 36.73 -3.12
CA MET B 503 -12.85 35.98 -2.52
C MET B 503 -12.79 34.49 -2.81
N LYS B 504 -11.78 34.01 -3.52
CA LYS B 504 -11.52 32.59 -3.67
C LYS B 504 -10.19 32.18 -3.06
N THR B 505 -9.19 33.06 -3.10
CA THR B 505 -7.93 32.86 -2.39
C THR B 505 -8.01 33.33 -0.94
N LEU B 506 -9.21 33.51 -0.40
CA LEU B 506 -9.40 33.86 0.99
C LEU B 506 -9.98 32.72 1.81
N PHE B 507 -10.63 31.74 1.18
CA PHE B 507 -11.20 30.59 1.86
C PHE B 507 -10.46 29.30 1.58
N VAL B 508 -9.82 29.18 0.41
CA VAL B 508 -8.99 28.01 0.10
C VAL B 508 -7.55 28.24 0.51
N ASP B 509 -7.08 29.47 0.37
CA ASP B 509 -5.79 29.90 0.87
C ASP B 509 -6.00 31.06 1.85
N SER B 510 -5.06 31.18 2.78
CA SER B 510 -5.08 32.27 3.77
C SER B 510 -6.39 32.31 4.56
N TYR B 511 -6.88 31.15 4.98
CA TYR B 511 -8.05 31.13 5.85
C TYR B 511 -7.70 31.44 7.30
N SER B 512 -6.41 31.47 7.62
CA SER B 512 -5.99 31.81 8.98
C SER B 512 -6.23 33.29 9.29
N GLU B 513 -6.08 34.15 8.28
CA GLU B 513 -6.40 35.57 8.47
C GLU B 513 -7.85 35.74 8.87
N MET B 514 -8.75 35.01 8.21
CA MET B 514 -10.17 35.06 8.54
C MET B 514 -10.41 34.64 9.98
N LEU B 515 -9.71 33.61 10.45
CA LEU B 515 -9.95 33.09 11.78
C LEU B 515 -9.45 34.06 12.86
N PHE B 516 -8.27 34.66 12.65
CA PHE B 516 -7.79 35.66 13.59
C PHE B 516 -8.72 36.87 13.62
N PHE B 517 -9.19 37.30 12.45
CA PHE B 517 -10.11 38.43 12.38
C PHE B 517 -11.43 38.11 13.09
N LEU B 518 -11.93 36.88 12.92
CA LEU B 518 -13.18 36.49 13.57
C LEU B 518 -13.03 36.46 15.09
N GLN B 519 -11.89 36.00 15.59
CA GLN B 519 -11.67 36.05 17.03
C GLN B 519 -11.66 37.50 17.53
N SER B 520 -11.04 38.40 16.78
CA SER B 520 -11.06 39.81 17.18
C SER B 520 -12.48 40.35 17.20
N LEU B 521 -13.30 39.95 16.22
CA LEU B 521 -14.70 40.39 16.20
C LEU B 521 -15.45 39.88 17.44
N PHE B 522 -15.22 38.63 17.82
CA PHE B 522 -15.84 38.10 19.02
C PHE B 522 -15.44 38.89 20.26
N MET B 523 -14.16 39.27 20.36
CA MET B 523 -13.72 40.05 21.52
C MET B 523 -14.39 41.42 21.55
N LEU B 524 -14.48 42.09 20.40
CA LEU B 524 -15.15 43.40 20.37
C LEU B 524 -16.62 43.28 20.74
N ALA B 525 -17.31 42.26 20.24
CA ALA B 525 -18.70 42.03 20.63
C ALA B 525 -18.83 41.77 22.12
N THR B 526 -17.86 41.06 22.69
CA THR B 526 -17.86 40.83 24.14
C THR B 526 -17.80 42.14 24.90
N VAL B 527 -16.91 43.04 24.48
CA VAL B 527 -16.80 44.34 25.17
C VAL B 527 -18.11 45.12 25.05
N VAL B 528 -18.70 45.14 23.85
CA VAL B 528 -19.92 45.90 23.63
C VAL B 528 -21.04 45.36 24.52
N LEU B 529 -21.19 44.03 24.58
CA LEU B 529 -22.22 43.45 25.45
C LEU B 529 -21.93 43.70 26.92
N TYR B 530 -20.66 43.67 27.31
CA TYR B 530 -20.31 43.88 28.71
C TYR B 530 -20.70 45.27 29.19
N PHE B 531 -20.47 46.29 28.36
CA PHE B 531 -20.80 47.64 28.80
C PHE B 531 -22.26 48.00 28.61
N SER B 532 -23.11 47.05 28.20
CA SER B 532 -24.54 47.25 28.07
C SER B 532 -25.35 46.53 29.14
N HIS B 533 -24.70 46.06 30.21
CA HIS B 533 -25.35 45.36 31.31
C HIS B 533 -26.02 44.06 30.87
N LEU B 534 -25.38 43.30 29.98
CA LEU B 534 -25.95 42.06 29.46
C LEU B 534 -25.06 40.88 29.80
N LYS B 535 -25.72 39.75 30.09
CA LYS B 535 -25.04 38.53 30.51
C LYS B 535 -24.48 37.70 29.35
N GLU B 536 -24.87 37.98 28.11
CA GLU B 536 -24.40 37.22 26.96
C GLU B 536 -22.93 37.48 26.64
N TYR B 537 -22.32 38.47 27.29
CA TYR B 537 -20.89 38.71 27.11
C TYR B 537 -20.08 37.47 27.50
N VAL B 538 -20.60 36.67 28.43
CA VAL B 538 -19.93 35.43 28.79
C VAL B 538 -19.91 34.46 27.62
N ALA B 539 -21.02 34.35 26.89
CA ALA B 539 -21.07 33.46 25.73
C ALA B 539 -20.12 33.93 24.64
N SER B 540 -20.13 35.24 24.34
CA SER B 540 -19.21 35.73 23.33
C SER B 540 -17.75 35.53 23.74
N MET B 541 -17.46 35.69 25.04
CA MET B 541 -16.10 35.55 25.52
C MET B 541 -15.63 34.09 25.53
N VAL B 542 -16.52 33.13 25.80
CA VAL B 542 -16.07 31.74 25.75
C VAL B 542 -15.86 31.30 24.31
N PHE B 543 -16.68 31.78 23.36
CA PHE B 543 -16.38 31.50 21.96
C PHE B 543 -15.03 32.09 21.56
N SER B 544 -14.74 33.31 22.01
CA SER B 544 -13.45 33.94 21.72
C SER B 544 -12.30 33.14 22.31
N LEU B 545 -12.46 32.64 23.55
CA LEU B 545 -11.42 31.86 24.20
C LEU B 545 -11.12 30.56 23.43
N ALA B 546 -12.18 29.83 23.05
CA ALA B 546 -11.96 28.59 22.32
C ALA B 546 -11.30 28.84 20.97
N LEU B 547 -11.77 29.85 20.24
CA LEU B 547 -11.17 30.15 18.94
C LEU B 547 -9.72 30.60 19.09
N GLY B 548 -9.41 31.38 20.13
CA GLY B 548 -8.05 31.82 20.34
C GLY B 548 -7.10 30.69 20.67
N TRP B 549 -7.56 29.72 21.46
CA TRP B 549 -6.71 28.57 21.73
C TRP B 549 -6.53 27.70 20.48
N THR B 550 -7.56 27.58 19.64
CA THR B 550 -7.40 26.81 18.41
C THR B 550 -6.49 27.52 17.42
N ASN B 551 -6.43 28.85 17.45
CA ASN B 551 -5.58 29.61 16.54
C ASN B 551 -4.09 29.35 16.75
N MET B 552 -3.71 28.70 17.85
CA MET B 552 -2.30 28.40 18.12
C MET B 552 -1.69 27.46 17.10
N LEU B 553 -2.51 26.73 16.33
CA LEU B 553 -2.01 25.80 15.33
C LEU B 553 -1.39 26.49 14.13
N TYR B 554 -1.52 27.82 14.02
CA TYR B 554 -0.87 28.56 12.94
C TYR B 554 0.64 28.40 12.98
N TYR B 555 1.21 28.25 14.18
CA TYR B 555 2.65 28.26 14.36
C TYR B 555 3.30 26.91 14.14
N THR B 556 2.55 25.89 13.73
CA THR B 556 3.17 24.62 13.34
C THR B 556 4.06 24.79 12.11
N ARG B 557 3.79 25.76 11.25
CA ARG B 557 4.78 26.16 10.27
C ARG B 557 5.98 26.77 11.00
N GLY B 558 7.17 26.50 10.48
CA GLY B 558 8.39 26.80 11.21
C GLY B 558 9.03 25.59 11.85
N PHE B 559 8.33 24.46 11.86
CA PHE B 559 8.89 23.16 12.24
C PHE B 559 8.49 22.18 11.15
N GLN B 560 9.47 21.44 10.62
CA GLN B 560 9.24 20.65 9.42
C GLN B 560 8.21 19.54 9.66
N GLN B 561 8.42 18.73 10.71
CA GLN B 561 7.55 17.59 10.95
C GLN B 561 6.14 18.04 11.32
N MET B 562 6.03 19.02 12.22
CA MET B 562 4.72 19.56 12.58
C MET B 562 4.03 20.20 11.39
N GLY B 563 4.79 20.90 10.53
CA GLY B 563 4.19 21.52 9.37
C GLY B 563 3.64 20.51 8.38
N ILE B 564 4.39 19.43 8.13
CA ILE B 564 3.89 18.38 7.25
C ILE B 564 2.65 17.72 7.86
N TYR B 565 2.66 17.49 9.18
CA TYR B 565 1.50 16.95 9.86
C TYR B 565 0.27 17.84 9.69
N ALA B 566 0.45 19.17 9.82
CA ALA B 566 -0.65 20.10 9.66
C ALA B 566 -1.19 20.10 8.23
N VAL B 567 -0.29 20.03 7.24
CA VAL B 567 -0.72 19.98 5.86
C VAL B 567 -1.56 18.72 5.60
N MET B 568 -1.12 17.59 6.16
CA MET B 568 -1.89 16.35 6.02
C MET B 568 -3.26 16.46 6.67
N ILE B 569 -3.33 17.10 7.85
CA ILE B 569 -4.62 17.29 8.51
C ILE B 569 -5.57 18.10 7.62
N GLU B 570 -5.05 19.18 7.03
CA GLU B 570 -5.88 20.01 6.17
C GLU B 570 -6.37 19.24 4.95
N LYS B 571 -5.48 18.44 4.34
CA LYS B 571 -5.90 17.63 3.19
C LYS B 571 -7.00 16.64 3.57
N MET B 572 -6.86 15.96 4.71
CA MET B 572 -7.88 15.02 5.13
C MET B 572 -9.21 15.71 5.37
N ILE B 573 -9.19 16.87 6.03
CA ILE B 573 -10.42 17.60 6.27
C ILE B 573 -11.09 17.97 4.95
N LEU B 574 -10.32 18.44 3.97
CA LEU B 574 -10.92 18.84 2.71
C LEU B 574 -11.35 17.67 1.84
N ARG B 575 -10.82 16.46 2.05
CA ARG B 575 -11.13 15.37 1.14
C ARG B 575 -12.17 14.39 1.68
N ASP B 576 -12.13 14.03 2.96
CA ASP B 576 -12.97 12.93 3.45
C ASP B 576 -14.14 13.37 4.31
N LEU B 577 -13.93 14.39 5.15
CA LEU B 577 -14.91 14.72 6.20
C LEU B 577 -16.20 15.23 5.61
N CYS B 578 -16.14 16.01 4.52
CA CYS B 578 -17.34 16.61 3.96
C CYS B 578 -18.29 15.55 3.42
N ARG B 579 -17.76 14.60 2.63
CA ARG B 579 -18.58 13.52 2.09
C ARG B 579 -19.13 12.65 3.22
N PHE B 580 -18.26 12.30 4.18
CA PHE B 580 -18.73 11.51 5.32
C PHE B 580 -19.87 12.22 6.03
N MET B 581 -19.76 13.53 6.22
CA MET B 581 -20.78 14.27 6.94
C MET B 581 -22.09 14.31 6.18
N PHE B 582 -22.04 14.47 4.85
CA PHE B 582 -23.27 14.46 4.08
C PHE B 582 -24.03 13.14 4.27
N VAL B 583 -23.34 12.02 4.06
CA VAL B 583 -24.02 10.73 4.18
C VAL B 583 -24.49 10.49 5.61
N TYR B 584 -23.64 10.82 6.58
CA TYR B 584 -23.97 10.59 7.99
C TYR B 584 -25.18 11.40 8.42
N ILE B 585 -25.27 12.67 8.00
CA ILE B 585 -26.40 13.50 8.39
C ILE B 585 -27.68 12.99 7.74
N VAL B 586 -27.60 12.53 6.49
CA VAL B 586 -28.79 11.94 5.86
C VAL B 586 -29.31 10.78 6.71
N PHE B 587 -28.42 9.85 7.05
CA PHE B 587 -28.85 8.67 7.83
C PHE B 587 -29.41 9.07 9.18
N LEU B 588 -28.71 9.94 9.90
CA LEU B 588 -29.11 10.32 11.25
C LEU B 588 -30.47 11.00 11.24
N PHE B 589 -30.67 11.96 10.34
CA PHE B 589 -31.94 12.69 10.32
C PHE B 589 -33.11 11.77 9.95
N GLY B 590 -32.92 10.91 8.93
CA GLY B 590 -34.01 10.03 8.55
C GLY B 590 -34.43 9.09 9.66
N PHE B 591 -33.46 8.41 10.27
CA PHE B 591 -33.81 7.45 11.31
C PHE B 591 -34.32 8.13 12.57
N SER B 592 -33.84 9.34 12.87
CA SER B 592 -34.34 10.06 14.03
C SER B 592 -35.79 10.49 13.83
N THR B 593 -36.15 10.95 12.63
CA THR B 593 -37.55 11.29 12.37
C THR B 593 -38.45 10.07 12.49
N ALA B 594 -38.01 8.93 11.96
CA ALA B 594 -38.82 7.72 12.08
C ALA B 594 -39.02 7.32 13.55
N VAL B 595 -37.92 7.31 14.33
CA VAL B 595 -38.01 6.89 15.73
C VAL B 595 -38.90 7.84 16.53
N VAL B 596 -38.75 9.15 16.32
CA VAL B 596 -39.55 10.10 17.08
C VAL B 596 -41.03 10.04 16.68
N THR B 597 -41.34 9.73 15.42
CA THR B 597 -42.74 9.54 15.05
C THR B 597 -43.32 8.31 15.72
N LEU B 598 -42.51 7.27 15.91
CA LEU B 598 -43.01 6.08 16.60
C LEU B 598 -43.30 6.36 18.08
N ILE B 599 -42.48 7.19 18.73
CA ILE B 599 -42.61 7.40 20.18
C ILE B 599 -43.90 8.12 20.52
N GLU B 600 -44.55 7.69 21.60
CA GLU B 600 -45.82 8.26 22.05
C GLU B 600 -45.69 8.72 23.49
N ASP B 601 -46.06 9.97 23.73
CA ASP B 601 -45.91 10.67 25.01
C ASP B 601 -44.68 10.23 25.82
N SER B 627 -38.83 12.02 29.11
CA SER B 627 -39.61 12.22 27.90
C SER B 627 -38.71 12.46 26.70
N TYR B 628 -38.87 11.62 25.68
CA TYR B 628 -38.08 11.73 24.45
C TYR B 628 -38.96 12.07 23.24
N ASN B 629 -40.16 12.58 23.47
CA ASN B 629 -41.05 12.95 22.38
C ASN B 629 -40.69 14.32 21.83
N SER B 630 -39.41 14.50 21.50
CA SER B 630 -38.89 15.71 20.90
C SER B 630 -37.89 15.31 19.83
N LEU B 631 -37.80 16.10 18.76
CA LEU B 631 -36.83 15.79 17.71
C LEU B 631 -35.41 16.04 18.19
N TYR B 632 -35.20 17.06 19.03
CA TYR B 632 -33.87 17.34 19.54
C TYR B 632 -33.40 16.24 20.50
N SER B 633 -34.29 15.77 21.36
CA SER B 633 -33.92 14.71 22.31
C SER B 633 -33.58 13.40 21.61
N THR B 634 -34.33 13.04 20.57
CA THR B 634 -34.11 11.78 19.89
C THR B 634 -32.87 11.82 18.99
N CYS B 635 -32.56 12.99 18.43
CA CYS B 635 -31.33 13.14 17.65
C CYS B 635 -30.10 12.96 18.50
N LEU B 636 -30.13 13.44 19.75
CA LEU B 636 -28.97 13.31 20.63
C LEU B 636 -28.79 11.87 21.10
N GLU B 637 -29.88 11.14 21.31
CA GLU B 637 -29.78 9.74 21.69
C GLU B 637 -29.13 8.91 20.59
N LEU B 638 -29.48 9.18 19.33
CA LEU B 638 -28.92 8.41 18.23
C LEU B 638 -27.48 8.81 17.94
N PHE B 639 -27.10 10.06 18.26
CA PHE B 639 -25.72 10.49 18.06
C PHE B 639 -24.77 9.81 19.04
N LYS B 640 -25.27 9.36 20.19
CA LYS B 640 -24.41 8.74 21.20
C LYS B 640 -23.87 7.40 20.75
N PHE B 641 -24.55 6.73 19.80
CA PHE B 641 -24.04 5.46 19.27
C PHE B 641 -22.71 5.65 18.57
N THR B 642 -22.44 6.86 18.07
CA THR B 642 -21.21 7.10 17.31
C THR B 642 -20.00 7.19 18.22
N ILE B 643 -20.20 7.58 19.47
CA ILE B 643 -19.10 7.78 20.41
C ILE B 643 -19.02 6.64 21.43
N GLY B 644 -19.66 5.52 21.16
CA GLY B 644 -19.60 4.38 22.06
C GLY B 644 -20.43 4.50 23.31
N MET B 645 -21.58 5.18 23.25
CA MET B 645 -22.38 5.47 24.43
C MET B 645 -23.86 5.20 24.19
N GLY B 646 -24.20 4.42 23.16
CA GLY B 646 -25.60 4.21 22.81
C GLY B 646 -26.37 3.31 23.75
N ASP B 647 -27.60 3.71 24.09
CA ASP B 647 -28.35 3.01 25.13
C ASP B 647 -29.06 1.77 24.59
N LEU B 648 -29.74 1.91 23.45
CA LEU B 648 -30.43 0.81 22.77
C LEU B 648 -31.72 0.42 23.51
N GLU B 649 -31.94 0.98 24.69
CA GLU B 649 -33.17 0.82 25.44
C GLU B 649 -33.56 2.12 26.15
N PHE B 650 -33.27 3.26 25.52
CA PHE B 650 -33.36 4.54 26.21
C PHE B 650 -34.79 4.92 26.56
N THR B 651 -35.77 4.40 25.84
CA THR B 651 -37.16 4.71 26.11
C THR B 651 -38.01 3.45 25.98
N GLU B 652 -39.21 3.52 26.53
CA GLU B 652 -40.17 2.44 26.44
C GLU B 652 -41.59 2.94 26.18
N ASN B 653 -41.77 4.22 25.87
CA ASN B 653 -43.08 4.81 25.66
C ASN B 653 -43.47 4.67 24.18
N TYR B 654 -43.81 3.45 23.81
CA TYR B 654 -44.24 3.16 22.45
C TYR B 654 -45.14 1.93 22.49
N ASP B 655 -45.88 1.76 21.41
CA ASP B 655 -46.38 0.44 21.01
C ASP B 655 -45.42 -0.15 19.99
N PHE B 656 -45.65 -1.40 19.63
CA PHE B 656 -44.90 -2.06 18.56
C PHE B 656 -43.41 -2.09 18.88
N LYS B 657 -43.06 -2.83 19.92
CA LYS B 657 -41.67 -2.93 20.35
C LYS B 657 -40.77 -3.54 19.28
N ALA B 658 -41.31 -4.44 18.45
CA ALA B 658 -40.52 -5.05 17.39
C ALA B 658 -40.07 -4.01 16.36
N VAL B 659 -40.90 -3.01 16.13
CA VAL B 659 -40.54 -1.94 15.19
C VAL B 659 -39.40 -1.10 15.75
N PHE B 660 -39.43 -0.85 17.06
CA PHE B 660 -38.41 -0.01 17.69
C PHE B 660 -37.02 -0.61 17.56
N ILE B 661 -36.90 -1.92 17.76
CA ILE B 661 -35.58 -2.55 17.79
C ILE B 661 -35.06 -2.80 16.38
N ILE B 662 -35.96 -3.03 15.43
CA ILE B 662 -35.53 -3.21 14.04
C ILE B 662 -34.99 -1.91 13.48
N LEU B 663 -35.61 -0.77 13.82
CA LEU B 663 -35.12 0.53 13.36
C LEU B 663 -33.76 0.86 13.96
N LEU B 664 -33.57 0.58 15.25
CA LEU B 664 -32.31 0.91 15.89
C LEU B 664 -31.18 0.00 15.42
N LEU B 665 -31.47 -1.27 15.17
CA LEU B 665 -30.44 -2.19 14.72
C LEU B 665 -30.01 -1.89 13.29
N ALA B 666 -30.93 -1.44 12.44
CA ALA B 666 -30.58 -1.08 11.08
C ALA B 666 -29.71 0.18 11.05
N TYR B 667 -30.01 1.14 11.93
CA TYR B 667 -29.20 2.36 12.01
C TYR B 667 -27.79 2.06 12.51
N VAL B 668 -27.66 1.14 13.47
CA VAL B 668 -26.36 0.82 14.05
C VAL B 668 -25.46 0.14 13.02
N ILE B 669 -26.02 -0.81 12.26
CA ILE B 669 -25.21 -1.55 11.29
C ILE B 669 -24.74 -0.64 10.17
N LEU B 670 -25.59 0.29 9.74
CA LEU B 670 -25.25 1.14 8.60
C LEU B 670 -24.19 2.19 8.94
N THR B 671 -24.27 2.79 10.13
CA THR B 671 -23.41 3.92 10.48
C THR B 671 -22.18 3.52 11.30
N TYR B 672 -22.34 2.56 12.21
CA TYR B 672 -21.25 2.23 13.13
C TYR B 672 -20.33 1.17 12.54
N ILE B 673 -20.90 0.02 12.16
CA ILE B 673 -20.09 -1.08 11.64
C ILE B 673 -19.58 -0.76 10.24
N LEU B 674 -20.37 -0.05 9.44
CA LEU B 674 -20.01 0.14 8.04
C LEU B 674 -19.37 1.50 7.76
N LEU B 675 -20.07 2.59 8.06
CA LEU B 675 -19.62 3.91 7.59
C LEU B 675 -18.38 4.39 8.35
N LEU B 676 -18.37 4.21 9.67
CA LEU B 676 -17.24 4.70 10.46
C LEU B 676 -15.96 3.92 10.16
N ASN B 677 -16.07 2.61 10.01
CA ASN B 677 -14.89 1.81 9.69
C ASN B 677 -14.42 2.08 8.26
N MET B 678 -15.33 2.46 7.38
CA MET B 678 -14.96 2.83 6.02
C MET B 678 -14.18 4.14 5.96
N LEU B 679 -14.43 5.06 6.88
CA LEU B 679 -13.70 6.33 6.91
C LEU B 679 -12.23 6.12 7.22
N ILE B 680 -11.93 5.17 8.11
CA ILE B 680 -10.54 4.86 8.44
C ILE B 680 -9.83 4.28 7.22
N ALA B 681 -10.51 3.43 6.45
CA ALA B 681 -9.91 2.87 5.25
C ALA B 681 -9.66 3.91 4.17
N LEU B 682 -10.56 4.90 4.05
CA LEU B 682 -10.40 5.94 3.05
C LEU B 682 -9.33 6.95 3.44
N MET B 683 -9.13 7.17 4.74
CA MET B 683 -8.04 8.03 5.20
C MET B 683 -6.69 7.44 4.84
N GLY B 684 -6.55 6.12 4.98
CA GLY B 684 -5.28 5.49 4.67
C GLY B 684 -4.88 5.62 3.22
N GLU B 685 -5.86 5.62 2.32
CA GLU B 685 -5.57 5.81 0.90
C GLU B 685 -5.12 7.24 0.62
N THR B 686 -5.70 8.22 1.31
CA THR B 686 -5.27 9.60 1.13
C THR B 686 -3.84 9.83 1.61
N VAL B 687 -3.48 9.24 2.75
CA VAL B 687 -2.12 9.41 3.28
C VAL B 687 -1.09 8.85 2.31
N ASN B 688 -1.41 7.72 1.68
CA ASN B 688 -0.48 7.08 0.76
C ASN B 688 -0.17 7.96 -0.44
N LYS B 689 -1.17 8.68 -0.94
CA LYS B 689 -0.99 9.42 -2.20
C LYS B 689 -0.33 10.77 -1.98
N ILE B 690 -0.55 11.40 -0.82
CA ILE B 690 -0.07 12.76 -0.60
C ILE B 690 1.18 12.83 0.24
N ALA B 691 1.69 11.70 0.75
CA ALA B 691 2.80 11.74 1.69
C ALA B 691 4.08 12.25 1.03
N GLN B 692 4.37 11.78 -0.18
CA GLN B 692 5.63 12.13 -0.82
C GLN B 692 5.69 13.60 -1.20
N GLU B 693 4.54 14.20 -1.50
CA GLU B 693 4.51 15.58 -1.97
C GLU B 693 4.34 16.61 -0.86
N SER B 694 3.94 16.19 0.34
CA SER B 694 3.55 17.13 1.38
C SER B 694 4.71 18.01 1.86
N LYS B 695 5.95 17.58 1.66
CA LYS B 695 7.08 18.42 2.05
C LYS B 695 7.18 19.69 1.22
N ASN B 696 6.59 19.70 0.02
CA ASN B 696 6.65 20.87 -0.85
C ASN B 696 5.54 21.88 -0.57
N ILE B 697 4.38 21.42 -0.09
CA ILE B 697 3.33 22.36 0.31
C ILE B 697 3.75 23.12 1.56
N TRP B 698 4.42 22.43 2.49
CA TRP B 698 4.89 23.10 3.70
C TRP B 698 5.88 24.21 3.37
N LYS B 699 6.78 23.96 2.41
CA LYS B 699 7.77 24.96 2.05
C LYS B 699 7.13 26.16 1.35
N LEU B 700 6.04 25.95 0.62
CA LEU B 700 5.28 27.06 0.07
C LEU B 700 4.66 27.91 1.18
N GLN B 701 4.11 27.27 2.21
CA GLN B 701 3.50 28.01 3.31
C GLN B 701 4.53 28.83 4.09
N ARG B 702 5.72 28.27 4.27
CA ARG B 702 6.76 29.00 4.98
C ARG B 702 7.33 30.14 4.14
N ALA B 703 7.30 30.00 2.81
CA ALA B 703 7.77 31.08 1.94
C ALA B 703 6.88 32.30 2.05
N ILE B 704 5.57 32.11 2.21
CA ILE B 704 4.66 33.22 2.38
C ILE B 704 4.93 33.92 3.70
N THR B 705 5.27 33.16 4.75
CA THR B 705 5.64 33.75 6.03
C THR B 705 6.90 34.60 5.91
N ILE B 706 7.87 34.12 5.14
CA ILE B 706 9.14 34.85 4.99
C ILE B 706 8.93 36.19 4.30
N LEU B 707 8.09 36.21 3.26
CA LEU B 707 7.86 37.46 2.54
C LEU B 707 7.06 38.46 3.37
N ASP B 708 6.12 37.96 4.18
CA ASP B 708 5.32 38.86 5.01
C ASP B 708 6.17 39.52 6.09
N THR B 709 7.10 38.78 6.67
CA THR B 709 7.93 39.33 7.75
C THR B 709 8.79 40.49 7.25
N GLU B 710 9.37 40.35 6.04
CA GLU B 710 10.22 41.40 5.51
C GLU B 710 9.45 42.69 5.29
N LYS B 711 8.24 42.58 4.74
CA LYS B 711 7.44 43.78 4.48
C LYS B 711 6.99 44.43 5.78
N SER B 712 6.69 43.63 6.80
CA SER B 712 6.10 44.17 8.02
C SER B 712 7.16 44.73 8.97
N PHE B 713 8.14 43.92 9.36
CA PHE B 713 9.04 44.29 10.45
C PHE B 713 9.96 45.45 10.07
N LEU B 714 10.82 45.23 9.06
CA LEU B 714 11.82 46.25 8.71
C LEU B 714 11.14 47.53 8.23
N LYS B 715 10.49 47.45 7.06
CA LYS B 715 9.54 48.43 6.54
C LYS B 715 10.06 49.88 6.49
N CYS B 716 11.35 50.08 6.73
CA CYS B 716 11.81 51.47 6.68
C CYS B 716 13.05 51.68 5.81
N MET B 717 13.99 50.76 5.83
CA MET B 717 15.24 50.96 5.11
C MET B 717 15.79 49.72 4.41
N ARG B 718 15.46 48.52 4.89
CA ARG B 718 15.57 47.28 4.10
C ARG B 718 16.97 47.07 3.51
N LYS B 719 17.97 47.00 4.40
CA LYS B 719 19.34 46.69 4.01
C LYS B 719 19.93 45.51 4.77
N ALA B 720 19.49 45.26 6.00
CA ALA B 720 20.00 44.12 6.75
C ALA B 720 19.44 42.79 6.26
N PHE B 721 18.39 42.83 5.44
CA PHE B 721 17.78 41.62 4.91
C PHE B 721 18.26 41.30 3.50
N ARG B 722 19.12 42.14 2.93
CA ARG B 722 19.63 41.96 1.58
C ARG B 722 20.44 40.67 1.44
N SER B 723 20.05 39.83 0.49
CA SER B 723 20.77 38.60 0.24
C SER B 723 21.85 38.82 -0.83
N GLY B 724 22.93 38.06 -0.72
CA GLY B 724 24.03 38.18 -1.65
C GLY B 724 24.84 39.45 -1.42
N LYS B 725 25.72 39.73 -2.38
CA LYS B 725 26.60 40.89 -2.30
C LYS B 725 26.97 41.31 -3.71
N LEU B 726 27.35 42.58 -3.85
CA LEU B 726 27.82 43.09 -5.13
C LEU B 726 29.16 42.45 -5.48
N LEU B 727 29.27 41.92 -6.69
CA LEU B 727 30.48 41.23 -7.12
C LEU B 727 30.66 41.41 -8.62
N GLN B 728 31.91 41.41 -9.05
CA GLN B 728 32.24 41.59 -10.47
C GLN B 728 32.12 40.25 -11.19
N VAL B 729 31.43 40.25 -12.33
CA VAL B 729 31.18 39.02 -13.07
C VAL B 729 31.66 39.10 -14.51
N GLY B 730 31.75 40.30 -15.10
CA GLY B 730 32.16 40.39 -16.49
C GLY B 730 32.27 41.82 -17.01
N TYR B 731 31.96 42.00 -18.29
CA TYR B 731 32.03 43.31 -18.93
C TYR B 731 30.77 43.55 -19.75
N THR B 732 30.32 44.80 -19.77
CA THR B 732 29.22 45.18 -20.64
C THR B 732 29.67 45.05 -22.10
N PRO B 733 28.78 44.67 -23.02
CA PRO B 733 29.18 44.65 -24.44
C PRO B 733 29.66 45.99 -24.94
N ASP B 734 29.13 47.09 -24.40
CA ASP B 734 29.69 48.40 -24.70
C ASP B 734 31.11 48.52 -24.18
N GLY B 735 31.38 48.00 -22.99
CA GLY B 735 32.72 48.03 -22.42
C GLY B 735 32.72 48.36 -20.94
N LYS B 736 31.57 48.77 -20.42
CA LYS B 736 31.46 49.15 -19.02
C LYS B 736 31.52 47.92 -18.11
N ASP B 737 31.70 48.19 -16.82
CA ASP B 737 31.64 47.14 -15.81
C ASP B 737 30.21 46.98 -15.32
N ASP B 738 29.71 45.75 -15.35
CA ASP B 738 28.36 45.43 -14.90
C ASP B 738 28.44 44.78 -13.52
N TYR B 739 27.71 45.35 -12.57
CA TYR B 739 27.70 44.86 -11.18
C TYR B 739 26.32 44.29 -10.87
N ARG B 740 26.29 43.05 -10.40
CA ARG B 740 25.06 42.35 -10.08
C ARG B 740 25.13 41.77 -8.67
N TRP B 741 24.00 41.81 -7.96
CA TRP B 741 23.89 41.20 -6.63
C TRP B 741 23.87 39.68 -6.80
N CYS B 742 24.98 39.03 -6.49
CA CYS B 742 25.15 37.61 -6.79
C CYS B 742 25.00 36.77 -5.53
N PHE B 743 24.51 35.54 -5.73
CA PHE B 743 24.36 34.57 -4.67
C PHE B 743 25.24 33.37 -4.99
N ARG B 744 26.14 33.03 -4.07
CA ARG B 744 27.11 31.97 -4.29
C ARG B 744 26.52 30.62 -3.95
N VAL B 745 26.67 29.65 -4.85
CA VAL B 745 26.22 28.28 -4.67
C VAL B 745 27.37 27.35 -5.00
N ASP B 746 27.58 26.34 -4.16
CA ASP B 746 28.69 25.40 -4.30
C ASP B 746 28.14 24.02 -4.62
N GLU B 747 28.78 23.33 -5.57
CA GLU B 747 28.40 21.99 -5.96
C GLU B 747 29.63 21.10 -6.13
N VAL B 748 29.42 19.80 -5.98
CA VAL B 748 30.49 18.80 -6.07
C VAL B 748 30.08 17.78 -7.13
N ASN B 749 31.00 17.47 -8.04
CA ASN B 749 30.78 16.48 -9.07
C ASN B 749 32.01 15.59 -9.19
N TRP B 750 31.92 14.38 -8.63
CA TRP B 750 32.97 13.38 -8.78
C TRP B 750 32.96 12.74 -10.16
N THR B 751 31.83 12.75 -10.85
CA THR B 751 31.71 12.26 -12.21
C THR B 751 31.87 13.41 -13.17
N THR B 752 32.08 13.09 -14.45
CA THR B 752 32.33 14.07 -15.51
C THR B 752 33.52 14.95 -15.14
N TRP B 753 34.68 14.32 -15.02
CA TRP B 753 35.92 15.03 -14.70
C TRP B 753 36.28 16.02 -15.79
N SER C 198 35.83 -43.45 6.98
CA SER C 198 34.45 -43.01 7.12
C SER C 198 34.21 -41.70 6.38
N TYR C 199 35.12 -40.74 6.59
CA TYR C 199 34.97 -39.43 5.97
C TYR C 199 35.11 -39.53 4.45
N TYR C 200 36.06 -40.35 3.97
CA TYR C 200 36.25 -40.55 2.54
C TYR C 200 36.51 -42.03 2.23
N LYS C 201 35.96 -42.94 3.02
CA LYS C 201 36.19 -44.36 2.80
C LYS C 201 35.53 -44.82 1.50
N GLY C 202 36.19 -45.76 0.82
CA GLY C 202 35.68 -46.31 -0.42
C GLY C 202 35.97 -45.49 -1.66
N GLN C 203 36.69 -44.37 -1.53
CA GLN C 203 36.96 -43.52 -2.68
C GLN C 203 37.91 -44.23 -3.64
N THR C 204 37.67 -44.04 -4.94
CA THR C 204 38.46 -44.66 -5.99
C THR C 204 39.17 -43.57 -6.79
N ALA C 205 40.11 -44.02 -7.63
CA ALA C 205 40.87 -43.09 -8.46
C ALA C 205 40.00 -42.44 -9.53
N LEU C 206 38.98 -43.15 -10.01
CA LEU C 206 38.11 -42.60 -11.05
C LEU C 206 37.31 -41.41 -10.54
N HIS C 207 37.05 -41.35 -9.23
CA HIS C 207 36.33 -40.21 -8.66
C HIS C 207 37.12 -38.92 -8.85
N ILE C 208 38.44 -38.97 -8.66
CA ILE C 208 39.26 -37.78 -8.73
C ILE C 208 39.31 -37.23 -10.15
N ALA C 209 39.47 -38.10 -11.15
CA ALA C 209 39.63 -37.64 -12.52
C ALA C 209 38.38 -36.94 -13.03
N ILE C 210 37.20 -37.50 -12.75
CA ILE C 210 35.96 -36.90 -13.23
C ILE C 210 35.69 -35.58 -12.52
N GLU C 211 36.01 -35.52 -11.22
CA GLU C 211 35.73 -34.31 -10.44
C GLU C 211 36.49 -33.10 -10.98
N ARG C 212 37.65 -33.33 -11.60
CA ARG C 212 38.43 -32.25 -12.19
C ARG C 212 37.94 -31.85 -13.57
N ARG C 213 36.90 -32.51 -14.08
CA ARG C 213 36.26 -32.16 -15.35
C ARG C 213 37.25 -32.18 -16.51
N ASN C 214 37.93 -33.31 -16.65
CA ASN C 214 38.87 -33.54 -17.75
C ASN C 214 38.41 -34.76 -18.51
N MET C 215 37.89 -34.54 -19.73
CA MET C 215 37.35 -35.63 -20.52
C MET C 215 38.44 -36.59 -20.98
N ALA C 216 39.63 -36.08 -21.29
CA ALA C 216 40.73 -36.95 -21.70
C ALA C 216 41.24 -37.79 -20.53
N LEU C 217 41.26 -37.21 -19.33
CA LEU C 217 41.81 -37.92 -18.17
C LEU C 217 40.92 -39.09 -17.77
N VAL C 218 39.60 -38.90 -17.74
CA VAL C 218 38.71 -40.00 -17.40
C VAL C 218 38.75 -41.07 -18.47
N THR C 219 38.93 -40.68 -19.73
CA THR C 219 39.06 -41.64 -20.82
C THR C 219 40.21 -42.61 -20.56
N LEU C 220 41.29 -42.11 -19.96
CA LEU C 220 42.44 -42.96 -19.67
C LEU C 220 42.10 -44.04 -18.65
N LEU C 221 41.49 -43.65 -17.53
CA LEU C 221 41.23 -44.61 -16.46
C LEU C 221 40.12 -45.59 -16.83
N VAL C 222 39.08 -45.10 -17.50
CA VAL C 222 37.98 -45.97 -17.93
C VAL C 222 38.51 -47.03 -18.88
N GLU C 223 39.43 -46.66 -19.75
CA GLU C 223 40.04 -47.63 -20.66
C GLU C 223 40.92 -48.63 -19.89
N ASN C 224 41.51 -48.20 -18.78
CA ASN C 224 42.42 -49.04 -18.00
C ASN C 224 41.72 -50.18 -17.29
N GLY C 225 40.39 -50.19 -17.25
CA GLY C 225 39.67 -51.24 -16.56
C GLY C 225 39.34 -50.96 -15.11
N ALA C 226 39.49 -49.72 -14.66
CA ALA C 226 39.10 -49.37 -13.30
C ALA C 226 37.60 -49.54 -13.12
N ASP C 227 37.22 -50.09 -11.97
CA ASP C 227 35.81 -50.36 -11.71
C ASP C 227 34.99 -49.08 -11.72
N VAL C 228 33.87 -49.11 -12.44
CA VAL C 228 32.97 -47.97 -12.51
C VAL C 228 31.84 -48.20 -11.53
N GLN C 229 31.67 -49.45 -11.10
CA GLN C 229 30.63 -49.82 -10.15
C GLN C 229 31.11 -49.74 -8.70
N ALA C 230 32.34 -49.32 -8.47
CA ALA C 230 32.82 -49.14 -7.10
C ALA C 230 32.21 -47.89 -6.49
N ALA C 231 31.65 -48.02 -5.30
CA ALA C 231 30.95 -46.93 -4.63
C ALA C 231 31.79 -46.39 -3.49
N ALA C 232 31.86 -45.06 -3.41
CA ALA C 232 32.57 -44.37 -2.31
C ALA C 232 31.54 -43.99 -1.26
N HIS C 233 31.33 -44.88 -0.29
CA HIS C 233 30.34 -44.64 0.75
C HIS C 233 30.91 -43.80 1.88
N GLY C 234 31.26 -42.55 1.59
CA GLY C 234 31.77 -41.62 2.58
C GLY C 234 30.67 -40.67 3.04
N ASP C 235 30.70 -40.34 4.33
CA ASP C 235 29.70 -39.42 4.87
C ASP C 235 29.83 -38.03 4.24
N PHE C 236 31.03 -37.67 3.81
CA PHE C 236 31.21 -36.41 3.09
C PHE C 236 30.41 -36.39 1.80
N PHE C 237 30.24 -37.55 1.17
CA PHE C 237 29.47 -37.66 -0.06
C PHE C 237 27.99 -37.91 0.18
N LYS C 238 27.59 -38.16 1.42
CA LYS C 238 26.20 -38.39 1.75
C LYS C 238 25.49 -37.06 2.03
N LYS C 239 24.23 -37.13 2.45
CA LYS C 239 23.47 -35.93 2.79
C LYS C 239 24.13 -35.21 3.96
N THR C 240 24.15 -35.86 5.13
CA THR C 240 24.80 -35.35 6.33
C THR C 240 24.44 -33.87 6.57
N LYS C 241 23.16 -33.64 6.85
CA LYS C 241 22.65 -32.28 7.00
C LYS C 241 23.36 -31.51 8.12
N GLY C 242 23.91 -32.20 9.11
CA GLY C 242 24.60 -31.54 10.20
C GLY C 242 26.05 -31.17 9.93
N ARG C 243 26.58 -31.51 8.75
CA ARG C 243 27.96 -31.23 8.42
C ARG C 243 28.04 -30.72 6.98
N PRO C 244 29.04 -29.91 6.66
CA PRO C 244 29.22 -29.49 5.27
C PRO C 244 29.63 -30.66 4.38
N GLY C 245 29.24 -30.58 3.11
CA GLY C 245 29.59 -31.64 2.17
C GLY C 245 28.83 -31.48 0.87
N PHE C 246 28.86 -32.54 0.07
CA PHE C 246 28.18 -32.55 -1.22
C PHE C 246 27.71 -33.96 -1.51
N TYR C 247 26.52 -34.09 -2.12
CA TYR C 247 25.96 -35.37 -2.50
C TYR C 247 25.90 -35.46 -4.02
N PHE C 248 26.33 -36.60 -4.57
CA PHE C 248 26.35 -36.78 -6.01
C PHE C 248 25.77 -38.10 -6.49
N GLY C 249 25.47 -39.05 -5.60
CA GLY C 249 24.88 -40.32 -5.99
C GLY C 249 25.70 -41.54 -5.66
N GLU C 250 26.86 -41.38 -5.02
CA GLU C 250 27.66 -42.51 -4.54
C GLU C 250 28.11 -43.43 -5.67
N LEU C 251 28.30 -42.87 -6.87
CA LEU C 251 28.72 -43.66 -8.02
C LEU C 251 29.40 -42.76 -9.03
N PRO C 252 30.51 -43.21 -9.63
CA PRO C 252 31.17 -42.38 -10.66
C PRO C 252 30.28 -42.06 -11.85
N LEU C 253 29.38 -42.98 -12.22
CA LEU C 253 28.49 -42.72 -13.36
C LEU C 253 27.56 -41.53 -13.05
N SER C 254 27.04 -41.46 -11.83
CA SER C 254 26.19 -40.33 -11.46
C SER C 254 26.98 -39.04 -11.34
N LEU C 255 28.28 -39.13 -11.01
CA LEU C 255 29.09 -37.94 -10.82
C LEU C 255 29.18 -37.12 -12.10
N ALA C 256 29.36 -37.76 -13.24
CA ALA C 256 29.41 -37.04 -14.51
C ALA C 256 28.06 -36.41 -14.83
N ALA C 257 26.97 -37.12 -14.54
CA ALA C 257 25.63 -36.60 -14.82
C ALA C 257 25.33 -35.36 -13.99
N CYS C 258 25.66 -35.40 -12.69
CA CYS C 258 25.40 -34.26 -11.82
C CYS C 258 26.33 -33.09 -12.07
N THR C 259 27.42 -33.29 -12.81
CA THR C 259 28.38 -32.24 -13.09
C THR C 259 28.30 -31.73 -14.53
N ASN C 260 27.21 -32.07 -15.23
CA ASN C 260 26.97 -31.63 -16.60
C ASN C 260 28.04 -32.17 -17.56
N GLN C 261 28.56 -33.37 -17.29
CA GLN C 261 29.56 -34.01 -18.15
C GLN C 261 28.82 -34.94 -19.11
N LEU C 262 28.17 -34.33 -20.11
CA LEU C 262 27.39 -35.11 -21.07
C LEU C 262 28.29 -36.02 -21.91
N GLY C 263 29.43 -35.49 -22.37
CA GLY C 263 30.30 -36.29 -23.22
C GLY C 263 30.89 -37.48 -22.48
N ILE C 264 31.25 -37.29 -21.22
CA ILE C 264 31.74 -38.40 -20.40
C ILE C 264 30.63 -39.42 -20.18
N VAL C 265 29.40 -38.96 -19.91
CA VAL C 265 28.29 -39.88 -19.64
C VAL C 265 28.03 -40.77 -20.85
N LYS C 266 27.99 -40.16 -22.04
CA LYS C 266 27.80 -40.96 -23.26
C LYS C 266 28.95 -41.92 -23.49
N PHE C 267 30.17 -41.50 -23.18
CA PHE C 267 31.33 -42.39 -23.31
C PHE C 267 31.23 -43.57 -22.36
N LEU C 268 30.77 -43.33 -21.12
CA LEU C 268 30.71 -44.37 -20.11
C LEU C 268 29.70 -45.48 -20.44
N LEU C 269 28.74 -45.22 -21.32
CA LEU C 269 27.63 -46.14 -21.52
C LEU C 269 27.66 -46.88 -22.85
N GLN C 270 28.00 -46.19 -23.94
CA GLN C 270 27.94 -46.79 -25.27
C GLN C 270 29.32 -47.24 -25.77
N ASN C 271 30.32 -47.28 -24.91
CA ASN C 271 31.64 -47.76 -25.30
C ASN C 271 31.63 -49.28 -25.37
N SER C 272 32.81 -49.88 -25.55
CA SER C 272 32.95 -51.32 -25.59
C SER C 272 33.84 -51.89 -24.50
N TRP C 273 34.80 -51.12 -23.99
CA TRP C 273 35.70 -51.62 -22.95
C TRP C 273 34.92 -51.97 -21.69
N GLN C 274 34.26 -50.98 -21.10
CA GLN C 274 33.46 -51.19 -19.89
C GLN C 274 32.24 -50.27 -19.94
N THR C 275 31.06 -50.88 -20.03
CA THR C 275 29.80 -50.15 -20.03
C THR C 275 29.29 -50.02 -18.61
N ALA C 276 29.13 -48.78 -18.14
CA ALA C 276 28.66 -48.54 -16.79
C ALA C 276 27.22 -49.03 -16.63
N ASP C 277 26.92 -49.51 -15.42
CA ASP C 277 25.59 -50.00 -15.10
C ASP C 277 24.64 -48.82 -14.93
N ILE C 278 23.73 -48.65 -15.89
CA ILE C 278 22.78 -47.56 -15.82
C ILE C 278 21.69 -47.81 -14.79
N SER C 279 21.58 -49.04 -14.29
CA SER C 279 20.59 -49.40 -13.28
C SER C 279 21.20 -49.69 -11.92
N ALA C 280 22.46 -49.32 -11.72
CA ALA C 280 23.14 -49.62 -10.46
C ALA C 280 22.56 -48.80 -9.31
N ARG C 281 22.35 -49.47 -8.18
CA ARG C 281 21.83 -48.83 -6.98
C ARG C 281 22.90 -48.85 -5.89
N ASP C 282 23.03 -47.74 -5.17
CA ASP C 282 24.03 -47.61 -4.12
C ASP C 282 23.46 -48.18 -2.82
N SER C 283 24.17 -47.93 -1.70
CA SER C 283 23.74 -48.47 -0.42
C SER C 283 22.36 -47.96 -0.03
N VAL C 284 22.11 -46.65 -0.20
CA VAL C 284 20.80 -46.09 0.08
C VAL C 284 19.76 -46.49 -0.94
N GLY C 285 20.20 -47.02 -2.09
CA GLY C 285 19.31 -47.42 -3.15
C GLY C 285 19.07 -46.38 -4.21
N ASN C 286 19.72 -45.23 -4.12
CA ASN C 286 19.50 -44.16 -5.08
C ASN C 286 20.10 -44.52 -6.44
N THR C 287 19.26 -44.58 -7.46
CA THR C 287 19.74 -44.75 -8.83
C THR C 287 20.29 -43.41 -9.33
N VAL C 288 20.84 -43.43 -10.55
CA VAL C 288 21.30 -42.18 -11.15
C VAL C 288 20.15 -41.21 -11.35
N LEU C 289 18.97 -41.73 -11.71
CA LEU C 289 17.79 -40.88 -11.84
C LEU C 289 17.37 -40.31 -10.48
N HIS C 290 17.47 -41.12 -9.42
CA HIS C 290 17.20 -40.61 -8.08
C HIS C 290 18.18 -39.52 -7.70
N ALA C 291 19.46 -39.71 -8.02
CA ALA C 291 20.48 -38.74 -7.66
C ALA C 291 20.30 -37.42 -8.41
N LEU C 292 19.77 -37.49 -9.63
CA LEU C 292 19.54 -36.27 -10.40
C LEU C 292 18.45 -35.40 -9.78
N VAL C 293 17.47 -36.03 -9.13
CA VAL C 293 16.42 -35.26 -8.45
C VAL C 293 16.97 -34.54 -7.23
N GLU C 294 17.84 -35.21 -6.47
CA GLU C 294 18.37 -34.61 -5.25
C GLU C 294 19.34 -33.47 -5.54
N VAL C 295 19.95 -33.47 -6.73
CA VAL C 295 20.87 -32.38 -7.09
C VAL C 295 20.09 -31.10 -7.35
N ALA C 296 18.93 -31.20 -7.99
CA ALA C 296 18.15 -30.02 -8.36
C ALA C 296 17.72 -29.23 -7.13
N ASP C 297 17.70 -27.91 -7.25
CA ASP C 297 17.29 -27.03 -6.16
C ASP C 297 16.34 -25.93 -6.63
N ASN C 298 15.69 -26.13 -7.78
CA ASN C 298 14.62 -25.29 -8.30
C ASN C 298 15.08 -23.91 -8.73
N THR C 299 16.37 -23.59 -8.61
CA THR C 299 16.84 -22.27 -9.00
C THR C 299 16.78 -22.13 -10.53
N ALA C 300 16.83 -20.87 -10.98
CA ALA C 300 16.50 -20.56 -12.37
C ALA C 300 17.42 -21.28 -13.35
N ASP C 301 18.69 -21.46 -12.99
CA ASP C 301 19.64 -22.04 -13.93
C ASP C 301 19.74 -23.56 -13.79
N ASN C 302 19.60 -24.06 -12.56
CA ASN C 302 19.77 -25.50 -12.33
C ASN C 302 18.71 -26.32 -13.06
N THR C 303 17.47 -25.82 -13.12
CA THR C 303 16.38 -26.61 -13.68
C THR C 303 16.64 -26.94 -15.15
N LYS C 304 17.10 -25.97 -15.93
CA LYS C 304 17.37 -26.21 -17.35
C LYS C 304 18.45 -27.27 -17.53
N PHE C 305 19.44 -27.29 -16.63
CA PHE C 305 20.49 -28.29 -16.69
C PHE C 305 19.96 -29.69 -16.40
N VAL C 306 19.22 -29.84 -15.29
CA VAL C 306 18.84 -31.19 -14.83
C VAL C 306 17.85 -31.82 -15.80
N THR C 307 16.82 -31.08 -16.22
CA THR C 307 15.81 -31.65 -17.09
C THR C 307 16.37 -32.05 -18.45
N SER C 308 17.25 -31.22 -19.02
CA SER C 308 17.86 -31.56 -20.30
C SER C 308 18.73 -32.81 -20.17
N MET C 309 19.51 -32.91 -19.10
CA MET C 309 20.31 -34.11 -18.86
C MET C 309 19.43 -35.30 -18.52
N TYR C 310 18.32 -35.07 -17.80
CA TYR C 310 17.40 -36.15 -17.45
C TYR C 310 16.82 -36.81 -18.69
N ASN C 311 16.56 -36.03 -19.74
CA ASN C 311 15.91 -36.57 -20.93
C ASN C 311 16.84 -37.49 -21.70
N GLU C 312 18.10 -37.09 -21.89
CA GLU C 312 19.00 -37.87 -22.72
C GLU C 312 19.37 -39.20 -22.08
N ILE C 313 19.58 -39.20 -20.76
CA ILE C 313 19.97 -40.44 -20.10
C ILE C 313 18.84 -41.47 -20.18
N LEU C 314 17.59 -41.03 -20.12
CA LEU C 314 16.46 -41.92 -20.37
C LEU C 314 16.42 -42.35 -21.83
N MET C 315 16.62 -41.40 -22.75
CA MET C 315 16.59 -41.71 -24.18
C MET C 315 17.70 -42.69 -24.54
N LEU C 316 18.90 -42.46 -24.00
CA LEU C 316 20.01 -43.38 -24.23
C LEU C 316 19.71 -44.76 -23.66
N GLY C 317 19.11 -44.80 -22.47
CA GLY C 317 18.77 -46.09 -21.88
C GLY C 317 17.74 -46.86 -22.69
N ALA C 318 16.83 -46.13 -23.35
CA ALA C 318 15.82 -46.79 -24.18
C ALA C 318 16.46 -47.49 -25.38
N LYS C 319 17.43 -46.84 -26.02
CA LYS C 319 18.10 -47.46 -27.17
C LYS C 319 18.95 -48.64 -26.72
N LEU C 320 19.35 -48.68 -25.45
CA LEU C 320 20.21 -49.74 -24.96
C LEU C 320 19.43 -50.84 -24.24
N HIS C 321 18.40 -50.48 -23.48
CA HIS C 321 17.56 -51.45 -22.77
C HIS C 321 16.11 -51.12 -23.06
N PRO C 322 15.59 -51.54 -24.22
CA PRO C 322 14.19 -51.27 -24.54
C PRO C 322 13.20 -51.89 -23.56
N THR C 323 13.51 -53.06 -23.01
CA THR C 323 12.60 -53.74 -22.09
C THR C 323 12.69 -53.23 -20.66
N LEU C 324 13.74 -52.49 -20.32
CA LEU C 324 13.94 -52.04 -18.95
C LEU C 324 13.34 -50.66 -18.75
N LYS C 325 12.60 -50.51 -17.65
CA LYS C 325 11.95 -49.26 -17.30
C LYS C 325 12.61 -48.71 -16.03
N LEU C 326 13.37 -47.62 -16.19
CA LEU C 326 14.12 -47.07 -15.07
C LEU C 326 13.22 -46.28 -14.12
N GLU C 327 12.13 -45.71 -14.64
CA GLU C 327 11.30 -44.81 -13.84
C GLU C 327 10.59 -45.54 -12.70
N GLU C 328 10.41 -46.85 -12.82
CA GLU C 328 9.69 -47.61 -11.79
C GLU C 328 10.60 -48.27 -10.78
N LEU C 329 11.91 -48.00 -10.83
CA LEU C 329 12.83 -48.52 -9.83
C LEU C 329 12.78 -47.65 -8.57
N THR C 330 12.79 -48.30 -7.42
CA THR C 330 12.67 -47.61 -6.13
C THR C 330 13.94 -47.81 -5.31
N ASN C 331 14.19 -46.88 -4.40
CA ASN C 331 15.32 -46.97 -3.49
C ASN C 331 14.92 -47.81 -2.27
N LYS C 332 15.76 -47.78 -1.23
CA LYS C 332 15.45 -48.53 -0.02
C LYS C 332 14.17 -48.03 0.64
N LYS C 333 13.94 -46.72 0.63
CA LYS C 333 12.72 -46.16 1.20
C LYS C 333 11.48 -46.50 0.39
N GLY C 334 11.64 -46.93 -0.86
CA GLY C 334 10.50 -47.24 -1.70
C GLY C 334 9.93 -46.05 -2.45
N MET C 335 10.77 -45.13 -2.88
CA MET C 335 10.34 -43.95 -3.63
C MET C 335 10.87 -44.02 -5.05
N THR C 336 9.96 -43.91 -6.02
CA THR C 336 10.35 -43.71 -7.40
C THR C 336 10.87 -42.28 -7.58
N PRO C 337 11.64 -42.01 -8.65
CA PRO C 337 12.10 -40.63 -8.85
C PRO C 337 10.96 -39.63 -8.99
N LEU C 338 9.84 -40.03 -9.59
CA LEU C 338 8.68 -39.15 -9.64
C LEU C 338 8.11 -38.90 -8.25
N ALA C 339 8.03 -39.95 -7.43
CA ALA C 339 7.49 -39.79 -6.08
C ALA C 339 8.41 -38.98 -5.18
N LEU C 340 9.73 -39.12 -5.35
CA LEU C 340 10.65 -38.39 -4.50
C LEU C 340 10.73 -36.92 -4.90
N ALA C 341 10.55 -36.62 -6.19
CA ALA C 341 10.56 -35.23 -6.63
C ALA C 341 9.40 -34.44 -6.03
N ALA C 342 8.20 -35.03 -6.00
CA ALA C 342 7.06 -34.36 -5.40
C ALA C 342 7.19 -34.31 -3.89
N GLY C 343 7.79 -35.33 -3.28
CA GLY C 343 7.92 -35.37 -1.84
C GLY C 343 8.84 -34.28 -1.30
N THR C 344 9.89 -33.96 -2.05
CA THR C 344 10.90 -33.02 -1.59
C THR C 344 10.69 -31.60 -2.11
N GLY C 345 9.58 -31.33 -2.78
CA GLY C 345 9.29 -29.99 -3.23
C GLY C 345 10.04 -29.52 -4.44
N LYS C 346 10.52 -30.44 -5.28
CA LYS C 346 11.28 -30.08 -6.49
C LYS C 346 10.30 -29.86 -7.63
N ILE C 347 9.72 -28.66 -7.65
CA ILE C 347 8.64 -28.36 -8.58
C ILE C 347 9.15 -28.29 -10.01
N GLY C 348 10.38 -27.81 -10.22
CA GLY C 348 10.89 -27.63 -11.57
C GLY C 348 10.98 -28.94 -12.35
N VAL C 349 11.51 -29.98 -11.71
CA VAL C 349 11.61 -31.28 -12.37
C VAL C 349 10.27 -32.01 -12.42
N LEU C 350 9.42 -31.83 -11.40
CA LEU C 350 8.11 -32.49 -11.40
C LEU C 350 7.26 -32.05 -12.58
N ALA C 351 7.31 -30.76 -12.93
CA ALA C 351 6.56 -30.28 -14.08
C ALA C 351 7.05 -30.93 -15.37
N TYR C 352 8.36 -31.12 -15.51
CA TYR C 352 8.91 -31.74 -16.71
C TYR C 352 8.42 -33.18 -16.85
N ILE C 353 8.40 -33.94 -15.74
CA ILE C 353 8.06 -35.35 -15.81
C ILE C 353 6.59 -35.53 -16.19
N LEU C 354 5.71 -34.73 -15.60
CA LEU C 354 4.27 -34.96 -15.76
C LEU C 354 3.83 -34.78 -17.20
N GLN C 355 4.35 -33.76 -17.88
CA GLN C 355 3.94 -33.43 -19.25
C GLN C 355 5.10 -33.58 -20.23
N ARG C 356 5.85 -34.67 -20.11
CA ARG C 356 6.96 -34.95 -21.01
C ARG C 356 6.43 -35.47 -22.35
N GLU C 357 6.78 -34.78 -23.43
CA GLU C 357 6.34 -35.14 -24.77
C GLU C 357 7.54 -35.11 -25.71
N ILE C 358 7.90 -36.26 -26.26
CA ILE C 358 9.07 -36.39 -27.13
C ILE C 358 8.58 -36.56 -28.57
N GLN C 359 9.04 -35.67 -29.46
CA GLN C 359 8.62 -35.74 -30.85
C GLN C 359 9.27 -36.89 -31.60
N GLU C 360 10.39 -37.39 -31.10
CA GLU C 360 11.17 -38.39 -31.84
C GLU C 360 10.46 -39.73 -31.84
N PRO C 361 10.27 -40.37 -33.00
CA PRO C 361 9.73 -41.73 -33.03
C PRO C 361 10.62 -42.69 -32.25
N GLU C 362 9.99 -43.73 -31.71
CA GLU C 362 10.61 -44.79 -30.91
C GLU C 362 10.99 -44.25 -29.53
N CYS C 363 10.84 -42.93 -29.33
CA CYS C 363 10.91 -42.32 -28.02
C CYS C 363 9.60 -41.66 -27.66
N ARG C 364 8.59 -41.78 -28.53
CA ARG C 364 7.26 -41.27 -28.22
C ARG C 364 6.60 -42.08 -27.11
N HIS C 365 6.87 -43.39 -27.06
CA HIS C 365 6.31 -44.22 -26.00
C HIS C 365 6.88 -43.88 -24.62
N LEU C 366 7.98 -43.14 -24.56
CA LEU C 366 8.47 -42.61 -23.29
C LEU C 366 7.68 -41.40 -22.82
N SER C 367 6.91 -40.75 -23.71
CA SER C 367 6.23 -39.51 -23.38
C SER C 367 5.05 -39.78 -22.45
N ARG C 368 4.55 -38.69 -21.85
CA ARG C 368 3.35 -38.74 -21.03
C ARG C 368 2.25 -37.80 -21.48
N LYS C 369 2.56 -36.80 -22.30
CA LYS C 369 1.57 -35.84 -22.78
C LYS C 369 1.47 -35.98 -24.29
N PHE C 370 0.51 -36.77 -24.75
CA PHE C 370 0.32 -37.07 -26.16
C PHE C 370 -0.53 -35.97 -26.81
N THR C 371 -0.92 -36.19 -28.06
CA THR C 371 -1.80 -35.25 -28.76
C THR C 371 -2.80 -36.06 -29.57
N GLU C 372 -4.09 -35.76 -29.38
CA GLU C 372 -5.14 -36.48 -30.10
C GLU C 372 -5.22 -36.05 -31.55
N TRP C 373 -5.56 -34.78 -31.78
CA TRP C 373 -5.63 -34.24 -33.13
C TRP C 373 -5.30 -32.74 -33.05
N ALA C 374 -5.62 -32.02 -34.12
CA ALA C 374 -5.35 -30.59 -34.17
C ALA C 374 -6.46 -29.89 -34.93
N TYR C 375 -6.58 -28.59 -34.69
CA TYR C 375 -7.53 -27.73 -35.39
C TYR C 375 -6.82 -26.42 -35.68
N GLY C 376 -7.57 -25.38 -36.04
CA GLY C 376 -6.98 -24.11 -36.35
C GLY C 376 -6.26 -23.50 -35.17
N PRO C 377 -7.02 -23.03 -34.18
CA PRO C 377 -6.39 -22.56 -32.94
C PRO C 377 -6.42 -23.60 -31.83
N VAL C 378 -7.06 -24.74 -32.09
CA VAL C 378 -7.39 -25.72 -31.06
C VAL C 378 -6.53 -26.95 -31.25
N HIS C 379 -6.02 -27.49 -30.15
CA HIS C 379 -5.31 -28.76 -30.16
C HIS C 379 -5.72 -29.56 -28.94
N SER C 380 -5.88 -30.87 -29.11
CA SER C 380 -6.30 -31.77 -28.04
C SER C 380 -5.10 -32.58 -27.58
N SER C 381 -4.87 -32.59 -26.28
CA SER C 381 -3.74 -33.29 -25.68
C SER C 381 -4.24 -34.28 -24.64
N LEU C 382 -3.55 -35.41 -24.53
CA LEU C 382 -3.87 -36.42 -23.54
C LEU C 382 -2.73 -36.55 -22.53
N TYR C 383 -3.05 -37.06 -21.35
CA TYR C 383 -2.08 -37.15 -20.25
C TYR C 383 -2.07 -38.57 -19.70
N ASP C 384 -0.87 -39.01 -19.28
CA ASP C 384 -0.70 -40.41 -18.88
C ASP C 384 -1.53 -40.74 -17.65
N LEU C 385 -1.49 -39.86 -16.63
CA LEU C 385 -2.31 -40.02 -15.43
C LEU C 385 -2.04 -41.33 -14.70
N SER C 386 -0.92 -41.98 -15.03
CA SER C 386 -0.54 -43.22 -14.35
C SER C 386 0.17 -42.90 -13.04
N CYS C 387 -0.12 -43.73 -12.03
CA CYS C 387 0.43 -43.59 -10.67
C CYS C 387 0.28 -42.18 -10.11
N ILE C 388 -0.72 -41.43 -10.58
CA ILE C 388 -0.97 -40.07 -10.08
C ILE C 388 -2.06 -40.12 -9.02
N ASP C 389 -3.25 -40.59 -9.39
CA ASP C 389 -4.37 -40.67 -8.47
C ASP C 389 -4.52 -42.04 -7.81
N THR C 390 -4.12 -43.11 -8.48
CA THR C 390 -4.14 -44.45 -7.91
C THR C 390 -2.75 -45.06 -8.02
N CYS C 391 -2.31 -45.71 -6.95
CA CYS C 391 -0.98 -46.31 -6.92
C CYS C 391 -0.94 -47.32 -5.78
N GLU C 392 0.15 -48.08 -5.74
CA GLU C 392 0.30 -49.11 -4.71
C GLU C 392 0.60 -48.48 -3.35
N LYS C 393 1.68 -47.71 -3.27
CA LYS C 393 2.11 -47.13 -1.99
C LYS C 393 2.08 -45.61 -1.97
N ASN C 394 2.72 -44.95 -2.94
CA ASN C 394 2.83 -43.49 -2.95
C ASN C 394 2.25 -42.94 -4.25
N SER C 395 1.03 -42.39 -4.17
CA SER C 395 0.47 -41.63 -5.27
C SER C 395 1.02 -40.21 -5.24
N VAL C 396 1.05 -39.57 -6.40
CA VAL C 396 1.56 -38.20 -6.48
C VAL C 396 0.68 -37.26 -5.68
N LEU C 397 -0.64 -37.42 -5.79
CA LEU C 397 -1.56 -36.56 -5.05
C LEU C 397 -1.45 -36.78 -3.55
N GLU C 398 -1.32 -38.03 -3.13
CA GLU C 398 -1.24 -38.34 -1.70
C GLU C 398 0.04 -37.78 -1.08
N VAL C 399 1.16 -37.90 -1.80
CA VAL C 399 2.44 -37.42 -1.27
C VAL C 399 2.41 -35.92 -1.06
N ILE C 400 1.86 -35.16 -2.00
CA ILE C 400 1.83 -33.71 -1.89
C ILE C 400 0.93 -33.28 -0.73
N ALA C 401 -0.26 -33.88 -0.64
CA ALA C 401 -1.24 -33.44 0.34
C ALA C 401 -0.80 -33.77 1.76
N TYR C 402 -0.33 -35.00 1.98
CA TYR C 402 0.01 -35.47 3.32
C TYR C 402 1.49 -35.24 3.61
N SER C 403 1.90 -33.98 3.47
CA SER C 403 3.27 -33.58 3.75
C SER C 403 3.38 -33.03 5.17
N SER C 404 4.61 -32.79 5.60
CA SER C 404 4.88 -32.29 6.95
C SER C 404 5.00 -30.76 6.98
N SER C 405 4.47 -30.08 5.97
CA SER C 405 4.37 -28.62 5.94
C SER C 405 5.75 -27.97 5.81
N GLU C 406 6.81 -28.77 5.82
CA GLU C 406 8.16 -28.25 5.60
C GLU C 406 8.55 -28.28 4.13
N THR C 407 7.73 -28.84 3.26
CA THR C 407 8.02 -28.83 1.84
C THR C 407 7.95 -27.39 1.32
N PRO C 408 8.97 -26.91 0.62
CA PRO C 408 9.03 -25.49 0.24
C PRO C 408 7.88 -25.00 -0.64
N ASN C 409 7.38 -25.85 -1.53
CA ASN C 409 6.46 -25.40 -2.58
C ASN C 409 5.21 -26.28 -2.64
N ARG C 410 4.69 -26.69 -1.48
CA ARG C 410 3.57 -27.60 -1.50
C ARG C 410 2.30 -26.94 -2.03
N HIS C 411 2.11 -25.64 -1.77
CA HIS C 411 0.97 -24.94 -2.33
C HIS C 411 1.06 -24.87 -3.86
N ASP C 412 2.27 -24.66 -4.39
CA ASP C 412 2.47 -24.40 -5.81
C ASP C 412 2.53 -25.67 -6.66
N MET C 413 2.83 -26.84 -6.08
CA MET C 413 2.94 -28.04 -6.90
C MET C 413 1.61 -28.51 -7.45
N LEU C 414 0.49 -28.03 -6.92
CA LEU C 414 -0.82 -28.41 -7.42
C LEU C 414 -1.28 -27.55 -8.59
N LEU C 415 -0.49 -26.55 -9.00
CA LEU C 415 -0.86 -25.69 -10.10
C LEU C 415 -0.32 -26.18 -11.44
N VAL C 416 0.42 -27.29 -11.48
CA VAL C 416 0.87 -27.83 -12.75
C VAL C 416 -0.33 -28.31 -13.56
N GLU C 417 -0.14 -28.46 -14.87
CA GLU C 417 -1.26 -28.56 -15.80
C GLU C 417 -2.16 -29.78 -15.56
N PRO C 418 -1.66 -31.01 -15.44
CA PRO C 418 -2.59 -32.14 -15.28
C PRO C 418 -3.26 -32.19 -13.92
N LEU C 419 -2.58 -31.75 -12.86
CA LEU C 419 -3.10 -31.95 -11.51
C LEU C 419 -4.24 -31.00 -11.16
N ASN C 420 -4.17 -29.76 -11.62
CA ASN C 420 -5.17 -28.77 -11.24
C ASN C 420 -6.55 -29.14 -11.78
N ARG C 421 -6.61 -29.57 -13.05
CA ARG C 421 -7.90 -29.91 -13.65
C ARG C 421 -8.37 -31.29 -13.25
N LEU C 422 -7.47 -32.15 -12.78
CA LEU C 422 -7.88 -33.47 -12.29
C LEU C 422 -8.65 -33.36 -10.98
N LEU C 423 -8.21 -32.46 -10.09
CA LEU C 423 -8.92 -32.27 -8.83
C LEU C 423 -10.24 -31.55 -9.04
N GLN C 424 -10.28 -30.57 -9.95
CA GLN C 424 -11.52 -29.87 -10.22
C GLN C 424 -12.55 -30.79 -10.86
N ASP C 425 -12.10 -31.77 -11.63
CA ASP C 425 -13.00 -32.78 -12.19
C ASP C 425 -13.61 -33.65 -11.10
N LYS C 426 -12.82 -34.03 -10.09
CA LYS C 426 -13.34 -34.84 -8.99
C LYS C 426 -14.37 -34.07 -8.17
N TRP C 427 -14.13 -32.77 -7.95
CA TRP C 427 -15.06 -31.96 -7.19
C TRP C 427 -16.40 -31.82 -7.91
N ASP C 428 -16.36 -31.43 -9.19
CA ASP C 428 -17.60 -31.17 -9.91
C ASP C 428 -18.38 -32.44 -10.23
N ARG C 429 -17.74 -33.60 -10.15
CA ARG C 429 -18.42 -34.83 -10.55
C ARG C 429 -19.19 -35.45 -9.38
N PHE C 430 -18.50 -35.80 -8.29
CA PHE C 430 -19.20 -36.49 -7.20
C PHE C 430 -18.91 -35.92 -5.82
N VAL C 431 -17.74 -35.31 -5.62
CA VAL C 431 -17.33 -34.93 -4.27
C VAL C 431 -18.17 -33.77 -3.74
N LYS C 432 -18.50 -32.82 -4.60
CA LYS C 432 -19.20 -31.61 -4.15
C LYS C 432 -20.55 -31.94 -3.55
N ARG C 433 -21.28 -32.89 -4.13
CA ARG C 433 -22.60 -33.23 -3.62
C ARG C 433 -22.53 -33.89 -2.25
N ILE C 434 -21.51 -34.72 -2.02
CA ILE C 434 -21.37 -35.37 -0.71
C ILE C 434 -21.00 -34.34 0.35
N PHE C 435 -20.18 -33.34 -0.01
CA PHE C 435 -19.79 -32.32 0.96
C PHE C 435 -21.00 -31.50 1.43
N TYR C 436 -21.90 -31.18 0.50
CA TYR C 436 -23.10 -30.44 0.88
C TYR C 436 -24.02 -31.27 1.76
N PHE C 437 -24.07 -32.58 1.54
CA PHE C 437 -24.86 -33.47 2.40
C PHE C 437 -24.31 -33.48 3.82
N ASN C 438 -22.99 -33.53 3.97
CA ASN C 438 -22.39 -33.53 5.30
C ASN C 438 -22.65 -32.22 6.04
N PHE C 439 -22.61 -31.10 5.32
CA PHE C 439 -22.90 -29.81 5.94
C PHE C 439 -24.33 -29.76 6.45
N LEU C 440 -25.28 -30.30 5.68
CA LEU C 440 -26.67 -30.27 6.08
C LEU C 440 -26.92 -31.13 7.31
N VAL C 441 -26.30 -32.30 7.38
CA VAL C 441 -26.52 -33.20 8.52
C VAL C 441 -25.90 -32.62 9.79
N TYR C 442 -24.74 -31.98 9.68
CA TYR C 442 -24.13 -31.36 10.85
C TYR C 442 -24.96 -30.20 11.37
N CYS C 443 -25.58 -29.44 10.47
CA CYS C 443 -26.45 -28.35 10.90
C CYS C 443 -27.64 -28.88 11.69
N LEU C 444 -28.24 -29.98 11.23
CA LEU C 444 -29.38 -30.57 11.93
C LEU C 444 -28.97 -31.12 13.29
N TYR C 445 -27.78 -31.71 13.37
CA TYR C 445 -27.30 -32.25 14.64
C TYR C 445 -27.12 -31.16 15.69
N MET C 446 -26.61 -30.00 15.27
CA MET C 446 -26.35 -28.91 16.20
C MET C 446 -27.62 -28.21 16.68
N ILE C 447 -28.67 -28.16 15.86
CA ILE C 447 -29.95 -27.58 16.26
C ILE C 447 -30.67 -28.45 17.28
N ILE C 448 -30.63 -29.78 17.11
CA ILE C 448 -31.26 -30.68 18.07
C ILE C 448 -30.52 -30.64 19.39
N PHE C 449 -29.18 -30.56 19.35
CA PHE C 449 -28.39 -30.44 20.57
C PHE C 449 -28.70 -29.14 21.30
N THR C 450 -28.85 -28.03 20.56
CA THR C 450 -29.16 -26.76 21.20
C THR C 450 -30.51 -26.78 21.88
N MET C 451 -31.50 -27.43 21.24
CA MET C 451 -32.85 -27.44 21.80
C MET C 451 -32.96 -28.32 23.03
N ALA C 452 -32.22 -29.44 23.07
CA ALA C 452 -32.28 -30.33 24.23
C ALA C 452 -31.61 -29.71 25.45
N ALA C 453 -30.54 -28.96 25.24
CA ALA C 453 -29.85 -28.31 26.36
C ALA C 453 -30.64 -27.12 26.87
N TYR C 454 -31.38 -26.44 25.98
CA TYR C 454 -32.15 -25.27 26.38
C TYR C 454 -33.26 -25.63 27.36
N TYR C 455 -33.89 -26.79 27.16
CA TYR C 455 -35.05 -27.19 27.95
C TYR C 455 -34.70 -28.17 29.06
N ARG C 456 -33.48 -28.11 29.57
CA ARG C 456 -33.07 -28.99 30.66
C ARG C 456 -33.88 -28.65 31.92
N PRO C 457 -34.27 -29.66 32.70
CA PRO C 457 -35.00 -29.38 33.94
C PRO C 457 -34.10 -28.76 35.00
N VAL C 458 -34.71 -28.01 35.90
CA VAL C 458 -33.98 -27.24 36.91
C VAL C 458 -34.17 -27.81 38.30
N ASP C 459 -34.67 -29.04 38.43
CA ASP C 459 -34.77 -29.67 39.73
C ASP C 459 -33.39 -30.18 40.17
N GLY C 460 -33.39 -30.89 41.29
CA GLY C 460 -32.13 -31.34 41.87
C GLY C 460 -31.77 -32.76 41.53
N LEU C 461 -30.46 -33.06 41.63
CA LEU C 461 -29.93 -34.42 41.63
C LEU C 461 -30.36 -35.24 40.42
N PRO C 462 -29.76 -35.03 39.26
CA PRO C 462 -30.03 -35.89 38.10
C PRO C 462 -29.66 -37.34 38.40
N PRO C 463 -30.20 -38.31 37.64
CA PRO C 463 -31.14 -38.20 36.51
C PRO C 463 -32.54 -37.80 36.92
N PHE C 464 -33.33 -37.34 35.96
CA PHE C 464 -34.65 -36.79 36.22
C PHE C 464 -35.73 -37.73 35.72
N LYS C 465 -36.88 -37.72 36.40
CA LYS C 465 -37.97 -38.64 36.10
C LYS C 465 -38.70 -38.23 34.83
N MET C 466 -39.46 -39.18 34.29
CA MET C 466 -40.15 -38.99 33.01
C MET C 466 -41.63 -38.70 33.27
N GLU C 467 -42.10 -37.54 32.80
CA GLU C 467 -43.50 -37.17 32.91
C GLU C 467 -43.90 -36.39 31.66
N LYS C 468 -45.17 -36.03 31.60
CA LYS C 468 -45.74 -35.23 30.51
C LYS C 468 -45.41 -35.88 29.16
N THR C 469 -45.44 -35.08 28.08
CA THR C 469 -44.99 -35.53 26.77
C THR C 469 -43.77 -34.78 26.28
N GLY C 470 -43.47 -33.60 26.84
CA GLY C 470 -42.28 -32.87 26.46
C GLY C 470 -41.00 -33.50 26.93
N ASP C 471 -41.07 -34.35 27.96
CA ASP C 471 -39.86 -35.04 28.43
C ASP C 471 -39.47 -36.14 27.46
N TYR C 472 -40.44 -36.77 26.80
CA TYR C 472 -40.14 -37.78 25.80
C TYR C 472 -39.47 -37.15 24.58
N PHE C 473 -39.91 -35.96 24.18
CA PHE C 473 -39.25 -35.25 23.10
C PHE C 473 -37.84 -34.81 23.51
N ARG C 474 -37.67 -34.40 24.78
CA ARG C 474 -36.37 -33.94 25.23
C ARG C 474 -35.38 -35.09 25.38
N VAL C 475 -35.85 -36.23 25.88
CA VAL C 475 -34.97 -37.39 26.04
C VAL C 475 -34.55 -37.92 24.67
N THR C 476 -35.45 -37.89 23.69
CA THR C 476 -35.09 -38.28 22.34
C THR C 476 -33.99 -37.38 21.79
N GLY C 477 -34.06 -36.08 22.09
CA GLY C 477 -33.05 -35.16 21.62
C GLY C 477 -31.66 -35.43 22.18
N GLU C 478 -31.56 -35.76 23.47
CA GLU C 478 -30.24 -35.95 24.07
C GLU C 478 -29.65 -37.31 23.75
N ILE C 479 -30.47 -38.27 23.35
CA ILE C 479 -29.94 -39.55 22.89
C ILE C 479 -29.24 -39.36 21.54
N LEU C 480 -29.84 -38.56 20.65
CA LEU C 480 -29.18 -38.21 19.41
C LEU C 480 -27.90 -37.42 19.64
N SER C 481 -27.87 -36.58 20.68
CA SER C 481 -26.66 -35.81 20.99
C SER C 481 -25.53 -36.73 21.43
N VAL C 482 -25.85 -37.75 22.24
CA VAL C 482 -24.82 -38.69 22.68
C VAL C 482 -24.30 -39.52 21.51
N LEU C 483 -25.21 -39.99 20.65
CA LEU C 483 -24.79 -40.78 19.49
C LEU C 483 -23.88 -39.98 18.57
N GLY C 484 -24.14 -38.68 18.44
CA GLY C 484 -23.27 -37.84 17.63
C GLY C 484 -21.87 -37.73 18.21
N GLY C 485 -21.77 -37.70 19.54
CA GLY C 485 -20.45 -37.60 20.17
C GLY C 485 -19.69 -38.90 20.12
N VAL C 486 -20.40 -40.03 20.02
CA VAL C 486 -19.74 -41.31 19.82
C VAL C 486 -19.15 -41.40 18.43
N TYR C 487 -19.90 -40.92 17.42
CA TYR C 487 -19.42 -40.96 16.05
C TYR C 487 -18.16 -40.12 15.86
N PHE C 488 -18.11 -38.93 16.45
CA PHE C 488 -16.92 -38.10 16.32
C PHE C 488 -15.76 -38.62 17.16
N PHE C 489 -16.03 -39.45 18.16
CA PHE C 489 -14.96 -40.03 18.96
C PHE C 489 -14.25 -41.13 18.20
N PHE C 490 -15.00 -41.94 17.45
CA PHE C 490 -14.40 -43.03 16.69
C PHE C 490 -13.73 -42.51 15.41
N ARG C 491 -14.29 -41.47 14.79
CA ARG C 491 -13.65 -40.88 13.61
C ARG C 491 -12.35 -40.19 13.97
N GLY C 492 -12.12 -39.93 15.25
CA GLY C 492 -10.90 -39.24 15.65
C GLY C 492 -9.73 -40.20 15.83
N ILE C 493 -10.00 -41.36 16.44
CA ILE C 493 -8.95 -42.37 16.58
C ILE C 493 -8.73 -43.09 15.26
N GLN C 494 -9.76 -43.20 14.42
CA GLN C 494 -9.59 -43.75 13.09
C GLN C 494 -8.64 -42.91 12.25
N TYR C 495 -8.76 -41.58 12.34
CA TYR C 495 -7.85 -40.69 11.62
C TYR C 495 -6.41 -40.86 12.08
N PHE C 496 -6.20 -40.97 13.40
CA PHE C 496 -4.85 -41.10 13.92
C PHE C 496 -4.19 -42.41 13.50
N LEU C 497 -4.96 -43.50 13.53
CA LEU C 497 -4.39 -44.80 13.17
C LEU C 497 -4.09 -44.88 11.67
N GLN C 498 -4.92 -44.22 10.85
CA GLN C 498 -4.73 -44.30 9.40
C GLN C 498 -3.58 -43.41 8.92
N ARG C 499 -3.33 -42.28 9.58
CA ARG C 499 -2.32 -41.33 9.12
C ARG C 499 -1.08 -41.26 10.00
N ARG C 500 -1.21 -41.52 11.30
CA ARG C 500 -0.11 -41.39 12.26
C ARG C 500 0.55 -40.02 12.16
N PRO C 501 -0.09 -38.96 12.63
CA PRO C 501 0.55 -37.63 12.61
C PRO C 501 1.81 -37.62 13.46
N SER C 502 2.76 -36.79 13.05
CA SER C 502 4.07 -36.72 13.69
C SER C 502 4.14 -35.69 14.81
N MET C 503 3.00 -35.36 15.42
CA MET C 503 2.87 -34.43 16.54
C MET C 503 3.26 -33.00 16.18
N LYS C 504 3.66 -32.75 14.94
CA LYS C 504 3.86 -31.39 14.44
C LYS C 504 2.88 -31.04 13.33
N THR C 505 2.50 -32.02 12.52
CA THR C 505 1.44 -31.86 11.53
C THR C 505 0.06 -32.11 12.12
N LEU C 506 -0.08 -32.02 13.45
CA LEU C 506 -1.36 -32.14 14.12
C LEU C 506 -1.81 -30.84 14.77
N PHE C 507 -0.88 -29.91 15.04
CA PHE C 507 -1.22 -28.62 15.63
C PHE C 507 -1.04 -27.45 14.67
N VAL C 508 -0.15 -27.58 13.69
CA VAL C 508 0.01 -26.56 12.66
C VAL C 508 -0.89 -26.84 11.47
N ASP C 509 -1.02 -28.11 11.10
CA ASP C 509 -1.95 -28.56 10.09
C ASP C 509 -2.89 -29.58 10.73
N SER C 510 -4.11 -29.68 10.18
CA SER C 510 -5.11 -30.62 10.66
C SER C 510 -5.43 -30.43 12.14
N TYR C 511 -5.49 -29.18 12.60
CA TYR C 511 -5.96 -28.91 13.95
C TYR C 511 -7.48 -29.02 14.06
N SER C 512 -8.19 -29.08 12.93
CA SER C 512 -9.63 -29.27 12.97
C SER C 512 -9.99 -30.68 13.42
N GLU C 513 -9.10 -31.65 13.15
CA GLU C 513 -9.31 -33.00 13.67
C GLU C 513 -9.24 -33.01 15.19
N MET C 514 -8.27 -32.26 15.75
CA MET C 514 -8.15 -32.18 17.20
C MET C 514 -9.35 -31.48 17.83
N LEU C 515 -9.87 -30.43 17.19
CA LEU C 515 -10.98 -29.69 17.75
C LEU C 515 -12.29 -30.47 17.69
N PHE C 516 -12.52 -31.21 16.59
CA PHE C 516 -13.71 -32.05 16.51
C PHE C 516 -13.63 -33.21 17.50
N PHE C 517 -12.42 -33.68 17.78
CA PHE C 517 -12.23 -34.76 18.74
C PHE C 517 -12.38 -34.27 20.18
N LEU C 518 -11.89 -33.06 20.46
CA LEU C 518 -11.98 -32.50 21.81
C LEU C 518 -13.43 -32.25 22.20
N GLN C 519 -14.27 -31.90 21.23
CA GLN C 519 -15.69 -31.68 21.51
C GLN C 519 -16.39 -32.98 21.92
N SER C 520 -15.92 -34.10 21.39
CA SER C 520 -16.53 -35.38 21.74
C SER C 520 -16.11 -35.82 23.14
N LEU C 521 -14.94 -35.39 23.60
CA LEU C 521 -14.51 -35.68 24.96
C LEU C 521 -15.39 -34.97 25.98
N PHE C 522 -15.76 -33.72 25.70
CA PHE C 522 -16.67 -32.99 26.57
C PHE C 522 -18.04 -33.64 26.62
N MET C 523 -18.51 -34.16 25.48
CA MET C 523 -19.83 -34.77 25.43
C MET C 523 -19.88 -36.05 26.25
N LEU C 524 -18.80 -36.84 26.25
CA LEU C 524 -18.81 -38.08 26.99
C LEU C 524 -18.53 -37.87 28.48
N ALA C 525 -17.86 -36.77 28.82
CA ALA C 525 -17.70 -36.41 30.24
C ALA C 525 -19.02 -35.97 30.84
N THR C 526 -19.90 -35.37 30.02
CA THR C 526 -21.20 -34.94 30.51
C THR C 526 -22.07 -36.13 30.91
N VAL C 527 -21.98 -37.23 30.17
CA VAL C 527 -22.79 -38.41 30.46
C VAL C 527 -22.35 -39.05 31.77
N VAL C 528 -21.04 -39.09 32.03
CA VAL C 528 -20.53 -39.71 33.25
C VAL C 528 -21.01 -38.94 34.48
N LEU C 529 -20.90 -37.61 34.45
CA LEU C 529 -21.34 -36.79 35.56
C LEU C 529 -22.85 -36.82 35.74
N TYR C 530 -23.60 -36.97 34.64
CA TYR C 530 -25.06 -36.99 34.73
C TYR C 530 -25.56 -38.18 35.52
N PHE C 531 -24.98 -39.36 35.32
CA PHE C 531 -25.40 -40.57 36.02
C PHE C 531 -24.69 -40.74 37.37
N SER C 532 -23.82 -39.80 37.74
CA SER C 532 -23.19 -39.79 39.05
C SER C 532 -23.86 -38.84 40.03
N HIS C 533 -25.04 -38.31 39.67
CA HIS C 533 -25.80 -37.40 40.53
C HIS C 533 -25.03 -36.11 40.81
N LEU C 534 -24.34 -35.58 39.81
CA LEU C 534 -23.51 -34.39 39.99
C LEU C 534 -24.04 -33.23 39.15
N LYS C 535 -24.26 -32.09 39.81
CA LYS C 535 -24.74 -30.88 39.14
C LYS C 535 -23.73 -30.30 38.17
N GLU C 536 -22.45 -30.71 38.25
CA GLU C 536 -21.40 -30.18 37.40
C GLU C 536 -21.49 -30.65 35.96
N TYR C 537 -22.47 -31.50 35.61
CA TYR C 537 -22.62 -31.93 34.23
C TYR C 537 -23.03 -30.77 33.33
N VAL C 538 -23.65 -29.73 33.90
CA VAL C 538 -24.02 -28.55 33.13
C VAL C 538 -22.77 -27.81 32.67
N ALA C 539 -21.72 -27.80 33.50
CA ALA C 539 -20.52 -27.05 33.17
C ALA C 539 -19.82 -27.63 31.94
N SER C 540 -19.73 -28.95 31.83
CA SER C 540 -19.09 -29.55 30.66
C SER C 540 -20.01 -29.55 29.45
N MET C 541 -21.32 -29.42 29.68
CA MET C 541 -22.26 -29.41 28.57
C MET C 541 -22.25 -28.08 27.81
N VAL C 542 -21.97 -26.97 28.48
CA VAL C 542 -21.97 -25.68 27.80
C VAL C 542 -20.64 -25.44 27.09
N PHE C 543 -19.56 -26.11 27.51
CA PHE C 543 -18.33 -26.07 26.74
C PHE C 543 -18.45 -26.88 25.46
N SER C 544 -19.21 -27.97 25.49
CA SER C 544 -19.48 -28.75 24.29
C SER C 544 -20.40 -28.01 23.33
N LEU C 545 -21.30 -27.17 23.85
CA LEU C 545 -22.22 -26.42 23.00
C LEU C 545 -21.52 -25.28 22.29
N ALA C 546 -20.65 -24.55 22.97
CA ALA C 546 -19.96 -23.43 22.34
C ALA C 546 -18.92 -23.90 21.34
N LEU C 547 -18.23 -25.00 21.64
CA LEU C 547 -17.23 -25.53 20.71
C LEU C 547 -17.89 -26.18 19.50
N GLY C 548 -19.07 -26.77 19.69
CA GLY C 548 -19.78 -27.37 18.57
C GLY C 548 -20.26 -26.34 17.55
N TRP C 549 -20.67 -25.17 18.02
CA TRP C 549 -21.07 -24.11 17.10
C TRP C 549 -19.86 -23.46 16.42
N THR C 550 -18.71 -23.39 17.11
CA THR C 550 -17.51 -22.88 16.50
C THR C 550 -16.94 -23.85 15.46
N ASN C 551 -17.16 -25.15 15.65
CA ASN C 551 -16.69 -26.15 14.69
C ASN C 551 -17.37 -26.04 13.34
N MET C 552 -18.46 -25.27 13.25
CA MET C 552 -19.16 -25.07 11.98
C MET C 552 -18.31 -24.33 10.96
N LEU C 553 -17.25 -23.63 11.40
CA LEU C 553 -16.37 -22.91 10.49
C LEU C 553 -15.52 -23.83 9.63
N TYR C 554 -15.51 -25.14 9.92
CA TYR C 554 -14.80 -26.10 9.09
C TYR C 554 -15.33 -26.10 7.65
N TYR C 555 -16.62 -25.83 7.48
CA TYR C 555 -17.28 -25.97 6.19
C TYR C 555 -17.15 -24.73 5.31
N THR C 556 -16.41 -23.71 5.75
CA THR C 556 -16.12 -22.58 4.86
C THR C 556 -15.29 -23.01 3.65
N ARG C 557 -14.48 -24.06 3.79
CA ARG C 557 -13.94 -24.71 2.61
C ARG C 557 -15.07 -25.36 1.81
N GLY C 558 -14.97 -25.29 0.49
CA GLY C 558 -16.08 -25.62 -0.37
C GLY C 558 -16.79 -24.42 -0.95
N PHE C 559 -16.48 -23.23 -0.48
CA PHE C 559 -16.90 -21.98 -1.09
C PHE C 559 -15.66 -21.12 -1.27
N GLN C 560 -15.45 -20.63 -2.49
CA GLN C 560 -14.18 -19.98 -2.82
C GLN C 560 -13.98 -18.69 -1.99
N GLN C 561 -15.01 -17.85 -1.91
CA GLN C 561 -14.85 -16.57 -1.24
C GLN C 561 -14.80 -16.72 0.28
N MET C 562 -15.60 -17.63 0.84
CA MET C 562 -15.53 -17.87 2.28
C MET C 562 -14.26 -18.63 2.65
N GLY C 563 -13.79 -19.52 1.78
CA GLY C 563 -12.60 -20.29 2.07
C GLY C 563 -11.34 -19.44 2.11
N ILE C 564 -11.23 -18.47 1.21
CA ILE C 564 -10.08 -17.56 1.22
C ILE C 564 -10.14 -16.66 2.44
N TYR C 565 -11.35 -16.23 2.82
CA TYR C 565 -11.53 -15.43 4.02
C TYR C 565 -11.10 -16.19 5.27
N ALA C 566 -11.43 -17.48 5.33
CA ALA C 566 -11.06 -18.30 6.48
C ALA C 566 -9.55 -18.49 6.58
N VAL C 567 -8.86 -18.57 5.44
CA VAL C 567 -7.40 -18.72 5.46
C VAL C 567 -6.74 -17.45 5.99
N MET C 568 -7.28 -16.29 5.62
CA MET C 568 -6.74 -15.03 6.11
C MET C 568 -6.88 -14.89 7.62
N ILE C 569 -8.02 -15.33 8.17
CA ILE C 569 -8.21 -15.29 9.61
C ILE C 569 -7.17 -16.16 10.32
N GLU C 570 -6.82 -17.29 9.71
CA GLU C 570 -5.82 -18.18 10.26
C GLU C 570 -4.45 -17.51 10.35
N LYS C 571 -4.08 -16.74 9.31
CA LYS C 571 -2.77 -16.11 9.29
C LYS C 571 -2.60 -15.04 10.38
N MET C 572 -3.65 -14.26 10.66
CA MET C 572 -3.51 -13.18 11.63
C MET C 572 -3.44 -13.71 13.06
N ILE C 573 -4.04 -14.87 13.31
CA ILE C 573 -3.96 -15.44 14.65
C ILE C 573 -2.52 -15.88 14.96
N LEU C 574 -1.82 -16.40 13.96
CA LEU C 574 -0.47 -16.92 14.17
C LEU C 574 0.62 -15.89 13.90
N ARG C 575 0.28 -14.68 13.50
CA ARG C 575 1.29 -13.68 13.20
C ARG C 575 1.13 -12.38 13.97
N ASP C 576 -0.10 -11.98 14.30
CA ASP C 576 -0.36 -10.69 14.93
C ASP C 576 -0.92 -10.82 16.34
N LEU C 577 -1.83 -11.77 16.57
CA LEU C 577 -2.50 -11.86 17.85
C LEU C 577 -1.59 -12.45 18.93
N CYS C 578 -0.70 -13.37 18.54
CA CYS C 578 0.18 -13.99 19.52
C CYS C 578 1.22 -13.00 20.04
N ARG C 579 1.81 -12.20 19.15
CA ARG C 579 2.76 -11.19 19.58
C ARG C 579 2.09 -10.10 20.41
N PHE C 580 0.90 -9.67 20.00
CA PHE C 580 0.17 -8.63 20.72
C PHE C 580 -0.18 -9.09 22.13
N MET C 581 -0.40 -10.39 22.31
CA MET C 581 -0.89 -10.91 23.58
C MET C 581 0.20 -10.91 24.64
N PHE C 582 1.47 -11.10 24.25
CA PHE C 582 2.55 -11.13 25.22
C PHE C 582 2.79 -9.74 25.81
N VAL C 583 2.84 -8.72 24.96
CA VAL C 583 3.06 -7.37 25.44
C VAL C 583 1.87 -6.87 26.23
N TYR C 584 0.66 -7.24 25.80
CA TYR C 584 -0.56 -6.77 26.48
C TYR C 584 -0.66 -7.33 27.90
N ILE C 585 -0.32 -8.61 28.08
CA ILE C 585 -0.44 -9.21 29.41
C ILE C 585 0.62 -8.66 30.36
N VAL C 586 1.81 -8.32 29.84
CA VAL C 586 2.83 -7.71 30.68
C VAL C 586 2.35 -6.38 31.24
N PHE C 587 1.74 -5.55 30.41
CA PHE C 587 1.22 -4.27 30.87
C PHE C 587 0.06 -4.44 31.83
N LEU C 588 -0.87 -5.35 31.52
CA LEU C 588 -2.05 -5.52 32.35
C LEU C 588 -1.70 -6.05 33.73
N PHE C 589 -0.81 -7.06 33.80
CA PHE C 589 -0.45 -7.63 35.09
C PHE C 589 0.48 -6.73 35.88
N GLY C 590 1.37 -6.01 35.22
CA GLY C 590 2.29 -5.14 35.93
C GLY C 590 1.59 -3.96 36.59
N PHE C 591 0.63 -3.35 35.89
CA PHE C 591 -0.09 -2.20 36.42
C PHE C 591 -1.20 -2.60 37.39
N SER C 592 -1.65 -3.85 37.37
CA SER C 592 -2.69 -4.28 38.30
C SER C 592 -2.11 -4.51 39.69
N THR C 593 -0.90 -5.08 39.77
CA THR C 593 -0.29 -5.32 41.07
C THR C 593 0.10 -4.01 41.76
N ALA C 594 0.39 -2.98 40.97
CA ALA C 594 0.71 -1.68 41.55
C ALA C 594 -0.54 -0.97 42.07
N VAL C 595 -1.66 -1.10 41.35
CA VAL C 595 -2.89 -0.43 41.77
C VAL C 595 -3.47 -1.12 43.02
N VAL C 596 -3.46 -2.45 43.05
CA VAL C 596 -4.05 -3.16 44.18
C VAL C 596 -3.19 -3.06 45.43
N THR C 597 -1.88 -2.87 45.29
CA THR C 597 -1.03 -2.63 46.47
C THR C 597 -1.33 -1.28 47.09
N LEU C 598 -1.70 -0.29 46.27
CA LEU C 598 -2.05 1.03 46.79
C LEU C 598 -3.41 1.00 47.49
N ILE C 599 -4.35 0.21 46.99
CA ILE C 599 -5.70 0.17 47.55
C ILE C 599 -5.66 -0.40 48.97
N GLU C 600 -6.43 0.22 49.86
CA GLU C 600 -6.45 -0.16 51.27
C GLU C 600 -7.88 -0.44 51.71
N ASP C 601 -8.07 -1.56 52.39
CA ASP C 601 -9.37 -2.08 52.84
C ASP C 601 -10.52 -1.80 51.88
N SER C 627 -15.67 -3.50 47.38
CA SER C 627 -14.30 -3.80 47.76
C SER C 627 -13.50 -4.30 46.56
N TYR C 628 -12.42 -3.58 46.24
CA TYR C 628 -11.54 -3.94 45.13
C TYR C 628 -10.16 -4.36 45.61
N ASN C 629 -10.02 -4.69 46.89
CA ASN C 629 -8.73 -5.10 47.44
C ASN C 629 -8.47 -6.57 47.14
N SER C 630 -8.60 -6.94 45.87
CA SER C 630 -8.32 -8.28 45.38
C SER C 630 -7.62 -8.15 44.04
N LEU C 631 -6.74 -9.10 43.74
CA LEU C 631 -6.04 -9.06 42.45
C LEU C 631 -6.99 -9.39 41.31
N TYR C 632 -7.95 -10.29 41.53
CA TYR C 632 -8.91 -10.63 40.48
C TYR C 632 -9.84 -9.46 40.18
N SER C 633 -10.31 -8.76 41.22
CA SER C 633 -11.20 -7.63 41.01
C SER C 633 -10.52 -6.48 40.28
N THR C 634 -9.25 -6.20 40.60
CA THR C 634 -8.56 -5.08 39.98
C THR C 634 -8.14 -5.39 38.55
N CYS C 635 -7.84 -6.66 38.25
CA CYS C 635 -7.52 -7.05 36.89
C CYS C 635 -8.72 -6.87 35.96
N LEU C 636 -9.92 -7.16 36.46
CA LEU C 636 -11.12 -7.02 35.63
C LEU C 636 -11.48 -5.56 35.40
N GLU C 637 -11.23 -4.69 36.38
CA GLU C 637 -11.47 -3.26 36.20
C GLU C 637 -10.57 -2.68 35.12
N LEU C 638 -9.29 -3.09 35.10
CA LEU C 638 -8.36 -2.56 34.10
C LEU C 638 -8.61 -3.15 32.72
N PHE C 639 -9.17 -4.36 32.65
CA PHE C 639 -9.49 -4.96 31.36
C PHE C 639 -10.65 -4.26 30.68
N LYS C 640 -11.52 -3.60 31.45
CA LYS C 640 -12.68 -2.93 30.87
C LYS C 640 -12.30 -1.72 30.02
N PHE C 641 -11.12 -1.15 30.26
CA PHE C 641 -10.66 -0.03 29.43
C PHE C 641 -10.46 -0.46 27.98
N THR C 642 -10.20 -1.74 27.76
CA THR C 642 -9.92 -2.22 26.41
C THR C 642 -11.19 -2.31 25.56
N ILE C 643 -12.33 -2.51 26.20
CA ILE C 643 -13.59 -2.68 25.49
C ILE C 643 -14.46 -1.42 25.57
N GLY C 644 -13.89 -0.29 25.98
CA GLY C 644 -14.61 0.95 26.00
C GLY C 644 -15.53 1.17 27.18
N MET C 645 -15.20 0.59 28.34
CA MET C 645 -16.06 0.71 29.52
C MET C 645 -15.27 0.97 30.79
N GLY C 646 -14.13 1.64 30.68
CA GLY C 646 -13.30 1.91 31.85
C GLY C 646 -13.82 3.01 32.76
N ASP C 647 -13.89 2.73 34.06
CA ASP C 647 -14.53 3.65 35.00
C ASP C 647 -13.65 4.87 35.28
N LEU C 648 -12.35 4.65 35.53
CA LEU C 648 -11.37 5.70 35.80
C LEU C 648 -11.57 6.32 37.18
N GLU C 649 -12.66 5.96 37.84
CA GLU C 649 -12.95 6.39 39.21
C GLU C 649 -13.59 5.27 40.01
N PHE C 650 -13.22 4.02 39.73
CA PHE C 650 -13.99 2.88 40.23
C PHE C 650 -13.88 2.72 41.74
N THR C 651 -12.82 3.22 42.36
CA THR C 651 -12.64 3.09 43.79
C THR C 651 -12.11 4.40 44.36
N GLU C 652 -12.23 4.55 45.67
CA GLU C 652 -11.70 5.70 46.38
C GLU C 652 -11.04 5.32 47.70
N ASN C 653 -10.79 4.03 47.94
CA ASN C 653 -10.23 3.55 49.20
C ASN C 653 -8.71 3.53 49.07
N TYR C 654 -8.11 4.71 49.12
CA TYR C 654 -6.67 4.84 49.05
C TYR C 654 -6.27 6.16 49.71
N ASP C 655 -4.98 6.25 50.02
CA ASP C 655 -4.33 7.55 50.17
C ASP C 655 -3.62 7.86 48.87
N PHE C 656 -3.07 9.08 48.78
CA PHE C 656 -2.27 9.49 47.62
C PHE C 656 -3.07 9.38 46.33
N LYS C 657 -4.10 10.22 46.24
CA LYS C 657 -4.96 10.24 45.05
C LYS C 657 -4.17 10.58 43.79
N ALA C 658 -3.12 11.39 43.92
CA ALA C 658 -2.33 11.76 42.75
C ALA C 658 -1.62 10.55 42.16
N VAL C 659 -1.22 9.59 43.01
CA VAL C 659 -0.56 8.38 42.53
C VAL C 659 -1.55 7.52 41.76
N PHE C 660 -2.80 7.45 42.23
CA PHE C 660 -3.80 6.61 41.58
C PHE C 660 -4.10 7.08 40.16
N ILE C 661 -4.20 8.39 39.95
CA ILE C 661 -4.55 8.93 38.64
C ILE C 661 -3.39 8.80 37.67
N ILE C 662 -2.16 9.01 38.14
CA ILE C 662 -0.99 8.92 37.27
C ILE C 662 -0.80 7.49 36.77
N LEU C 663 -1.05 6.51 37.64
CA LEU C 663 -0.93 5.11 37.23
C LEU C 663 -1.97 4.73 36.20
N LEU C 664 -3.22 5.18 36.38
CA LEU C 664 -4.27 4.82 35.44
C LEU C 664 -4.10 5.53 34.11
N LEU C 665 -3.64 6.77 34.12
CA LEU C 665 -3.45 7.52 32.88
C LEU C 665 -2.30 6.96 32.06
N ALA C 666 -1.24 6.48 32.74
CA ALA C 666 -0.12 5.89 32.01
C ALA C 666 -0.52 4.56 31.38
N TYR C 667 -1.33 3.77 32.08
CA TYR C 667 -1.81 2.51 31.53
C TYR C 667 -2.71 2.73 30.32
N VAL C 668 -3.56 3.76 30.36
CA VAL C 668 -4.50 4.01 29.28
C VAL C 668 -3.77 4.44 28.01
N ILE C 669 -2.77 5.32 28.16
CA ILE C 669 -2.05 5.83 26.99
C ILE C 669 -1.25 4.71 26.32
N LEU C 670 -0.66 3.83 27.12
CA LEU C 670 0.20 2.78 26.57
C LEU C 670 -0.57 1.70 25.84
N THR C 671 -1.73 1.29 26.37
CA THR C 671 -2.45 0.14 25.83
C THR C 671 -3.59 0.52 24.89
N TYR C 672 -4.29 1.62 25.18
CA TYR C 672 -5.48 1.97 24.39
C TYR C 672 -5.11 2.83 23.19
N ILE C 673 -4.45 3.96 23.44
CA ILE C 673 -4.13 4.87 22.36
C ILE C 673 -3.00 4.31 21.48
N LEU C 674 -2.08 3.57 22.08
CA LEU C 674 -0.89 3.14 21.33
C LEU C 674 -0.99 1.70 20.85
N LEU C 675 -1.16 0.73 21.76
CA LEU C 675 -1.00 -0.67 21.38
C LEU C 675 -2.17 -1.17 20.53
N LEU C 676 -3.40 -0.80 20.90
CA LEU C 676 -4.56 -1.28 20.16
C LEU C 676 -4.61 -0.69 18.76
N ASN C 677 -4.30 0.59 18.62
CA ASN C 677 -4.30 1.20 17.29
C ASN C 677 -3.16 0.68 16.43
N MET C 678 -2.06 0.28 17.06
CA MET C 678 -0.95 -0.34 16.34
C MET C 678 -1.28 -1.71 15.79
N LEU C 679 -2.17 -2.46 16.46
CA LEU C 679 -2.56 -3.77 15.97
C LEU C 679 -3.33 -3.67 14.65
N ILE C 680 -4.17 -2.63 14.52
CA ILE C 680 -4.90 -2.42 13.27
C ILE C 680 -3.94 -2.12 12.14
N ALA C 681 -2.90 -1.33 12.41
CA ALA C 681 -1.92 -1.01 11.38
C ALA C 681 -1.10 -2.22 10.98
N LEU C 682 -0.77 -3.10 11.93
CA LEU C 682 0.00 -4.30 11.61
C LEU C 682 -0.84 -5.34 10.88
N MET C 683 -2.15 -5.39 11.15
CA MET C 683 -3.03 -6.28 10.40
C MET C 683 -3.08 -5.90 8.93
N GLY C 684 -3.10 -4.61 8.63
CA GLY C 684 -3.19 -4.17 7.25
C GLY C 684 -1.97 -4.55 6.44
N GLU C 685 -0.80 -4.58 7.08
CA GLU C 685 0.41 -5.00 6.39
C GLU C 685 0.39 -6.50 6.08
N THR C 686 -0.16 -7.30 7.00
CA THR C 686 -0.27 -8.74 6.75
C THR C 686 -1.20 -9.05 5.59
N VAL C 687 -2.35 -8.36 5.52
CA VAL C 687 -3.31 -8.61 4.45
C VAL C 687 -2.70 -8.27 3.10
N ASN C 688 -1.90 -7.21 3.05
CA ASN C 688 -1.30 -6.77 1.80
C ASN C 688 -0.35 -7.83 1.24
N LYS C 689 0.36 -8.56 2.11
CA LYS C 689 1.39 -9.47 1.64
C LYS C 689 0.83 -10.84 1.27
N ILE C 690 -0.27 -11.27 1.92
CA ILE C 690 -0.77 -12.62 1.72
C ILE C 690 -2.00 -12.68 0.82
N ALA C 691 -2.50 -11.55 0.35
CA ALA C 691 -3.77 -11.54 -0.38
C ALA C 691 -3.63 -12.23 -1.73
N GLN C 692 -2.57 -11.91 -2.48
CA GLN C 692 -2.39 -12.47 -3.81
C GLN C 692 -2.14 -13.98 -3.77
N GLU C 693 -1.73 -14.48 -2.61
CA GLU C 693 -1.31 -15.88 -2.50
C GLU C 693 -2.37 -16.78 -1.89
N SER C 694 -3.29 -16.23 -1.09
CA SER C 694 -4.19 -17.04 -0.27
C SER C 694 -5.12 -17.92 -1.10
N LYS C 695 -5.31 -17.62 -2.39
CA LYS C 695 -6.15 -18.48 -3.21
C LYS C 695 -5.56 -19.88 -3.40
N ASN C 696 -4.25 -20.03 -3.24
CA ASN C 696 -3.61 -21.33 -3.41
C ASN C 696 -3.60 -22.16 -2.14
N ILE C 697 -3.61 -21.53 -0.97
CA ILE C 697 -3.73 -22.30 0.27
C ILE C 697 -5.12 -22.89 0.40
N TRP C 698 -6.15 -22.16 -0.03
CA TRP C 698 -7.50 -22.70 0.00
C TRP C 698 -7.63 -23.93 -0.87
N LYS C 699 -7.01 -23.90 -2.05
CA LYS C 699 -7.09 -25.04 -2.97
C LYS C 699 -6.34 -26.25 -2.42
N LEU C 700 -5.30 -26.03 -1.63
CA LEU C 700 -4.64 -27.13 -0.93
C LEU C 700 -5.55 -27.72 0.14
N GLN C 701 -6.25 -26.87 0.89
CA GLN C 701 -7.17 -27.37 1.92
C GLN C 701 -8.30 -28.19 1.32
N ARG C 702 -8.83 -27.75 0.17
CA ARG C 702 -9.92 -28.48 -0.48
C ARG C 702 -9.43 -29.79 -1.09
N ALA C 703 -8.16 -29.84 -1.52
CA ALA C 703 -7.62 -31.07 -2.08
C ALA C 703 -7.56 -32.18 -1.04
N ILE C 704 -7.24 -31.82 0.21
CA ILE C 704 -7.22 -32.81 1.30
C ILE C 704 -8.62 -33.33 1.55
N THR C 705 -9.63 -32.45 1.45
CA THR C 705 -11.01 -32.89 1.61
C THR C 705 -11.41 -33.88 0.51
N ILE C 706 -10.98 -33.63 -0.72
CA ILE C 706 -11.33 -34.48 -1.84
C ILE C 706 -10.76 -35.89 -1.66
N LEU C 707 -9.51 -35.98 -1.20
CA LEU C 707 -8.89 -37.29 -1.01
C LEU C 707 -9.51 -38.04 0.16
N ASP C 708 -9.87 -37.33 1.23
CA ASP C 708 -10.48 -37.98 2.39
C ASP C 708 -11.84 -38.56 2.05
N THR C 709 -12.64 -37.81 1.28
CA THR C 709 -13.96 -38.30 0.91
C THR C 709 -13.88 -39.57 0.08
N GLU C 710 -12.91 -39.64 -0.84
CA GLU C 710 -12.79 -40.79 -1.72
C GLU C 710 -12.49 -42.06 -0.93
N LYS C 711 -11.60 -41.98 0.05
CA LYS C 711 -11.22 -43.16 0.81
C LYS C 711 -12.34 -43.63 1.73
N SER C 712 -13.09 -42.68 2.29
CA SER C 712 -14.07 -43.02 3.33
C SER C 712 -15.40 -43.46 2.74
N PHE C 713 -15.99 -42.66 1.85
CA PHE C 713 -17.37 -42.90 1.43
C PHE C 713 -17.49 -44.19 0.62
N LEU C 714 -16.84 -44.25 -0.54
CA LEU C 714 -16.98 -45.40 -1.42
C LEU C 714 -16.44 -46.66 -0.76
N LYS C 715 -15.12 -46.70 -0.54
CA LYS C 715 -14.42 -47.65 0.32
C LYS C 715 -14.68 -49.12 -0.01
N CYS C 716 -15.41 -49.40 -1.09
CA CYS C 716 -15.65 -50.81 -1.41
C CYS C 716 -15.36 -51.15 -2.87
N MET C 717 -15.67 -50.27 -3.80
CA MET C 717 -15.38 -50.57 -5.20
C MET C 717 -14.31 -49.68 -5.80
N ARG C 718 -14.34 -48.38 -5.49
CA ARG C 718 -13.43 -47.40 -6.10
C ARG C 718 -13.51 -47.48 -7.63
N LYS C 719 -14.73 -47.56 -8.13
CA LYS C 719 -14.97 -47.71 -9.56
C LYS C 719 -15.81 -46.59 -10.16
N ALA C 720 -16.77 -46.04 -9.41
CA ALA C 720 -17.60 -44.96 -9.93
C ALA C 720 -16.87 -43.63 -9.98
N PHE C 721 -15.76 -43.50 -9.25
CA PHE C 721 -15.04 -42.23 -9.15
C PHE C 721 -13.83 -42.16 -10.07
N ARG C 722 -13.59 -43.20 -10.86
CA ARG C 722 -12.41 -43.27 -11.72
C ARG C 722 -12.37 -42.10 -12.71
N SER C 723 -11.25 -41.40 -12.75
CA SER C 723 -11.09 -40.27 -13.67
C SER C 723 -10.48 -40.75 -14.98
N GLY C 724 -10.86 -40.06 -16.06
CA GLY C 724 -10.36 -40.42 -17.37
C GLY C 724 -10.98 -41.71 -17.89
N LYS C 725 -10.38 -42.25 -18.95
CA LYS C 725 -10.88 -43.46 -19.58
C LYS C 725 -9.73 -44.11 -20.33
N LEU C 726 -9.84 -45.42 -20.51
CA LEU C 726 -8.85 -46.17 -21.30
C LEU C 726 -8.93 -45.72 -22.75
N LEU C 727 -7.78 -45.40 -23.35
CA LEU C 727 -7.74 -44.92 -24.72
C LEU C 727 -6.40 -45.29 -25.34
N GLN C 728 -6.41 -45.50 -26.65
CA GLN C 728 -5.20 -45.89 -27.37
C GLN C 728 -4.35 -44.66 -27.68
N VAL C 729 -3.06 -44.75 -27.39
CA VAL C 729 -2.16 -43.62 -27.60
C VAL C 729 -0.97 -43.97 -28.49
N GLY C 730 -0.56 -45.24 -28.55
CA GLY C 730 0.60 -45.60 -29.35
C GLY C 730 0.88 -47.09 -29.41
N TYR C 731 2.16 -47.43 -29.50
CA TYR C 731 2.59 -48.83 -29.58
C TYR C 731 3.75 -49.06 -28.62
N THR C 732 3.77 -50.24 -28.01
CA THR C 732 4.91 -50.64 -27.21
C THR C 732 6.13 -50.79 -28.09
N PRO C 733 7.34 -50.46 -27.60
CA PRO C 733 8.54 -50.70 -28.42
C PRO C 733 8.71 -52.16 -28.83
N ASP C 734 8.28 -53.10 -27.99
CA ASP C 734 8.25 -54.50 -28.41
C ASP C 734 7.29 -54.71 -29.56
N GLY C 735 6.12 -54.07 -29.51
CA GLY C 735 5.14 -54.20 -30.57
C GLY C 735 3.72 -54.33 -30.05
N LYS C 736 3.58 -54.49 -28.73
CA LYS C 736 2.27 -54.65 -28.13
C LYS C 736 1.51 -53.32 -28.11
N ASP C 737 0.21 -53.42 -27.83
CA ASP C 737 -0.60 -52.23 -27.63
C ASP C 737 -0.59 -51.82 -26.16
N ASP C 738 -0.26 -50.57 -25.90
CA ASP C 738 -0.20 -50.03 -24.55
C ASP C 738 -1.44 -49.18 -24.29
N TYR C 739 -2.16 -49.50 -23.21
CA TYR C 739 -3.38 -48.81 -22.83
C TYR C 739 -3.14 -48.08 -21.52
N ARG C 740 -3.43 -46.78 -21.51
CA ARG C 740 -3.25 -45.93 -20.33
C ARG C 740 -4.52 -45.13 -20.07
N TRP C 741 -4.84 -44.95 -18.78
CA TRP C 741 -5.97 -44.12 -18.38
C TRP C 741 -5.62 -42.66 -18.65
N CYS C 742 -6.21 -42.08 -19.68
CA CYS C 742 -5.85 -40.75 -20.14
C CYS C 742 -6.88 -39.72 -19.72
N PHE C 743 -6.42 -38.49 -19.52
CA PHE C 743 -7.25 -37.35 -19.17
C PHE C 743 -7.14 -36.30 -20.27
N ARG C 744 -8.26 -35.96 -20.89
CA ARG C 744 -8.28 -35.06 -22.02
C ARG C 744 -8.28 -33.61 -21.55
N VAL C 745 -7.40 -32.81 -22.15
CA VAL C 745 -7.30 -31.38 -21.86
C VAL C 745 -7.29 -30.62 -23.17
N ASP C 746 -8.04 -29.52 -23.22
CA ASP C 746 -8.18 -28.71 -24.43
C ASP C 746 -7.54 -27.35 -24.22
N GLU C 747 -6.81 -26.88 -25.23
CA GLU C 747 -6.17 -25.58 -25.19
C GLU C 747 -6.35 -24.85 -26.52
N VAL C 748 -6.27 -23.52 -26.48
CA VAL C 748 -6.44 -22.67 -27.65
C VAL C 748 -5.21 -21.79 -27.77
N ASN C 749 -4.65 -21.71 -28.98
CA ASN C 749 -3.50 -20.86 -29.27
C ASN C 749 -3.74 -20.13 -30.58
N TRP C 750 -4.04 -18.85 -30.49
CA TRP C 750 -4.14 -18.00 -31.68
C TRP C 750 -2.78 -17.57 -32.20
N THR C 751 -1.75 -17.58 -31.36
CA THR C 751 -0.39 -17.27 -31.74
C THR C 751 0.35 -18.57 -32.06
N THR C 752 1.50 -18.43 -32.70
CA THR C 752 2.32 -19.56 -33.14
C THR C 752 1.48 -20.51 -34.02
N TRP C 753 1.05 -19.99 -35.16
CA TRP C 753 0.27 -20.76 -36.11
C TRP C 753 1.08 -21.91 -36.67
N SER D 198 46.75 31.71 5.98
CA SER D 198 45.94 30.76 6.71
C SER D 198 44.95 30.04 5.79
N TYR D 199 44.29 30.82 4.94
CA TYR D 199 43.30 30.23 4.02
C TYR D 199 43.98 29.30 3.01
N TYR D 200 45.15 29.69 2.52
CA TYR D 200 45.92 28.86 1.59
C TYR D 200 47.39 28.82 1.96
N LYS D 201 47.70 28.92 3.25
CA LYS D 201 49.09 28.92 3.69
C LYS D 201 49.75 27.57 3.44
N GLY D 202 51.04 27.61 3.09
CA GLY D 202 51.80 26.42 2.82
C GLY D 202 51.65 25.85 1.42
N GLN D 203 50.86 26.50 0.57
CA GLN D 203 50.67 25.99 -0.79
C GLN D 203 51.94 26.12 -1.61
N THR D 204 52.21 25.12 -2.43
CA THR D 204 53.37 25.09 -3.30
C THR D 204 52.93 25.07 -4.76
N ALA D 205 53.90 25.27 -5.65
CA ALA D 205 53.62 25.27 -7.08
C ALA D 205 53.18 23.89 -7.58
N LEU D 206 53.69 22.82 -6.95
CA LEU D 206 53.35 21.47 -7.38
C LEU D 206 51.87 21.18 -7.17
N HIS D 207 51.24 21.83 -6.21
CA HIS D 207 49.81 21.60 -5.96
C HIS D 207 48.97 22.02 -7.17
N ILE D 208 49.31 23.16 -7.78
CA ILE D 208 48.52 23.66 -8.89
C ILE D 208 48.69 22.78 -10.13
N ALA D 209 49.92 22.30 -10.37
CA ALA D 209 50.18 21.50 -11.56
C ALA D 209 49.40 20.20 -11.54
N ILE D 210 49.36 19.52 -10.39
CA ILE D 210 48.60 18.27 -10.29
C ILE D 210 47.11 18.54 -10.39
N GLU D 211 46.65 19.65 -9.80
CA GLU D 211 45.22 19.96 -9.78
C GLU D 211 44.66 20.13 -11.19
N ARG D 212 45.49 20.58 -12.13
CA ARG D 212 45.04 20.76 -13.51
C ARG D 212 45.01 19.47 -14.31
N ARG D 213 45.40 18.34 -13.72
CA ARG D 213 45.37 17.03 -14.36
C ARG D 213 46.17 17.04 -15.66
N ASN D 214 47.42 17.47 -15.55
CA ASN D 214 48.33 17.54 -16.68
C ASN D 214 49.58 16.74 -16.33
N MET D 215 49.69 15.55 -16.93
CA MET D 215 50.82 14.67 -16.65
C MET D 215 52.15 15.28 -17.11
N ALA D 216 52.16 15.95 -18.27
CA ALA D 216 53.38 16.58 -18.73
C ALA D 216 53.79 17.74 -17.84
N LEU D 217 52.82 18.51 -17.34
CA LEU D 217 53.14 19.67 -16.51
C LEU D 217 53.74 19.25 -15.18
N VAL D 218 53.14 18.26 -14.51
CA VAL D 218 53.68 17.78 -13.24
C VAL D 218 55.02 17.08 -13.47
N THR D 219 55.20 16.49 -14.65
CA THR D 219 56.48 15.85 -14.95
C THR D 219 57.63 16.84 -14.89
N LEU D 220 57.42 18.05 -15.41
CA LEU D 220 58.47 19.06 -15.39
C LEU D 220 58.85 19.46 -13.97
N LEU D 221 57.86 19.68 -13.11
CA LEU D 221 58.15 20.18 -11.76
C LEU D 221 58.76 19.10 -10.89
N VAL D 222 58.26 17.87 -10.97
CA VAL D 222 58.81 16.77 -10.18
C VAL D 222 60.25 16.50 -10.59
N GLU D 223 60.53 16.60 -11.89
CA GLU D 223 61.90 16.40 -12.38
C GLU D 223 62.83 17.49 -11.86
N ASN D 224 62.33 18.71 -11.71
CA ASN D 224 63.14 19.86 -11.30
C ASN D 224 63.61 19.78 -9.86
N GLY D 225 63.09 18.84 -9.06
CA GLY D 225 63.46 18.74 -7.68
C GLY D 225 62.58 19.52 -6.71
N ALA D 226 61.39 19.94 -7.14
CA ALA D 226 60.48 20.62 -6.24
C ALA D 226 60.06 19.69 -5.10
N ASP D 227 59.89 20.26 -3.92
CA ASP D 227 59.54 19.46 -2.75
C ASP D 227 58.23 18.74 -2.96
N VAL D 228 58.23 17.43 -2.68
CA VAL D 228 57.03 16.61 -2.81
C VAL D 228 56.46 16.36 -1.42
N GLN D 229 57.30 16.52 -0.39
CA GLN D 229 56.89 16.35 0.99
C GLN D 229 56.43 17.64 1.64
N ALA D 230 56.39 18.74 0.89
CA ALA D 230 55.88 19.99 1.41
C ALA D 230 54.36 19.90 1.58
N ALA D 231 53.87 20.31 2.75
CA ALA D 231 52.46 20.21 3.07
C ALA D 231 51.81 21.59 3.04
N ALA D 232 50.61 21.66 2.47
CA ALA D 232 49.84 22.89 2.42
C ALA D 232 48.76 22.81 3.50
N HIS D 233 49.12 23.24 4.71
CA HIS D 233 48.22 23.18 5.85
C HIS D 233 47.22 24.34 5.84
N GLY D 234 46.48 24.49 4.76
CA GLY D 234 45.47 25.52 4.63
C GLY D 234 44.11 24.99 5.07
N ASP D 235 43.36 25.84 5.77
CA ASP D 235 42.04 25.44 6.24
C ASP D 235 41.09 25.14 5.08
N PHE D 236 41.30 25.80 3.93
CA PHE D 236 40.51 25.48 2.75
C PHE D 236 40.74 24.03 2.30
N PHE D 237 41.93 23.50 2.53
CA PHE D 237 42.26 22.13 2.18
C PHE D 237 41.94 21.13 3.28
N LYS D 238 41.54 21.61 4.47
CA LYS D 238 41.18 20.74 5.58
C LYS D 238 39.70 20.39 5.50
N LYS D 239 39.22 19.66 6.51
CA LYS D 239 37.80 19.29 6.57
C LYS D 239 36.94 20.53 6.67
N THR D 240 37.05 21.26 7.77
CA THR D 240 36.34 22.53 8.00
C THR D 240 34.86 22.39 7.63
N LYS D 241 34.16 21.56 8.42
CA LYS D 241 32.76 21.27 8.15
C LYS D 241 31.89 22.52 8.12
N GLY D 242 32.27 23.57 8.86
CA GLY D 242 31.48 24.79 8.88
C GLY D 242 31.67 25.73 7.72
N ARG D 243 32.58 25.43 6.80
CA ARG D 243 32.86 26.29 5.67
C ARG D 243 33.03 25.43 4.41
N PRO D 244 32.76 25.98 3.24
CA PRO D 244 33.02 25.23 2.00
C PRO D 244 34.50 24.97 1.79
N GLY D 245 34.80 23.86 1.15
CA GLY D 245 36.18 23.51 0.88
C GLY D 245 36.30 22.10 0.34
N PHE D 246 37.53 21.60 0.33
CA PHE D 246 37.81 20.25 -0.15
C PHE D 246 39.02 19.69 0.59
N TYR D 247 38.95 18.42 0.96
CA TYR D 247 40.04 17.73 1.65
C TYR D 247 40.64 16.68 0.73
N PHE D 248 41.98 16.64 0.67
CA PHE D 248 42.66 15.71 -0.22
C PHE D 248 43.84 14.99 0.42
N GLY D 249 44.20 15.29 1.67
CA GLY D 249 45.29 14.61 2.34
C GLY D 249 46.48 15.47 2.70
N GLU D 250 46.45 16.77 2.38
CA GLU D 250 47.49 17.72 2.80
C GLU D 250 48.86 17.34 2.27
N LEU D 251 48.93 16.64 1.14
CA LEU D 251 50.19 16.22 0.56
C LEU D 251 50.03 16.05 -0.95
N PRO D 252 51.02 16.48 -1.73
CA PRO D 252 50.91 16.30 -3.19
C PRO D 252 50.82 14.84 -3.62
N LEU D 253 51.47 13.92 -2.88
CA LEU D 253 51.39 12.51 -3.22
C LEU D 253 49.95 11.99 -3.09
N SER D 254 49.25 12.41 -2.04
CA SER D 254 47.85 12.02 -1.89
C SER D 254 46.97 12.72 -2.91
N LEU D 255 47.38 13.90 -3.39
CA LEU D 255 46.56 14.64 -4.34
C LEU D 255 46.34 13.86 -5.63
N ALA D 256 47.39 13.22 -6.14
CA ALA D 256 47.25 12.42 -7.35
C ALA D 256 46.35 11.21 -7.11
N ALA D 257 46.49 10.58 -5.94
CA ALA D 257 45.69 9.39 -5.64
C ALA D 257 44.21 9.75 -5.54
N CYS D 258 43.88 10.86 -4.88
CA CYS D 258 42.48 11.25 -4.72
C CYS D 258 41.87 11.81 -5.99
N THR D 259 42.69 12.16 -6.99
CA THR D 259 42.21 12.73 -8.25
C THR D 259 42.26 11.72 -9.39
N ASN D 260 42.42 10.43 -9.07
CA ASN D 260 42.50 9.36 -10.07
C ASN D 260 43.67 9.54 -11.02
N GLN D 261 44.77 10.12 -10.53
CA GLN D 261 45.98 10.30 -11.32
C GLN D 261 46.90 9.09 -11.14
N LEU D 262 46.48 7.97 -11.74
CA LEU D 262 47.25 6.73 -11.61
C LEU D 262 48.64 6.86 -12.22
N GLY D 263 48.73 7.47 -13.41
CA GLY D 263 50.02 7.60 -14.06
C GLY D 263 50.97 8.50 -13.28
N ILE D 264 50.46 9.60 -12.73
CA ILE D 264 51.27 10.47 -11.90
C ILE D 264 51.67 9.76 -10.61
N VAL D 265 50.77 8.97 -10.03
CA VAL D 265 51.10 8.21 -8.81
C VAL D 265 52.25 7.25 -9.10
N LYS D 266 52.16 6.52 -10.22
CA LYS D 266 53.26 5.66 -10.63
C LYS D 266 54.50 6.49 -10.98
N PHE D 267 54.30 7.69 -11.52
CA PHE D 267 55.42 8.58 -11.81
C PHE D 267 56.13 9.01 -10.54
N LEU D 268 55.37 9.32 -9.49
CA LEU D 268 55.95 9.87 -8.26
C LEU D 268 56.72 8.85 -7.44
N LEU D 269 56.49 7.55 -7.64
CA LEU D 269 57.02 6.54 -6.73
C LEU D 269 58.12 5.68 -7.33
N GLN D 270 57.99 5.23 -8.56
CA GLN D 270 58.97 4.32 -9.16
C GLN D 270 59.88 5.01 -10.18
N ASN D 271 59.99 6.33 -10.11
CA ASN D 271 60.88 7.07 -10.98
C ASN D 271 62.30 7.00 -10.41
N SER D 272 63.21 7.82 -10.96
CA SER D 272 64.57 7.93 -10.47
C SER D 272 64.91 9.31 -9.93
N TRP D 273 64.22 10.36 -10.39
CA TRP D 273 64.50 11.71 -9.93
C TRP D 273 64.19 11.86 -8.44
N GLN D 274 62.92 11.71 -8.06
CA GLN D 274 62.49 11.89 -6.68
C GLN D 274 61.36 10.93 -6.38
N THR D 275 61.56 10.07 -5.40
CA THR D 275 60.55 9.11 -4.95
C THR D 275 59.85 9.67 -3.71
N ALA D 276 58.55 9.90 -3.83
CA ALA D 276 57.78 10.43 -2.71
C ALA D 276 57.70 9.40 -1.58
N ASP D 277 57.56 9.91 -0.37
CA ASP D 277 57.45 9.06 0.82
C ASP D 277 56.04 8.47 0.88
N ILE D 278 55.94 7.16 0.69
CA ILE D 278 54.64 6.50 0.74
C ILE D 278 54.11 6.37 2.16
N SER D 279 54.95 6.63 3.16
CA SER D 279 54.55 6.55 4.56
C SER D 279 54.50 7.91 5.23
N ALA D 280 54.49 9.00 4.47
CA ALA D 280 54.50 10.33 5.05
C ALA D 280 53.17 10.64 5.71
N ARG D 281 53.23 11.30 6.86
CA ARG D 281 52.04 11.68 7.61
C ARG D 281 52.00 13.20 7.77
N ASP D 282 50.81 13.77 7.63
CA ASP D 282 50.63 15.20 7.73
C ASP D 282 50.47 15.61 9.20
N SER D 283 50.07 16.87 9.44
CA SER D 283 49.94 17.36 10.80
C SER D 283 48.90 16.58 11.58
N VAL D 284 47.73 16.34 10.97
CA VAL D 284 46.69 15.55 11.61
C VAL D 284 47.08 14.08 11.75
N GLY D 285 48.06 13.62 10.97
CA GLY D 285 48.52 12.26 11.02
C GLY D 285 47.98 11.36 9.92
N ASN D 286 47.18 11.89 8.99
CA ASN D 286 46.58 11.08 7.95
C ASN D 286 47.64 10.65 6.94
N THR D 287 47.77 9.34 6.75
CA THR D 287 48.58 8.81 5.67
C THR D 287 47.79 8.90 4.37
N VAL D 288 48.43 8.53 3.25
CA VAL D 288 47.72 8.49 1.98
C VAL D 288 46.58 7.49 2.03
N LEU D 289 46.78 6.37 2.72
CA LEU D 289 45.70 5.40 2.90
C LEU D 289 44.56 5.98 3.74
N HIS D 290 44.90 6.75 4.78
CA HIS D 290 43.86 7.42 5.56
C HIS D 290 43.11 8.44 4.72
N ALA D 291 43.83 9.19 3.88
CA ALA D 291 43.19 10.21 3.06
C ALA D 291 42.27 9.60 2.02
N LEU D 292 42.61 8.39 1.54
CA LEU D 292 41.77 7.73 0.55
C LEU D 292 40.42 7.33 1.13
N VAL D 293 40.38 7.01 2.43
CA VAL D 293 39.11 6.66 3.06
C VAL D 293 38.22 7.88 3.18
N GLU D 294 38.78 9.03 3.53
CA GLU D 294 37.98 10.24 3.73
C GLU D 294 37.43 10.78 2.42
N VAL D 295 38.08 10.47 1.29
CA VAL D 295 37.58 10.92 0.00
C VAL D 295 36.31 10.17 -0.39
N ALA D 296 36.26 8.87 -0.10
CA ALA D 296 35.13 8.05 -0.50
C ALA D 296 33.85 8.51 0.18
N ASP D 297 32.74 8.50 -0.57
CA ASP D 297 31.44 8.89 -0.05
C ASP D 297 30.36 7.86 -0.36
N ASN D 298 30.75 6.62 -0.64
CA ASN D 298 29.86 5.47 -0.82
C ASN D 298 28.96 5.58 -2.04
N THR D 299 29.09 6.62 -2.85
CA THR D 299 28.22 6.75 -4.00
C THR D 299 28.61 5.71 -5.07
N ALA D 300 27.71 5.53 -6.04
CA ALA D 300 27.80 4.38 -6.94
C ALA D 300 29.09 4.38 -7.73
N ASP D 301 29.58 5.57 -8.11
CA ASP D 301 30.75 5.63 -8.98
C ASP D 301 32.05 5.79 -8.18
N ASN D 302 32.00 6.45 -7.04
CA ASN D 302 33.21 6.71 -6.27
C ASN D 302 33.86 5.41 -5.78
N THR D 303 33.05 4.44 -5.36
CA THR D 303 33.59 3.24 -4.73
C THR D 303 34.53 2.50 -5.66
N LYS D 304 34.15 2.35 -6.93
CA LYS D 304 34.98 1.62 -7.89
C LYS D 304 36.33 2.30 -8.06
N PHE D 305 36.36 3.63 -8.00
CA PHE D 305 37.61 4.37 -8.12
C PHE D 305 38.52 4.14 -6.91
N VAL D 306 37.98 4.29 -5.70
CA VAL D 306 38.83 4.33 -4.50
C VAL D 306 39.50 2.99 -4.25
N THR D 307 38.73 1.89 -4.33
CA THR D 307 39.30 0.58 -4.04
C THR D 307 40.37 0.17 -5.05
N SER D 308 40.19 0.50 -6.34
CA SER D 308 41.21 0.21 -7.33
C SER D 308 42.49 1.00 -7.03
N MET D 309 42.36 2.29 -6.73
CA MET D 309 43.52 3.07 -6.31
C MET D 309 44.10 2.55 -5.01
N TYR D 310 43.23 2.11 -4.09
CA TYR D 310 43.70 1.54 -2.83
C TYR D 310 44.51 0.26 -3.05
N ASN D 311 44.10 -0.56 -4.01
CA ASN D 311 44.77 -1.84 -4.22
C ASN D 311 46.17 -1.65 -4.80
N GLU D 312 46.29 -0.83 -5.85
CA GLU D 312 47.57 -0.70 -6.53
C GLU D 312 48.59 0.03 -5.66
N ILE D 313 48.15 1.00 -4.86
CA ILE D 313 49.09 1.67 -3.97
C ILE D 313 49.63 0.71 -2.92
N LEU D 314 48.87 -0.33 -2.57
CA LEU D 314 49.41 -1.39 -1.70
C LEU D 314 50.34 -2.31 -2.48
N MET D 315 49.99 -2.62 -3.74
CA MET D 315 50.84 -3.48 -4.55
C MET D 315 52.19 -2.84 -4.79
N LEU D 316 52.21 -1.54 -5.11
CA LEU D 316 53.47 -0.83 -5.29
C LEU D 316 54.26 -0.79 -4.00
N GLY D 317 53.58 -0.58 -2.87
CA GLY D 317 54.27 -0.57 -1.59
C GLY D 317 54.89 -1.91 -1.26
N ALA D 318 54.26 -3.01 -1.69
CA ALA D 318 54.81 -4.33 -1.43
C ALA D 318 56.09 -4.57 -2.23
N LYS D 319 56.10 -4.19 -3.51
CA LYS D 319 57.29 -4.38 -4.33
C LYS D 319 58.43 -3.48 -3.86
N LEU D 320 58.11 -2.29 -3.35
CA LEU D 320 59.13 -1.34 -2.95
C LEU D 320 59.53 -1.49 -1.48
N HIS D 321 58.56 -1.76 -0.61
CA HIS D 321 58.81 -1.95 0.82
C HIS D 321 58.12 -3.23 1.27
N PRO D 322 58.76 -4.39 1.03
CA PRO D 322 58.14 -5.65 1.46
C PRO D 322 57.90 -5.75 2.96
N THR D 323 58.79 -5.19 3.77
CA THR D 323 58.68 -5.28 5.22
C THR D 323 57.72 -4.26 5.82
N LEU D 324 57.33 -3.23 5.06
CA LEU D 324 56.50 -2.16 5.59
C LEU D 324 55.03 -2.54 5.55
N LYS D 325 54.33 -2.31 6.65
CA LYS D 325 52.90 -2.57 6.77
C LYS D 325 52.19 -1.23 6.95
N LEU D 326 51.63 -0.71 5.86
CA LEU D 326 50.98 0.60 5.92
C LEU D 326 49.64 0.53 6.63
N GLU D 327 49.00 -0.65 6.61
CA GLU D 327 47.66 -0.78 7.17
C GLU D 327 47.65 -0.60 8.69
N GLU D 328 48.80 -0.81 9.34
CA GLU D 328 48.86 -0.72 10.79
C GLU D 328 49.30 0.65 11.30
N LEU D 329 49.52 1.61 10.42
CA LEU D 329 49.86 2.97 10.85
C LEU D 329 48.62 3.66 11.38
N THR D 330 48.78 4.42 12.46
CA THR D 330 47.69 5.07 13.15
C THR D 330 47.82 6.59 13.04
N ASN D 331 46.71 7.28 13.25
CA ASN D 331 46.70 8.74 13.22
C ASN D 331 47.02 9.28 14.61
N LYS D 332 46.85 10.60 14.79
CA LYS D 332 46.99 11.18 16.12
C LYS D 332 45.90 10.68 17.06
N LYS D 333 44.72 10.36 16.54
CA LYS D 333 43.66 9.78 17.34
C LYS D 333 43.87 8.29 17.60
N GLY D 334 44.75 7.63 16.85
CA GLY D 334 44.95 6.20 16.98
C GLY D 334 44.01 5.37 16.16
N MET D 335 43.70 5.79 14.95
CA MET D 335 42.81 5.06 14.05
C MET D 335 43.59 4.53 12.86
N THR D 336 43.50 3.23 12.64
CA THR D 336 44.01 2.64 11.41
C THR D 336 43.03 2.93 10.28
N PRO D 337 43.47 2.79 9.01
CA PRO D 337 42.52 2.99 7.91
C PRO D 337 41.31 2.08 7.98
N LEU D 338 41.48 0.83 8.42
CA LEU D 338 40.34 -0.06 8.60
C LEU D 338 39.42 0.43 9.71
N ALA D 339 40.00 0.90 10.82
CA ALA D 339 39.19 1.38 11.94
C ALA D 339 38.45 2.67 11.60
N LEU D 340 39.07 3.55 10.81
CA LEU D 340 38.42 4.81 10.48
C LEU D 340 37.33 4.62 9.43
N ALA D 341 37.49 3.65 8.54
CA ALA D 341 36.47 3.38 7.53
C ALA D 341 35.17 2.90 8.18
N ALA D 342 35.27 2.02 9.16
CA ALA D 342 34.08 1.54 9.86
C ALA D 342 33.50 2.64 10.75
N GLY D 343 34.36 3.46 11.33
CA GLY D 343 33.88 4.51 12.22
C GLY D 343 33.05 5.57 11.51
N THR D 344 33.41 5.90 10.28
CA THR D 344 32.78 6.98 9.54
C THR D 344 31.68 6.51 8.59
N GLY D 345 31.34 5.22 8.61
CA GLY D 345 30.26 4.72 7.79
C GLY D 345 30.60 4.46 6.35
N LYS D 346 31.87 4.25 6.02
CA LYS D 346 32.31 4.02 4.64
C LYS D 346 32.18 2.53 4.34
N ILE D 347 30.95 2.11 4.06
CA ILE D 347 30.66 0.70 3.87
C ILE D 347 31.28 0.16 2.59
N GLY D 348 31.37 0.97 1.54
CA GLY D 348 31.88 0.49 0.27
C GLY D 348 33.33 0.04 0.34
N VAL D 349 34.17 0.81 1.01
CA VAL D 349 35.58 0.42 1.16
C VAL D 349 35.76 -0.61 2.27
N LEU D 350 34.92 -0.59 3.31
CA LEU D 350 35.02 -1.57 4.38
C LEU D 350 34.82 -2.98 3.85
N ALA D 351 33.87 -3.16 2.93
CA ALA D 351 33.65 -4.48 2.34
C ALA D 351 34.88 -4.94 1.57
N TYR D 352 35.53 -4.04 0.85
CA TYR D 352 36.71 -4.41 0.08
C TYR D 352 37.85 -4.88 0.98
N ILE D 353 38.07 -4.18 2.09
CA ILE D 353 39.21 -4.50 2.95
C ILE D 353 39.03 -5.85 3.63
N LEU D 354 37.81 -6.14 4.11
CA LEU D 354 37.59 -7.33 4.91
C LEU D 354 37.83 -8.61 4.12
N GLN D 355 37.37 -8.65 2.87
CA GLN D 355 37.46 -9.84 2.03
C GLN D 355 38.34 -9.60 0.81
N ARG D 356 39.50 -8.97 1.01
CA ARG D 356 40.44 -8.71 -0.06
C ARG D 356 41.19 -10.00 -0.41
N GLU D 357 41.08 -10.42 -1.67
CA GLU D 357 41.71 -11.65 -2.16
C GLU D 357 42.50 -11.32 -3.42
N ILE D 358 43.82 -11.43 -3.34
CA ILE D 358 44.71 -11.10 -4.44
C ILE D 358 45.21 -12.39 -5.08
N GLN D 359 44.97 -12.54 -6.38
CA GLN D 359 45.39 -13.74 -7.11
C GLN D 359 46.88 -13.78 -7.38
N GLU D 360 47.55 -12.63 -7.44
CA GLU D 360 48.93 -12.57 -7.90
C GLU D 360 49.87 -13.12 -6.83
N PRO D 361 50.73 -14.07 -7.16
CA PRO D 361 51.72 -14.55 -6.19
C PRO D 361 52.62 -13.42 -5.71
N GLU D 362 53.20 -13.62 -4.52
CA GLU D 362 54.11 -12.69 -3.85
C GLU D 362 53.35 -11.47 -3.34
N CYS D 363 52.07 -11.38 -3.69
CA CYS D 363 51.14 -10.44 -3.08
C CYS D 363 49.90 -11.13 -2.55
N ARG D 364 49.90 -12.47 -2.54
CA ARG D 364 48.82 -13.24 -1.96
C ARG D 364 48.80 -13.12 -0.43
N HIS D 365 49.93 -12.80 0.18
CA HIS D 365 49.97 -12.61 1.63
C HIS D 365 49.30 -11.32 2.07
N LEU D 366 49.17 -10.34 1.18
CA LEU D 366 48.39 -9.14 1.46
C LEU D 366 46.90 -9.43 1.61
N SER D 367 46.42 -10.56 1.09
CA SER D 367 45.01 -10.86 1.10
C SER D 367 44.51 -11.15 2.52
N ARG D 368 43.20 -11.00 2.70
CA ARG D 368 42.55 -11.36 3.95
C ARG D 368 41.54 -12.50 3.80
N LYS D 369 41.13 -12.84 2.58
CA LYS D 369 40.18 -13.92 2.35
C LYS D 369 40.84 -14.95 1.43
N PHE D 370 41.22 -16.08 1.99
CA PHE D 370 41.93 -17.14 1.27
C PHE D 370 40.93 -18.19 0.78
N THR D 371 41.46 -19.28 0.24
CA THR D 371 40.64 -20.40 -0.20
C THR D 371 41.30 -21.69 0.27
N GLU D 372 40.53 -22.53 0.99
CA GLU D 372 41.09 -23.78 1.50
C GLU D 372 41.24 -24.81 0.40
N TRP D 373 40.14 -25.21 -0.22
CA TRP D 373 40.18 -26.14 -1.35
C TRP D 373 38.98 -25.83 -2.25
N ALA D 374 38.66 -26.76 -3.15
CA ALA D 374 37.54 -26.57 -4.06
C ALA D 374 36.84 -27.90 -4.27
N TYR D 375 35.59 -27.82 -4.68
CA TYR D 375 34.79 -28.98 -5.05
C TYR D 375 34.05 -28.62 -6.33
N GLY D 376 33.05 -29.42 -6.71
CA GLY D 376 32.32 -29.15 -7.93
C GLY D 376 31.59 -27.83 -7.89
N PRO D 377 30.53 -27.74 -7.09
CA PRO D 377 29.86 -26.45 -6.89
C PRO D 377 30.27 -25.77 -5.59
N VAL D 378 31.12 -26.43 -4.83
CA VAL D 378 31.44 -26.03 -3.46
C VAL D 378 32.88 -25.51 -3.41
N HIS D 379 33.09 -24.44 -2.66
CA HIS D 379 34.43 -23.93 -2.40
C HIS D 379 34.52 -23.46 -0.96
N SER D 380 35.65 -23.71 -0.31
CA SER D 380 35.87 -23.35 1.07
C SER D 380 36.80 -22.15 1.13
N SER D 381 36.41 -21.10 1.85
CA SER D 381 37.18 -19.87 1.95
C SER D 381 37.47 -19.58 3.41
N LEU D 382 38.64 -18.99 3.67
CA LEU D 382 39.03 -18.57 5.00
C LEU D 382 39.04 -17.04 5.10
N TYR D 383 39.06 -16.54 6.33
CA TYR D 383 39.04 -15.10 6.56
C TYR D 383 40.07 -14.75 7.62
N ASP D 384 40.65 -13.56 7.50
CA ASP D 384 41.76 -13.18 8.37
C ASP D 384 41.30 -13.04 9.82
N LEU D 385 40.20 -12.32 10.04
CA LEU D 385 39.60 -12.16 11.35
C LEU D 385 40.56 -11.51 12.35
N SER D 386 41.62 -10.88 11.85
CA SER D 386 42.56 -10.19 12.71
C SER D 386 42.04 -8.79 13.04
N CYS D 387 42.25 -8.38 14.29
CA CYS D 387 41.79 -7.09 14.83
C CYS D 387 40.32 -6.82 14.54
N ILE D 388 39.51 -7.86 14.40
CA ILE D 388 38.08 -7.70 14.16
C ILE D 388 37.33 -7.84 15.48
N ASP D 389 37.45 -9.01 16.13
CA ASP D 389 36.76 -9.25 17.39
C ASP D 389 37.64 -9.01 18.61
N THR D 390 38.93 -9.27 18.51
CA THR D 390 39.89 -8.95 19.56
C THR D 390 40.93 -7.98 19.01
N CYS D 391 41.18 -6.90 19.75
CA CYS D 391 42.11 -5.88 19.30
C CYS D 391 42.59 -5.10 20.50
N GLU D 392 43.67 -4.34 20.30
CA GLU D 392 44.24 -3.56 21.40
C GLU D 392 43.33 -2.39 21.78
N LYS D 393 43.05 -1.50 20.84
CA LYS D 393 42.32 -0.28 21.13
C LYS D 393 40.95 -0.22 20.45
N ASN D 394 40.89 -0.37 19.13
CA ASN D 394 39.64 -0.22 18.38
C ASN D 394 39.37 -1.47 17.56
N SER D 395 38.58 -2.38 18.11
CA SER D 395 38.08 -3.51 17.33
C SER D 395 37.04 -3.03 16.33
N VAL D 396 36.96 -3.74 15.20
CA VAL D 396 35.98 -3.36 14.18
C VAL D 396 34.56 -3.50 14.71
N LEU D 397 34.29 -4.58 15.45
CA LEU D 397 32.95 -4.78 16.01
C LEU D 397 32.63 -3.71 17.06
N GLU D 398 33.60 -3.35 17.88
CA GLU D 398 33.36 -2.36 18.93
C GLU D 398 33.08 -0.98 18.34
N VAL D 399 33.82 -0.61 17.30
CA VAL D 399 33.65 0.71 16.70
C VAL D 399 32.25 0.85 16.10
N ILE D 400 31.76 -0.17 15.42
CA ILE D 400 30.44 -0.10 14.79
C ILE D 400 29.35 -0.01 15.83
N ALA D 401 29.42 -0.85 16.87
CA ALA D 401 28.34 -0.94 17.83
C ALA D 401 28.26 0.31 18.71
N TYR D 402 29.40 0.77 19.21
CA TYR D 402 29.43 1.88 20.17
C TYR D 402 29.64 3.21 19.45
N SER D 403 28.79 3.48 18.48
CA SER D 403 28.82 4.73 17.74
C SER D 403 27.77 5.69 18.29
N SER D 404 27.78 6.92 17.79
CA SER D 404 26.86 7.97 18.24
C SER D 404 25.63 8.07 17.36
N SER D 405 25.29 7.02 16.62
CA SER D 405 24.06 6.93 15.85
C SER D 405 24.06 7.89 14.66
N GLU D 406 25.13 8.68 14.52
CA GLU D 406 25.28 9.57 13.38
C GLU D 406 25.89 8.89 12.16
N THR D 407 26.37 7.66 12.31
CA THR D 407 26.91 6.93 11.17
C THR D 407 25.79 6.63 10.17
N PRO D 408 25.95 7.00 8.90
CA PRO D 408 24.83 6.81 7.95
C PRO D 408 24.44 5.37 7.73
N ASN D 409 25.37 4.42 7.80
CA ASN D 409 25.11 3.03 7.45
C ASN D 409 25.52 2.09 8.58
N ARG D 410 25.04 2.38 9.81
CA ARG D 410 25.42 1.53 10.93
C ARG D 410 24.70 0.19 10.90
N HIS D 411 23.42 0.18 10.51
CA HIS D 411 22.69 -1.08 10.46
C HIS D 411 23.24 -2.00 9.37
N ASP D 412 23.58 -1.43 8.21
CA ASP D 412 23.97 -2.21 7.04
C ASP D 412 25.42 -2.69 7.09
N MET D 413 26.27 -2.09 7.92
CA MET D 413 27.67 -2.46 7.94
C MET D 413 27.92 -3.81 8.60
N LEU D 414 26.94 -4.35 9.31
CA LEU D 414 27.07 -5.67 9.91
C LEU D 414 26.63 -6.79 8.98
N LEU D 415 26.18 -6.46 7.77
CA LEU D 415 25.74 -7.46 6.81
C LEU D 415 26.84 -7.93 5.88
N VAL D 416 28.06 -7.40 6.00
CA VAL D 416 29.16 -7.89 5.18
C VAL D 416 29.47 -9.33 5.57
N GLU D 417 30.16 -10.04 4.68
CA GLU D 417 30.22 -11.50 4.75
C GLU D 417 30.88 -12.04 6.02
N PRO D 418 32.06 -11.59 6.45
CA PRO D 418 32.66 -12.20 7.65
C PRO D 418 31.97 -11.82 8.94
N LEU D 419 31.40 -10.62 9.02
CA LEU D 419 30.90 -10.12 10.31
C LEU D 419 29.58 -10.76 10.70
N ASN D 420 28.70 -11.00 9.73
CA ASN D 420 27.37 -11.50 10.04
C ASN D 420 27.44 -12.91 10.64
N ARG D 421 28.25 -13.78 10.05
CA ARG D 421 28.35 -15.15 10.55
C ARG D 421 29.23 -15.25 11.79
N LEU D 422 30.09 -14.27 12.03
CA LEU D 422 30.92 -14.28 13.23
C LEU D 422 30.07 -14.01 14.47
N LEU D 423 29.11 -13.09 14.36
CA LEU D 423 28.23 -12.80 15.49
C LEU D 423 27.24 -13.93 15.72
N GLN D 424 26.73 -14.55 14.65
CA GLN D 424 25.80 -15.67 14.81
C GLN D 424 26.50 -16.86 15.44
N ASP D 425 27.80 -17.03 15.18
CA ASP D 425 28.56 -18.08 15.82
C ASP D 425 28.72 -17.84 17.33
N LYS D 426 28.92 -16.58 17.73
CA LYS D 426 29.03 -16.27 19.15
C LYS D 426 27.71 -16.52 19.87
N TRP D 427 26.59 -16.18 19.24
CA TRP D 427 25.28 -16.38 19.84
C TRP D 427 25.00 -17.87 20.05
N ASP D 428 25.16 -18.67 19.00
CA ASP D 428 24.79 -20.09 19.08
C ASP D 428 25.76 -20.89 19.96
N ARG D 429 26.95 -20.36 20.24
CA ARG D 429 27.93 -21.13 20.98
C ARG D 429 27.76 -20.97 22.48
N PHE D 430 27.88 -19.74 23.00
CA PHE D 430 27.83 -19.57 24.43
C PHE D 430 26.90 -18.44 24.90
N VAL D 431 26.69 -17.41 24.07
CA VAL D 431 25.99 -16.22 24.54
C VAL D 431 24.51 -16.50 24.76
N LYS D 432 23.90 -17.32 23.89
CA LYS D 432 22.46 -17.53 23.97
C LYS D 432 22.05 -18.18 25.30
N ARG D 433 22.86 -19.10 25.81
CA ARG D 433 22.51 -19.78 27.05
C ARG D 433 22.59 -18.84 28.25
N ILE D 434 23.56 -17.92 28.24
CA ILE D 434 23.67 -16.97 29.34
C ILE D 434 22.50 -16.00 29.32
N PHE D 435 22.06 -15.60 28.13
CA PHE D 435 20.93 -14.67 28.03
C PHE D 435 19.66 -15.27 28.60
N TYR D 436 19.42 -16.56 28.33
CA TYR D 436 18.23 -17.20 28.88
C TYR D 436 18.31 -17.34 30.39
N PHE D 437 19.51 -17.53 30.93
CA PHE D 437 19.69 -17.58 32.38
C PHE D 437 19.33 -16.24 33.02
N ASN D 438 19.76 -15.13 32.41
CA ASN D 438 19.46 -13.81 32.94
C ASN D 438 17.97 -13.52 32.92
N PHE D 439 17.28 -13.95 31.86
CA PHE D 439 15.84 -13.75 31.77
C PHE D 439 15.12 -14.51 32.88
N LEU D 440 15.56 -15.73 33.19
CA LEU D 440 14.91 -16.53 34.22
C LEU D 440 15.11 -15.92 35.60
N VAL D 441 16.31 -15.41 35.89
CA VAL D 441 16.58 -14.85 37.20
C VAL D 441 15.80 -13.55 37.42
N TYR D 442 15.67 -12.73 36.37
CA TYR D 442 14.91 -11.49 36.49
C TYR D 442 13.43 -11.77 36.70
N CYS D 443 12.90 -12.83 36.08
CA CYS D 443 11.51 -13.20 36.30
C CYS D 443 11.26 -13.60 37.75
N LEU D 444 12.19 -14.33 38.35
CA LEU D 444 12.03 -14.75 39.74
C LEU D 444 12.16 -13.55 40.68
N TYR D 445 13.04 -12.61 40.36
CA TYR D 445 13.20 -11.43 41.21
C TYR D 445 11.93 -10.59 41.24
N MET D 446 11.27 -10.42 40.09
CA MET D 446 10.06 -9.61 40.02
C MET D 446 8.85 -10.29 40.66
N ILE D 447 8.81 -11.62 40.68
CA ILE D 447 7.72 -12.36 41.32
C ILE D 447 7.80 -12.26 42.83
N ILE D 448 9.01 -12.36 43.39
CA ILE D 448 9.18 -12.22 44.84
C ILE D 448 8.89 -10.80 45.28
N PHE D 449 9.31 -9.81 44.47
CA PHE D 449 9.01 -8.41 44.78
C PHE D 449 7.51 -8.15 44.78
N THR D 450 6.78 -8.73 43.82
CA THR D 450 5.34 -8.54 43.76
C THR D 450 4.65 -9.13 44.99
N MET D 451 5.12 -10.29 45.46
CA MET D 451 4.47 -10.95 46.57
C MET D 451 4.73 -10.22 47.88
N ALA D 452 5.93 -9.66 48.06
CA ALA D 452 6.24 -8.97 49.30
C ALA D 452 5.48 -7.65 49.43
N ALA D 453 5.26 -6.96 48.31
CA ALA D 453 4.52 -5.71 48.34
C ALA D 453 3.02 -5.96 48.51
N TYR D 454 2.53 -7.10 48.02
CA TYR D 454 1.11 -7.40 48.08
C TYR D 454 0.65 -7.65 49.51
N TYR D 455 1.53 -8.20 50.34
CA TYR D 455 1.19 -8.59 51.71
C TYR D 455 1.75 -7.61 52.74
N ARG D 456 1.90 -6.35 52.37
CA ARG D 456 2.38 -5.35 53.30
C ARG D 456 1.35 -5.13 54.41
N PRO D 457 1.78 -4.93 55.65
CA PRO D 457 0.83 -4.68 56.73
C PRO D 457 0.20 -3.30 56.61
N VAL D 458 -1.01 -3.17 57.16
CA VAL D 458 -1.81 -1.96 57.03
C VAL D 458 -1.90 -1.18 58.33
N ASP D 459 -1.05 -1.51 59.32
CA ASP D 459 -1.03 -0.73 60.54
C ASP D 459 -0.29 0.59 60.32
N GLY D 460 -0.10 1.34 61.40
CA GLY D 460 0.50 2.65 61.30
C GLY D 460 1.98 2.67 61.61
N LEU D 461 2.64 3.73 61.13
CA LEU D 461 3.99 4.10 61.52
C LEU D 461 5.01 2.96 61.36
N PRO D 462 5.46 2.70 60.14
CA PRO D 462 6.56 1.73 59.95
C PRO D 462 7.81 2.19 60.67
N PRO D 463 8.76 1.28 60.98
CA PRO D 463 8.76 -0.16 60.70
C PRO D 463 7.79 -0.95 61.56
N PHE D 464 7.47 -2.16 61.13
CA PHE D 464 6.46 -2.99 61.77
C PHE D 464 7.10 -4.15 62.52
N LYS D 465 6.47 -4.54 63.62
CA LYS D 465 7.03 -5.56 64.51
C LYS D 465 6.92 -6.96 63.91
N MET D 466 7.79 -7.84 64.37
CA MET D 466 7.90 -9.20 63.84
C MET D 466 7.09 -10.15 64.70
N GLU D 467 6.12 -10.82 64.10
CA GLU D 467 5.28 -11.80 64.78
C GLU D 467 4.92 -12.91 63.81
N LYS D 468 4.24 -13.93 64.33
CA LYS D 468 3.72 -15.04 63.54
C LYS D 468 4.84 -15.69 62.73
N THR D 469 4.49 -16.39 61.65
CA THR D 469 5.48 -16.96 60.74
C THR D 469 5.42 -16.36 59.35
N GLY D 470 4.30 -15.75 58.96
CA GLY D 470 4.22 -15.09 57.67
C GLY D 470 5.03 -13.83 57.58
N ASP D 471 5.36 -13.21 58.71
CA ASP D 471 6.19 -12.00 58.68
C ASP D 471 7.64 -12.36 58.40
N TYR D 472 8.11 -13.50 58.87
CA TYR D 472 9.45 -13.95 58.55
C TYR D 472 9.59 -14.27 57.07
N PHE D 473 8.57 -14.87 56.46
CA PHE D 473 8.59 -15.10 55.03
C PHE D 473 8.49 -13.78 54.26
N ARG D 474 7.68 -12.84 54.75
CA ARG D 474 7.55 -11.56 54.06
C ARG D 474 8.84 -10.76 54.14
N VAL D 475 9.47 -10.71 55.30
CA VAL D 475 10.68 -9.91 55.47
C VAL D 475 11.82 -10.47 54.63
N THR D 476 11.87 -11.80 54.46
CA THR D 476 12.86 -12.39 53.58
C THR D 476 12.71 -11.86 52.16
N GLY D 477 11.46 -11.70 51.69
CA GLY D 477 11.22 -11.16 50.37
C GLY D 477 11.66 -9.72 50.19
N GLU D 478 11.50 -8.89 51.22
CA GLU D 478 11.90 -7.49 51.10
C GLU D 478 13.41 -7.32 51.10
N ILE D 479 14.15 -8.20 51.79
CA ILE D 479 15.61 -8.13 51.76
C ILE D 479 16.12 -8.47 50.38
N LEU D 480 15.53 -9.49 49.74
CA LEU D 480 15.89 -9.82 48.36
C LEU D 480 15.54 -8.68 47.41
N SER D 481 14.43 -7.99 47.65
CA SER D 481 14.05 -6.86 46.80
C SER D 481 15.05 -5.72 46.92
N VAL D 482 15.54 -5.45 48.14
CA VAL D 482 16.51 -4.38 48.34
C VAL D 482 17.85 -4.76 47.70
N LEU D 483 18.28 -6.01 47.87
CA LEU D 483 19.55 -6.44 47.28
C LEU D 483 19.51 -6.35 45.76
N GLY D 484 18.35 -6.62 45.16
CA GLY D 484 18.22 -6.48 43.72
C GLY D 484 18.38 -5.04 43.27
N GLY D 485 17.89 -4.09 44.07
CA GLY D 485 18.01 -2.70 43.69
C GLY D 485 19.41 -2.15 43.89
N VAL D 486 20.17 -2.77 44.80
CA VAL D 486 21.58 -2.40 44.96
C VAL D 486 22.39 -2.88 43.75
N TYR D 487 22.10 -4.08 43.27
CA TYR D 487 22.82 -4.62 42.12
C TYR D 487 22.59 -3.78 40.88
N PHE D 488 21.35 -3.36 40.63
CA PHE D 488 21.06 -2.54 39.46
C PHE D 488 21.58 -1.12 39.62
N PHE D 489 21.84 -0.68 40.84
CA PHE D 489 22.38 0.66 41.06
C PHE D 489 23.87 0.70 40.70
N PHE D 490 24.61 -0.36 41.04
CA PHE D 490 26.03 -0.41 40.74
C PHE D 490 26.30 -0.73 39.28
N ARG D 491 25.44 -1.56 38.66
CA ARG D 491 25.60 -1.84 37.24
C ARG D 491 25.31 -0.61 36.39
N GLY D 492 24.64 0.39 36.96
CA GLY D 492 24.31 1.58 36.20
C GLY D 492 25.45 2.58 36.16
N ILE D 493 26.15 2.74 37.28
CA ILE D 493 27.30 3.64 37.30
C ILE D 493 28.52 2.95 36.69
N GLN D 494 28.59 1.63 36.77
CA GLN D 494 29.65 0.91 36.07
C GLN D 494 29.55 1.09 34.57
N TYR D 495 28.32 1.07 34.03
CA TYR D 495 28.13 1.29 32.61
C TYR D 495 28.59 2.68 32.20
N PHE D 496 28.28 3.70 33.01
CA PHE D 496 28.65 5.07 32.66
C PHE D 496 30.16 5.26 32.66
N LEU D 497 30.84 4.71 33.66
CA LEU D 497 32.29 4.88 33.74
C LEU D 497 33.01 4.10 32.64
N GLN D 498 32.45 2.97 32.21
CA GLN D 498 33.11 2.15 31.21
C GLN D 498 32.96 2.71 29.80
N ARG D 499 31.85 3.41 29.50
CA ARG D 499 31.59 3.88 28.15
C ARG D 499 31.56 5.38 27.99
N ARG D 500 31.25 6.12 29.06
CA ARG D 500 31.14 7.58 29.02
C ARG D 500 30.23 8.04 27.89
N PRO D 501 28.91 7.88 28.02
CA PRO D 501 28.00 8.36 26.98
C PRO D 501 28.03 9.87 26.86
N SER D 502 27.74 10.35 25.65
CA SER D 502 27.85 11.76 25.34
C SER D 502 26.52 12.51 25.47
N MET D 503 25.64 12.05 26.35
CA MET D 503 24.37 12.72 26.66
C MET D 503 23.44 12.80 25.45
N LYS D 504 23.85 12.22 24.33
CA LYS D 504 22.98 12.05 23.17
C LYS D 504 22.78 10.59 22.80
N THR D 505 23.81 9.77 22.98
CA THR D 505 23.70 8.32 22.86
C THR D 505 23.21 7.68 24.15
N LEU D 506 22.60 8.46 25.04
CA LEU D 506 22.03 7.94 26.27
C LEU D 506 20.50 8.01 26.30
N PHE D 507 19.90 8.89 25.50
CA PHE D 507 18.44 8.98 25.40
C PHE D 507 17.89 8.46 24.09
N VAL D 508 18.66 8.55 23.00
CA VAL D 508 18.23 7.99 21.72
C VAL D 508 18.65 6.54 21.58
N ASP D 509 19.84 6.23 22.07
CA ASP D 509 20.33 4.86 22.18
C ASP D 509 20.59 4.55 23.64
N SER D 510 20.46 3.27 23.99
CA SER D 510 20.71 2.79 25.35
C SER D 510 19.84 3.52 26.38
N TYR D 511 18.57 3.76 26.05
CA TYR D 511 17.65 4.29 27.05
C TYR D 511 17.21 3.22 28.04
N SER D 512 17.47 1.94 27.75
CA SER D 512 17.14 0.89 28.70
C SER D 512 18.08 0.90 29.89
N GLU D 513 19.31 1.39 29.71
CA GLU D 513 20.21 1.56 30.84
C GLU D 513 19.68 2.61 31.81
N MET D 514 19.13 3.69 31.27
CA MET D 514 18.57 4.74 32.12
C MET D 514 17.32 4.25 32.85
N LEU D 515 16.49 3.45 32.19
CA LEU D 515 15.26 2.98 32.81
C LEU D 515 15.53 1.94 33.89
N PHE D 516 16.49 1.04 33.68
CA PHE D 516 16.84 0.08 34.71
C PHE D 516 17.51 0.77 35.90
N PHE D 517 18.20 1.87 35.65
CA PHE D 517 18.84 2.63 36.72
C PHE D 517 17.82 3.47 37.47
N LEU D 518 16.82 4.01 36.76
CA LEU D 518 15.81 4.84 37.41
C LEU D 518 14.97 4.04 38.39
N GLN D 519 14.71 2.76 38.09
CA GLN D 519 13.95 1.93 39.01
C GLN D 519 14.71 1.69 40.30
N SER D 520 16.03 1.58 40.22
CA SER D 520 16.83 1.35 41.43
C SER D 520 16.82 2.58 42.34
N LEU D 521 16.66 3.77 41.75
CA LEU D 521 16.52 4.97 42.56
C LEU D 521 15.23 4.97 43.36
N PHE D 522 14.13 4.52 42.75
CA PHE D 522 12.86 4.39 43.46
C PHE D 522 12.96 3.38 44.59
N MET D 523 13.68 2.28 44.36
CA MET D 523 13.78 1.24 45.39
C MET D 523 14.55 1.72 46.59
N LEU D 524 15.60 2.52 46.38
CA LEU D 524 16.40 3.00 47.51
C LEU D 524 15.73 4.17 48.21
N ALA D 525 14.88 4.93 47.51
CA ALA D 525 14.09 5.96 48.18
C ALA D 525 13.04 5.35 49.09
N THR D 526 12.54 4.17 48.74
CA THR D 526 11.54 3.50 49.57
C THR D 526 12.13 3.08 50.91
N VAL D 527 13.40 2.67 50.93
CA VAL D 527 14.04 2.23 52.17
C VAL D 527 14.24 3.41 53.11
N VAL D 528 14.62 4.57 52.57
CA VAL D 528 14.85 5.75 53.41
C VAL D 528 13.55 6.18 54.10
N LEU D 529 12.46 6.25 53.34
CA LEU D 529 11.18 6.65 53.91
C LEU D 529 10.63 5.62 54.89
N TYR D 530 10.95 4.34 54.68
CA TYR D 530 10.45 3.29 55.55
C TYR D 530 11.01 3.40 56.96
N PHE D 531 12.30 3.64 57.09
CA PHE D 531 12.94 3.78 58.38
C PHE D 531 12.83 5.20 58.94
N SER D 532 12.20 6.10 58.20
CA SER D 532 11.94 7.46 58.65
C SER D 532 10.53 7.64 59.20
N HIS D 533 9.79 6.54 59.39
CA HIS D 533 8.44 6.56 59.95
C HIS D 533 7.45 7.33 59.06
N LEU D 534 7.58 7.20 57.75
CA LEU D 534 6.75 7.94 56.81
C LEU D 534 5.89 6.99 55.99
N LYS D 535 4.58 7.28 55.95
CA LYS D 535 3.63 6.49 55.19
C LYS D 535 3.81 6.63 53.69
N GLU D 536 4.57 7.63 53.23
CA GLU D 536 4.78 7.88 51.81
C GLU D 536 5.69 6.85 51.15
N TYR D 537 6.23 5.89 51.90
CA TYR D 537 7.07 4.87 51.29
C TYR D 537 6.28 3.98 50.34
N VAL D 538 4.96 3.89 50.54
CA VAL D 538 4.10 3.12 49.65
C VAL D 538 4.04 3.77 48.27
N ALA D 539 4.07 5.10 48.22
CA ALA D 539 3.95 5.81 46.95
C ALA D 539 5.14 5.54 46.04
N SER D 540 6.36 5.53 46.60
CA SER D 540 7.53 5.26 45.76
C SER D 540 7.70 3.77 45.48
N MET D 541 7.06 2.91 46.28
CA MET D 541 7.18 1.48 46.07
C MET D 541 6.32 0.99 44.92
N VAL D 542 5.18 1.66 44.66
CA VAL D 542 4.33 1.22 43.56
C VAL D 542 4.84 1.77 42.23
N PHE D 543 5.61 2.86 42.24
CA PHE D 543 6.27 3.29 41.01
C PHE D 543 7.42 2.36 40.65
N SER D 544 8.09 1.80 41.65
CA SER D 544 9.13 0.81 41.39
C SER D 544 8.54 -0.51 40.90
N LEU D 545 7.33 -0.84 41.33
CA LEU D 545 6.69 -2.09 40.90
C LEU D 545 6.21 -2.02 39.47
N ALA D 546 5.61 -0.91 39.06
CA ALA D 546 5.11 -0.79 37.69
C ALA D 546 6.25 -0.65 36.69
N LEU D 547 7.30 0.06 37.05
CA LEU D 547 8.45 0.20 36.17
C LEU D 547 9.24 -1.09 36.06
N GLY D 548 9.29 -1.86 37.15
CA GLY D 548 10.00 -3.14 37.10
C GLY D 548 9.34 -4.15 36.19
N TRP D 549 8.01 -4.15 36.13
CA TRP D 549 7.31 -5.04 35.21
C TRP D 549 7.41 -4.58 33.77
N THR D 550 7.47 -3.26 33.54
CA THR D 550 7.66 -2.75 32.19
C THR D 550 9.08 -3.01 31.69
N ASN D 551 10.05 -3.09 32.59
CA ASN D 551 11.44 -3.38 32.22
C ASN D 551 11.61 -4.79 31.66
N MET D 552 10.61 -5.66 31.80
CA MET D 552 10.66 -6.99 31.22
C MET D 552 10.75 -6.96 29.70
N LEU D 553 10.34 -5.86 29.06
CA LEU D 553 10.35 -5.75 27.61
C LEU D 553 11.77 -5.68 27.04
N TYR D 554 12.78 -5.51 27.89
CA TYR D 554 14.17 -5.53 27.44
C TYR D 554 14.52 -6.86 26.80
N TYR D 555 13.93 -7.95 27.27
CA TYR D 555 14.32 -9.29 26.86
C TYR D 555 13.61 -9.76 25.58
N THR D 556 12.82 -8.91 24.93
CA THR D 556 12.28 -9.26 23.62
C THR D 556 13.38 -9.41 22.58
N ARG D 557 14.51 -8.73 22.75
CA ARG D 557 15.70 -9.09 21.99
C ARG D 557 16.17 -10.47 22.43
N GLY D 558 16.66 -11.25 21.47
CA GLY D 558 16.90 -12.65 21.69
C GLY D 558 15.86 -13.57 21.11
N PHE D 559 14.74 -13.01 20.64
CA PHE D 559 13.75 -13.73 19.86
C PHE D 559 13.49 -12.90 18.60
N GLN D 560 13.58 -13.52 17.43
CA GLN D 560 13.57 -12.77 16.18
C GLN D 560 12.24 -12.05 15.97
N GLN D 561 11.13 -12.76 16.16
CA GLN D 561 9.83 -12.15 15.85
C GLN D 561 9.38 -11.16 16.92
N MET D 562 9.69 -11.43 18.20
CA MET D 562 9.39 -10.45 19.23
C MET D 562 10.32 -9.24 19.15
N GLY D 563 11.59 -9.47 18.76
CA GLY D 563 12.53 -8.37 18.67
C GLY D 563 12.20 -7.39 17.56
N ILE D 564 11.74 -7.89 16.42
CA ILE D 564 11.34 -7.01 15.33
C ILE D 564 10.08 -6.25 15.70
N TYR D 565 9.16 -6.92 16.40
CA TYR D 565 7.95 -6.26 16.90
C TYR D 565 8.28 -5.13 17.87
N ALA D 566 9.27 -5.34 18.73
CA ALA D 566 9.67 -4.32 19.69
C ALA D 566 10.29 -3.12 19.02
N VAL D 567 11.03 -3.33 17.93
CA VAL D 567 11.65 -2.22 17.21
C VAL D 567 10.58 -1.36 16.55
N MET D 568 9.54 -1.99 16.00
CA MET D 568 8.44 -1.25 15.39
C MET D 568 7.71 -0.37 16.41
N ILE D 569 7.52 -0.89 17.63
CA ILE D 569 6.83 -0.11 18.66
C ILE D 569 7.62 1.15 18.97
N GLU D 570 8.94 1.05 19.02
CA GLU D 570 9.78 2.21 19.34
C GLU D 570 9.71 3.26 18.24
N LYS D 571 9.58 2.83 16.97
CA LYS D 571 9.48 3.77 15.87
C LYS D 571 8.21 4.61 15.94
N MET D 572 7.08 4.01 16.32
CA MET D 572 5.83 4.76 16.35
C MET D 572 5.80 5.78 17.47
N ILE D 573 6.52 5.52 18.56
CA ILE D 573 6.52 6.46 19.68
C ILE D 573 7.23 7.74 19.30
N LEU D 574 8.33 7.64 18.53
CA LEU D 574 9.10 8.81 18.14
C LEU D 574 8.69 9.38 16.79
N ARG D 575 7.68 8.83 16.14
CA ARG D 575 7.25 9.30 14.83
C ARG D 575 5.81 9.78 14.80
N ASP D 576 4.90 9.11 15.51
CA ASP D 576 3.47 9.40 15.41
C ASP D 576 2.87 9.88 16.71
N LEU D 577 3.28 9.33 17.85
CA LEU D 577 2.66 9.65 19.11
C LEU D 577 3.07 11.03 19.61
N CYS D 578 4.31 11.43 19.34
CA CYS D 578 4.77 12.73 19.82
C CYS D 578 4.08 13.87 19.09
N ARG D 579 3.90 13.74 17.77
CA ARG D 579 3.18 14.76 17.01
C ARG D 579 1.71 14.80 17.40
N PHE D 580 1.11 13.63 17.61
CA PHE D 580 -0.31 13.55 17.96
C PHE D 580 -0.57 14.23 19.30
N MET D 581 0.37 14.14 20.24
CA MET D 581 0.14 14.64 21.59
C MET D 581 0.12 16.15 21.65
N PHE D 582 0.88 16.81 20.77
CA PHE D 582 0.91 18.28 20.80
C PHE D 582 -0.42 18.85 20.34
N VAL D 583 -0.96 18.34 19.24
CA VAL D 583 -2.24 18.83 18.74
C VAL D 583 -3.37 18.44 19.68
N TYR D 584 -3.30 17.24 20.26
CA TYR D 584 -4.35 16.77 21.15
C TYR D 584 -4.44 17.61 22.41
N ILE D 585 -3.30 17.97 23.00
CA ILE D 585 -3.31 18.74 24.24
C ILE D 585 -3.79 20.17 24.00
N VAL D 586 -3.49 20.73 22.82
CA VAL D 586 -3.98 22.07 22.48
C VAL D 586 -5.50 22.08 22.45
N PHE D 587 -6.11 21.07 21.82
CA PHE D 587 -7.56 20.99 21.76
C PHE D 587 -8.16 20.73 23.13
N LEU D 588 -7.57 19.83 23.91
CA LEU D 588 -8.13 19.46 25.20
C LEU D 588 -8.08 20.63 26.18
N PHE D 589 -6.95 21.33 26.22
CA PHE D 589 -6.81 22.43 27.18
C PHE D 589 -7.60 23.67 26.73
N GLY D 590 -7.66 23.93 25.42
CA GLY D 590 -8.38 25.10 24.95
C GLY D 590 -9.87 25.01 25.16
N PHE D 591 -10.46 23.84 24.89
CA PHE D 591 -11.89 23.64 25.05
C PHE D 591 -12.31 23.43 26.49
N SER D 592 -11.38 23.02 27.37
CA SER D 592 -11.73 22.79 28.76
C SER D 592 -11.79 24.09 29.54
N THR D 593 -10.96 25.07 29.18
CA THR D 593 -11.01 26.37 29.86
C THR D 593 -12.25 27.15 29.45
N ALA D 594 -12.78 26.89 28.25
CA ALA D 594 -13.99 27.56 27.80
C ALA D 594 -15.23 26.97 28.48
N VAL D 595 -15.24 25.64 28.69
CA VAL D 595 -16.38 25.01 29.33
C VAL D 595 -16.47 25.38 30.80
N VAL D 596 -15.32 25.36 31.50
CA VAL D 596 -15.32 25.65 32.93
C VAL D 596 -15.61 27.12 33.22
N THR D 597 -15.27 28.02 32.29
CA THR D 597 -15.61 29.44 32.46
C THR D 597 -17.11 29.64 32.37
N LEU D 598 -17.79 28.84 31.54
CA LEU D 598 -19.24 28.94 31.41
C LEU D 598 -19.95 28.35 32.63
N ILE D 599 -19.38 27.31 33.23
CA ILE D 599 -20.01 26.65 34.37
C ILE D 599 -20.06 27.59 35.57
N GLU D 600 -21.18 27.57 36.27
CA GLU D 600 -21.42 28.48 37.39
C GLU D 600 -21.80 27.69 38.63
N ASP D 601 -21.17 28.02 39.76
CA ASP D 601 -21.31 27.35 41.05
C ASP D 601 -21.55 25.84 40.95
N SER D 627 -20.11 18.92 41.68
CA SER D 627 -19.55 20.22 41.32
C SER D 627 -18.40 20.05 40.33
N TYR D 628 -18.53 20.69 39.17
CA TYR D 628 -17.50 20.64 38.13
C TYR D 628 -16.87 22.00 37.89
N ASN D 629 -17.01 22.93 38.84
CA ASN D 629 -16.44 24.25 38.69
C ASN D 629 -14.97 24.24 39.07
N SER D 630 -14.23 23.32 38.48
CA SER D 630 -12.79 23.18 38.68
C SER D 630 -12.16 22.84 37.34
N LEU D 631 -10.92 23.31 37.13
CA LEU D 631 -10.24 23.00 35.88
C LEU D 631 -9.84 21.54 35.81
N TYR D 632 -9.47 20.94 36.94
CA TYR D 632 -9.09 19.53 36.96
C TYR D 632 -10.30 18.63 36.70
N SER D 633 -11.45 18.96 37.30
CA SER D 633 -12.65 18.16 37.09
C SER D 633 -13.14 18.20 35.66
N THR D 634 -13.08 19.37 35.02
CA THR D 634 -13.58 19.51 33.66
C THR D 634 -12.64 18.90 32.64
N CYS D 635 -11.33 18.93 32.92
CA CYS D 635 -10.38 18.28 32.03
C CYS D 635 -10.57 16.76 32.00
N LEU D 636 -10.92 16.17 33.15
CA LEU D 636 -11.12 14.73 33.21
C LEU D 636 -12.41 14.31 32.51
N GLU D 637 -13.45 15.15 32.58
CA GLU D 637 -14.69 14.85 31.88
C GLU D 637 -14.49 14.84 30.37
N LEU D 638 -13.69 15.78 29.85
CA LEU D 638 -13.47 15.83 28.41
C LEU D 638 -12.52 14.75 27.94
N PHE D 639 -11.63 14.28 28.81
CA PHE D 639 -10.73 13.18 28.45
C PHE D 639 -11.48 11.87 28.29
N LYS D 640 -12.63 11.71 28.94
CA LYS D 640 -13.38 10.47 28.87
C LYS D 640 -13.96 10.21 27.49
N PHE D 641 -14.15 11.26 26.69
CA PHE D 641 -14.65 11.08 25.33
C PHE D 641 -13.68 10.29 24.48
N THR D 642 -12.39 10.32 24.84
CA THR D 642 -11.38 9.65 24.04
C THR D 642 -11.41 8.14 24.23
N ILE D 643 -11.88 7.68 25.39
CA ILE D 643 -11.90 6.26 25.71
C ILE D 643 -13.32 5.69 25.62
N GLY D 644 -14.21 6.34 24.89
CA GLY D 644 -15.57 5.87 24.74
C GLY D 644 -16.42 5.91 25.98
N MET D 645 -16.31 6.96 26.79
CA MET D 645 -17.00 7.04 28.07
C MET D 645 -17.56 8.44 28.33
N GLY D 646 -17.70 9.26 27.28
CA GLY D 646 -18.09 10.64 27.46
C GLY D 646 -19.57 10.82 27.76
N ASP D 647 -19.87 11.70 28.72
CA ASP D 647 -21.23 11.82 29.23
C ASP D 647 -22.10 12.70 28.34
N LEU D 648 -21.59 13.87 27.93
CA LEU D 648 -22.26 14.80 27.04
C LEU D 648 -23.40 15.53 27.74
N GLU D 649 -23.71 15.12 28.96
CA GLU D 649 -24.67 15.81 29.82
C GLU D 649 -24.20 15.81 31.27
N PHE D 650 -22.90 15.89 31.51
CA PHE D 650 -22.37 15.61 32.84
C PHE D 650 -22.77 16.68 33.86
N THR D 651 -23.08 17.89 33.41
CA THR D 651 -23.46 18.96 34.32
C THR D 651 -24.62 19.75 33.72
N GLU D 652 -25.28 20.51 34.58
CA GLU D 652 -26.36 21.38 34.17
C GLU D 652 -26.32 22.75 34.85
N ASN D 653 -25.22 23.08 35.52
CA ASN D 653 -25.10 24.34 36.26
C ASN D 653 -24.51 25.40 35.34
N TYR D 654 -25.36 25.91 34.44
CA TYR D 654 -24.95 26.95 33.52
C TYR D 654 -26.19 27.69 33.05
N ASP D 655 -25.96 28.87 32.49
CA ASP D 655 -26.90 29.49 31.58
C ASP D 655 -26.45 29.21 30.15
N PHE D 656 -27.30 29.55 29.18
CA PHE D 656 -26.98 29.40 27.77
C PHE D 656 -26.64 27.95 27.43
N LYS D 657 -27.66 27.09 27.55
CA LYS D 657 -27.51 25.68 27.25
C LYS D 657 -27.09 25.45 25.80
N ALA D 658 -27.47 26.33 24.88
CA ALA D 658 -27.08 26.17 23.49
C ALA D 658 -25.57 26.32 23.32
N VAL D 659 -24.95 27.17 24.12
CA VAL D 659 -23.49 27.34 24.05
C VAL D 659 -22.79 26.08 24.54
N PHE D 660 -23.33 25.45 25.58
CA PHE D 660 -22.69 24.25 26.14
C PHE D 660 -22.66 23.11 25.14
N ILE D 661 -23.74 22.91 24.39
CA ILE D 661 -23.83 21.79 23.46
C ILE D 661 -22.96 22.04 22.23
N ILE D 662 -22.93 23.28 21.74
CA ILE D 662 -22.12 23.60 20.57
C ILE D 662 -20.64 23.41 20.85
N LEU D 663 -20.20 23.78 22.05
CA LEU D 663 -18.79 23.60 22.42
C LEU D 663 -18.43 22.12 22.51
N LEU D 664 -19.30 21.31 23.11
CA LEU D 664 -18.99 19.89 23.27
C LEU D 664 -19.03 19.15 21.94
N LEU D 665 -19.97 19.53 21.06
CA LEU D 665 -20.07 18.86 19.76
C LEU D 665 -18.89 19.20 18.86
N ALA D 666 -18.39 20.44 18.95
CA ALA D 666 -17.23 20.82 18.15
C ALA D 666 -15.97 20.09 18.63
N TYR D 667 -15.83 19.91 19.94
CA TYR D 667 -14.68 19.18 20.48
C TYR D 667 -14.72 17.71 20.08
N VAL D 668 -15.91 17.11 20.06
CA VAL D 668 -16.04 15.68 19.75
C VAL D 668 -15.68 15.42 18.28
N ILE D 669 -16.16 16.28 17.39
CA ILE D 669 -15.91 16.07 15.96
C ILE D 669 -14.43 16.23 15.63
N LEU D 670 -13.77 17.20 16.27
CA LEU D 670 -12.38 17.49 15.95
C LEU D 670 -11.42 16.41 16.46
N THR D 671 -11.66 15.88 17.66
CA THR D 671 -10.70 14.97 18.29
C THR D 671 -11.06 13.50 18.13
N TYR D 672 -12.35 13.16 18.14
CA TYR D 672 -12.74 11.75 18.12
C TYR D 672 -12.92 11.24 16.70
N ILE D 673 -13.76 11.92 15.91
CA ILE D 673 -14.03 11.47 14.56
C ILE D 673 -12.84 11.74 13.64
N LEU D 674 -12.11 12.82 13.88
CA LEU D 674 -11.06 13.23 12.95
C LEU D 674 -9.66 12.83 13.40
N LEU D 675 -9.23 13.31 14.57
CA LEU D 675 -7.82 13.17 14.94
C LEU D 675 -7.46 11.73 15.30
N LEU D 676 -8.36 11.04 16.02
CA LEU D 676 -8.05 9.68 16.46
C LEU D 676 -8.02 8.71 15.29
N ASN D 677 -8.91 8.89 14.32
CA ASN D 677 -8.91 8.03 13.14
C ASN D 677 -7.74 8.35 12.21
N MET D 678 -7.27 9.59 12.22
CA MET D 678 -6.06 9.94 11.47
C MET D 678 -4.82 9.24 12.00
N LEU D 679 -4.75 9.01 13.31
CA LEU D 679 -3.59 8.35 13.90
C LEU D 679 -3.45 6.92 13.39
N ILE D 680 -4.58 6.22 13.24
CA ILE D 680 -4.55 4.87 12.71
C ILE D 680 -4.06 4.87 11.26
N ALA D 681 -4.51 5.84 10.47
CA ALA D 681 -4.07 5.94 9.08
C ALA D 681 -2.60 6.28 8.97
N LEU D 682 -2.08 7.12 9.87
CA LEU D 682 -0.67 7.50 9.83
C LEU D 682 0.23 6.38 10.33
N MET D 683 -0.26 5.56 11.25
CA MET D 683 0.52 4.40 11.70
C MET D 683 0.72 3.40 10.57
N GLY D 684 -0.30 3.21 9.74
CA GLY D 684 -0.20 2.26 8.65
C GLY D 684 0.84 2.65 7.63
N GLU D 685 1.02 3.96 7.42
CA GLU D 685 2.05 4.42 6.50
C GLU D 685 3.45 4.19 7.07
N THR D 686 3.62 4.36 8.39
CA THR D 686 4.92 4.11 9.01
C THR D 686 5.31 2.64 8.93
N VAL D 687 4.36 1.74 9.18
CA VAL D 687 4.65 0.30 9.12
C VAL D 687 5.07 -0.10 7.72
N ASN D 688 4.44 0.48 6.70
CA ASN D 688 4.74 0.11 5.33
C ASN D 688 6.18 0.47 4.95
N LYS D 689 6.71 1.55 5.52
CA LYS D 689 8.03 2.02 5.09
C LYS D 689 9.16 1.36 5.86
N ILE D 690 8.92 0.95 7.10
CA ILE D 690 10.00 0.42 7.94
C ILE D 690 9.99 -1.09 8.07
N ALA D 691 9.00 -1.77 7.47
CA ALA D 691 8.86 -3.21 7.69
C ALA D 691 10.01 -4.00 7.08
N GLN D 692 10.37 -3.67 5.83
CA GLN D 692 11.42 -4.42 5.14
C GLN D 692 12.78 -4.22 5.78
N GLU D 693 12.93 -3.14 6.57
CA GLU D 693 14.23 -2.76 7.11
C GLU D 693 14.42 -3.19 8.56
N SER D 694 13.33 -3.35 9.32
CA SER D 694 13.43 -3.52 10.77
C SER D 694 14.19 -4.76 11.20
N LYS D 695 14.35 -5.74 10.31
CA LYS D 695 15.14 -6.93 10.66
C LYS D 695 16.60 -6.61 10.91
N ASN D 696 17.11 -5.51 10.36
CA ASN D 696 18.51 -5.15 10.54
C ASN D 696 18.76 -4.32 11.79
N ILE D 697 17.76 -3.56 12.26
CA ILE D 697 17.90 -2.84 13.52
C ILE D 697 17.92 -3.82 14.68
N TRP D 698 17.11 -4.88 14.60
CA TRP D 698 17.10 -5.90 15.66
C TRP D 698 18.46 -6.57 15.78
N LYS D 699 19.11 -6.84 14.65
CA LYS D 699 20.42 -7.49 14.67
C LYS D 699 21.49 -6.58 15.26
N LEU D 700 21.37 -5.28 15.06
CA LEU D 700 22.26 -4.33 15.73
C LEU D 700 22.06 -4.34 17.23
N GLN D 701 20.79 -4.39 17.68
CA GLN D 701 20.51 -4.43 19.11
C GLN D 701 21.07 -5.70 19.76
N ARG D 702 20.96 -6.84 19.07
CA ARG D 702 21.47 -8.08 19.63
C ARG D 702 23.00 -8.13 19.60
N ALA D 703 23.61 -7.45 18.64
CA ALA D 703 25.08 -7.41 18.58
C ALA D 703 25.66 -6.69 19.79
N ILE D 704 24.98 -5.64 20.27
CA ILE D 704 25.43 -4.94 21.47
C ILE D 704 25.31 -5.85 22.69
N THR D 705 24.25 -6.66 22.74
CA THR D 705 24.09 -7.62 23.82
C THR D 705 25.21 -8.65 23.83
N ILE D 706 25.60 -9.14 22.64
CA ILE D 706 26.67 -10.13 22.54
C ILE D 706 27.98 -9.54 23.02
N LEU D 707 28.26 -8.28 22.66
CA LEU D 707 29.51 -7.65 23.06
C LEU D 707 29.56 -7.40 24.56
N ASP D 708 28.44 -7.00 25.16
CA ASP D 708 28.43 -6.70 26.59
C ASP D 708 28.60 -7.96 27.42
N THR D 709 27.97 -9.07 27.00
CA THR D 709 28.08 -10.31 27.75
C THR D 709 29.52 -10.80 27.80
N GLU D 710 30.25 -10.67 26.68
CA GLU D 710 31.63 -11.16 26.63
C GLU D 710 32.52 -10.41 27.60
N LYS D 711 32.38 -9.09 27.66
CA LYS D 711 33.23 -8.29 28.54
C LYS D 711 32.93 -8.55 30.01
N SER D 712 31.66 -8.75 30.36
CA SER D 712 31.28 -8.82 31.76
C SER D 712 31.49 -10.21 32.33
N PHE D 713 30.89 -11.24 31.72
CA PHE D 713 30.86 -12.56 32.32
C PHE D 713 32.24 -13.16 32.50
N LEU D 714 32.94 -13.45 31.40
CA LEU D 714 34.23 -14.12 31.49
C LEU D 714 35.25 -13.24 32.19
N LYS D 715 35.65 -12.14 31.55
CA LYS D 715 36.42 -11.03 32.11
C LYS D 715 37.73 -11.46 32.77
N CYS D 716 38.11 -12.72 32.64
CA CYS D 716 39.35 -13.13 33.30
C CYS D 716 40.30 -13.88 32.37
N MET D 717 39.79 -14.72 31.48
CA MET D 717 40.67 -15.41 30.55
C MET D 717 40.48 -14.96 29.11
N ARG D 718 39.24 -14.79 28.67
CA ARG D 718 38.93 -14.49 27.27
C ARG D 718 39.57 -15.49 26.32
N LYS D 719 39.49 -16.76 26.70
CA LYS D 719 40.07 -17.86 25.94
C LYS D 719 39.05 -18.91 25.53
N ALA D 720 38.06 -19.19 26.38
CA ALA D 720 37.04 -20.18 26.07
C ALA D 720 36.06 -19.71 25.00
N PHE D 721 36.03 -18.42 24.70
CA PHE D 721 35.07 -17.87 23.74
C PHE D 721 35.71 -17.45 22.44
N ARG D 722 37.04 -17.58 22.30
CA ARG D 722 37.72 -17.11 21.11
C ARG D 722 37.18 -17.82 19.87
N SER D 723 36.89 -17.05 18.83
CA SER D 723 36.33 -17.59 17.61
C SER D 723 37.44 -17.98 16.63
N GLY D 724 37.12 -18.94 15.77
CA GLY D 724 38.10 -19.41 14.80
C GLY D 724 39.17 -20.26 15.47
N LYS D 725 40.26 -20.47 14.74
CA LYS D 725 41.36 -21.29 15.21
C LYS D 725 42.61 -20.92 14.42
N LEU D 726 43.78 -21.19 15.01
CA LEU D 726 45.03 -20.97 14.31
C LEU D 726 45.16 -21.97 13.16
N LEU D 727 45.45 -21.47 11.96
CA LEU D 727 45.55 -22.31 10.78
C LEU D 727 46.59 -21.74 9.84
N GLN D 728 47.22 -22.63 9.07
CA GLN D 728 48.25 -22.22 8.13
C GLN D 728 47.61 -21.75 6.83
N VAL D 729 48.01 -20.57 6.35
CA VAL D 729 47.45 -20.00 5.15
C VAL D 729 48.47 -19.81 4.03
N GLY D 730 49.70 -19.40 4.36
CA GLY D 730 50.69 -19.15 3.33
C GLY D 730 52.09 -18.92 3.87
N TYR D 731 52.83 -18.01 3.24
CA TYR D 731 54.20 -17.71 3.63
C TYR D 731 54.41 -16.20 3.68
N THR D 732 55.21 -15.77 4.65
CA THR D 732 55.61 -14.37 4.71
C THR D 732 56.49 -14.06 3.50
N PRO D 733 56.42 -12.83 2.95
CA PRO D 733 57.34 -12.48 1.85
C PRO D 733 58.81 -12.63 2.24
N ASP D 734 59.15 -12.39 3.51
CA ASP D 734 60.49 -12.71 3.99
C ASP D 734 60.77 -14.20 3.89
N GLY D 735 59.79 -15.03 4.24
CA GLY D 735 59.94 -16.47 4.15
C GLY D 735 59.38 -17.20 5.36
N LYS D 736 59.00 -16.45 6.39
CA LYS D 736 58.48 -17.05 7.61
C LYS D 736 57.06 -17.57 7.39
N ASP D 737 56.61 -18.40 8.33
CA ASP D 737 55.24 -18.88 8.35
C ASP D 737 54.36 -17.88 9.11
N ASP D 738 53.26 -17.47 8.49
CA ASP D 738 52.32 -16.56 9.10
C ASP D 738 51.09 -17.31 9.58
N TYR D 739 50.75 -17.15 10.86
CA TYR D 739 49.62 -17.84 11.48
C TYR D 739 48.56 -16.82 11.84
N ARG D 740 47.34 -17.05 11.36
CA ARG D 740 46.21 -16.15 11.59
C ARG D 740 45.01 -16.94 12.10
N TRP D 741 44.25 -16.32 13.00
CA TRP D 741 43.00 -16.91 13.50
C TRP D 741 41.95 -16.82 12.40
N CYS D 742 41.68 -17.93 11.73
CA CYS D 742 40.82 -17.94 10.56
C CYS D 742 39.43 -18.44 10.91
N PHE D 743 38.44 -17.93 10.17
CA PHE D 743 37.05 -18.32 10.31
C PHE D 743 36.59 -18.96 9.01
N ARG D 744 36.19 -20.23 9.07
CA ARG D 744 35.82 -20.98 7.88
C ARG D 744 34.41 -20.63 7.45
N VAL D 745 34.23 -20.37 6.16
CA VAL D 745 32.93 -20.07 5.57
C VAL D 745 32.77 -20.92 4.31
N ASP D 746 31.58 -21.50 4.15
CA ASP D 746 31.29 -22.39 3.03
C ASP D 746 30.26 -21.73 2.11
N GLU D 747 30.47 -21.83 0.81
CA GLU D 747 29.55 -21.30 -0.19
C GLU D 747 29.39 -22.28 -1.33
N VAL D 748 28.25 -22.19 -2.01
CA VAL D 748 27.91 -23.07 -3.13
C VAL D 748 27.57 -22.20 -4.34
N ASN D 749 28.14 -22.53 -5.49
CA ASN D 749 27.87 -21.83 -6.75
C ASN D 749 27.68 -22.86 -7.85
N TRP D 750 26.43 -23.07 -8.25
CA TRP D 750 26.13 -23.93 -9.39
C TRP D 750 26.41 -23.26 -10.73
N THR D 751 26.39 -21.92 -10.77
CA THR D 751 26.72 -21.16 -11.95
C THR D 751 28.21 -20.81 -11.93
N THR D 752 28.72 -20.41 -13.10
CA THR D 752 30.14 -20.10 -13.28
C THR D 752 31.00 -21.30 -12.89
N TRP D 753 30.84 -22.38 -13.64
CA TRP D 753 31.61 -23.60 -13.40
C TRP D 753 33.10 -23.35 -13.63
#